data_7YQD
#
_entry.id   7YQD
#
_cell.length_a   1.00
_cell.length_b   1.00
_cell.length_c   1.00
_cell.angle_alpha   90.00
_cell.angle_beta   90.00
_cell.angle_gamma   90.00
#
_symmetry.space_group_name_H-M   'P 1'
#
_entity_poly.entity_id   1
_entity_poly.type   'polypeptide(L)'
_entity_poly.pdbx_seq_one_letter_code
;MASLLKVDQEVKLKVDSFRERITSEAEDLVANFFPKKLLELDSFLKEPILNIHDLTQIHSDMNLPVPDPILLTNSHDGLD
GPTYKKRRLDECEEAFQGTKVFVMPNGMLKSNQQLVDIIEKVKPEIRLLIEKCNTVKMWVQLLIPRIEDGNNFGVSIQEE
TVAELRTVESEAASYLDQISRYYITRAKLVSKIAKYPHVEDYRRTVTEIDEKEYISLRLIISELRNQYVTLHDMILKNIE
KIKRPRSSNAETLY
;
_entity_poly.pdbx_strand_id   A,B,C,D,E,F,G
#
# COMPACT_ATOMS: atom_id res chain seq x y z
N LEU A 4 38.58 24.44 18.76
CA LEU A 4 37.66 23.84 17.76
C LEU A 4 36.22 24.18 18.13
N LEU A 5 35.61 23.39 19.01
CA LEU A 5 34.19 23.62 19.41
C LEU A 5 34.15 24.19 20.82
N LYS A 6 33.62 25.41 20.97
CA LYS A 6 33.47 26.06 22.31
C LYS A 6 32.25 26.98 22.25
N VAL A 7 31.65 27.30 23.39
CA VAL A 7 30.40 28.13 23.36
C VAL A 7 30.63 29.42 24.15
N ASP A 8 30.06 30.53 23.65
CA ASP A 8 30.17 31.81 24.40
C ASP A 8 29.49 31.61 25.75
N GLN A 9 30.13 32.08 26.83
CA GLN A 9 29.57 31.85 28.19
C GLN A 9 28.20 32.53 28.28
N GLU A 10 28.07 33.75 27.74
CA GLU A 10 26.79 34.49 27.88
C GLU A 10 25.68 33.71 27.21
N VAL A 11 25.92 33.21 26.00
CA VAL A 11 24.88 32.42 25.26
C VAL A 11 24.59 31.15 26.06
N LYS A 12 25.64 30.50 26.58
CA LYS A 12 25.43 29.21 27.29
C LYS A 12 24.56 29.45 28.53
N LEU A 13 24.81 30.55 29.25
CA LEU A 13 24.03 30.84 30.49
C LEU A 13 22.55 30.97 30.13
N LYS A 14 22.24 31.70 29.07
CA LYS A 14 20.82 31.92 28.67
C LYS A 14 20.19 30.58 28.30
N VAL A 15 20.93 29.72 27.60
CA VAL A 15 20.41 28.36 27.23
C VAL A 15 20.13 27.58 28.50
N ASP A 16 21.00 27.68 29.50
CA ASP A 16 20.82 26.89 30.75
C ASP A 16 19.51 27.30 31.42
N SER A 17 19.18 28.59 31.39
CA SER A 17 17.88 29.05 31.94
C SER A 17 16.72 28.40 31.18
N PHE A 18 16.85 28.25 29.86
CA PHE A 18 15.77 27.55 29.10
C PHE A 18 15.63 26.12 29.62
N ARG A 19 16.75 25.45 29.88
CA ARG A 19 16.68 24.05 30.33
C ARG A 19 15.97 24.00 31.69
N GLU A 20 16.29 24.94 32.58
CA GLU A 20 15.66 24.95 33.93
C GLU A 20 14.16 25.22 33.79
N ARG A 21 13.78 26.16 32.91
CA ARG A 21 12.36 26.52 32.78
C ARG A 21 11.57 25.30 32.30
N ILE A 22 12.09 24.58 31.30
CA ILE A 22 11.33 23.42 30.74
C ILE A 22 11.18 22.39 31.86
N THR A 23 12.23 22.17 32.64
CA THR A 23 12.17 21.13 33.69
C THR A 23 11.09 21.48 34.71
N SER A 24 11.03 22.75 35.12
CA SER A 24 10.05 23.16 36.17
C SER A 24 8.63 22.97 35.63
N GLU A 25 8.39 23.35 34.38
CA GLU A 25 7.02 23.24 33.82
C GLU A 25 6.62 21.77 33.77
N ALA A 26 7.54 20.90 33.36
CA ALA A 26 7.22 19.46 33.23
C ALA A 26 6.88 18.86 34.59
N GLU A 27 7.68 19.18 35.62
CA GLU A 27 7.45 18.53 36.93
C GLU A 27 6.06 18.93 37.44
N ASP A 28 5.73 20.22 37.33
CA ASP A 28 4.39 20.70 37.77
C ASP A 28 3.31 20.05 36.91
N LEU A 29 3.54 19.93 35.60
CA LEU A 29 2.45 19.40 34.73
C LEU A 29 2.14 17.95 35.13
N VAL A 30 3.16 17.11 35.30
CA VAL A 30 2.91 15.67 35.61
C VAL A 30 2.31 15.56 37.01
N ALA A 31 2.90 16.26 37.98
CA ALA A 31 2.43 16.15 39.38
C ALA A 31 1.05 16.78 39.60
N ASN A 32 0.78 17.95 38.99
CA ASN A 32 -0.50 18.63 39.30
C ASN A 32 -1.46 18.68 38.10
N PHE A 33 -1.03 19.14 36.93
CA PHE A 33 -2.01 19.32 35.82
C PHE A 33 -2.62 17.98 35.39
N PHE A 34 -1.81 16.95 35.18
CA PHE A 34 -2.38 15.66 34.68
C PHE A 34 -3.45 15.14 35.65
N PRO A 35 -3.21 15.02 36.97
CA PRO A 35 -4.25 14.56 37.88
C PRO A 35 -5.49 15.47 37.87
N LYS A 36 -5.31 16.79 37.80
CA LYS A 36 -6.48 17.69 37.86
C LYS A 36 -7.40 17.40 36.69
N LYS A 37 -6.82 17.21 35.49
CA LYS A 37 -7.64 16.99 34.27
C LYS A 37 -8.44 15.69 34.37
N LEU A 38 -7.85 14.65 34.97
CA LEU A 38 -8.54 13.33 35.02
C LEU A 38 -9.86 13.54 35.76
N LEU A 39 -9.82 14.28 36.87
CA LEU A 39 -11.06 14.54 37.63
C LEU A 39 -12.05 15.33 36.78
N GLU A 40 -11.57 16.35 36.06
CA GLU A 40 -12.50 17.21 35.29
C GLU A 40 -13.19 16.38 34.20
N LEU A 41 -12.44 15.56 33.46
CA LEU A 41 -13.01 14.78 32.33
C LEU A 41 -14.01 13.73 32.86
N ASP A 42 -13.71 13.11 34.01
CA ASP A 42 -14.60 12.05 34.54
C ASP A 42 -15.98 12.66 34.82
N SER A 43 -16.00 13.86 35.39
CA SER A 43 -17.27 14.56 35.66
C SER A 43 -17.98 14.86 34.33
N PHE A 44 -17.22 15.23 33.30
CA PHE A 44 -17.83 15.60 31.99
C PHE A 44 -18.58 14.40 31.41
N LEU A 45 -18.01 13.20 31.55
CA LEU A 45 -18.67 11.98 31.03
C LEU A 45 -19.99 11.78 31.77
N LYS A 46 -20.01 12.04 33.08
CA LYS A 46 -21.24 11.83 33.90
C LYS A 46 -22.35 12.79 33.46
N GLU A 47 -21.99 13.95 32.89
CA GLU A 47 -23.02 14.97 32.54
C GLU A 47 -24.05 14.38 31.57
N PRO A 48 -25.32 14.82 31.61
CA PRO A 48 -26.38 14.22 30.79
C PRO A 48 -26.22 14.27 29.26
N ILE A 49 -25.64 15.34 28.72
CA ILE A 49 -25.56 15.49 27.23
C ILE A 49 -24.78 14.32 26.63
N LEU A 50 -23.73 13.83 27.30
CA LEU A 50 -22.88 12.75 26.71
C LEU A 50 -23.47 11.38 27.06
N ASN A 51 -24.58 11.30 27.79
CA ASN A 51 -25.11 9.98 28.23
C ASN A 51 -26.49 9.68 27.64
N ILE A 52 -26.87 10.26 26.51
CA ILE A 52 -28.26 10.06 25.99
C ILE A 52 -28.51 8.57 25.78
N HIS A 53 -29.60 8.03 26.35
CA HIS A 53 -29.94 6.58 26.24
C HIS A 53 -30.37 6.19 24.83
N ASP A 54 -31.25 6.96 24.19
CA ASP A 54 -31.76 6.59 22.85
C ASP A 54 -31.19 7.55 21.81
N LEU A 55 -30.69 7.05 20.68
CA LEU A 55 -30.02 7.93 19.69
C LEU A 55 -31.05 8.56 18.75
N THR A 56 -32.33 8.25 18.94
CA THR A 56 -33.39 8.91 18.11
C THR A 56 -33.38 10.42 18.40
N GLN A 57 -33.15 10.82 19.64
CA GLN A 57 -33.20 12.26 20.03
C GLN A 57 -32.14 13.07 19.28
N ILE A 58 -30.92 12.54 19.13
CA ILE A 58 -29.82 13.34 18.50
C ILE A 58 -30.19 13.64 17.04
N HIS A 59 -31.04 12.83 16.42
CA HIS A 59 -31.38 13.02 14.99
C HIS A 59 -32.00 14.40 14.76
N SER A 60 -31.65 15.04 13.65
CA SER A 60 -32.18 16.38 13.30
C SER A 60 -33.23 16.27 12.20
N ASP A 61 -34.14 17.24 12.08
CA ASP A 61 -35.24 17.16 11.09
C ASP A 61 -34.98 18.11 9.92
N MET A 62 -35.11 17.62 8.68
CA MET A 62 -34.89 18.45 7.46
C MET A 62 -36.05 18.25 6.50
N ASN A 63 -36.29 19.21 5.60
CA ASN A 63 -37.40 19.10 4.60
C ASN A 63 -36.98 18.12 3.49
N MET A 108 -31.46 19.94 3.90
CA MET A 108 -30.51 20.55 2.93
C MET A 108 -29.88 21.79 3.55
N LEU A 109 -30.16 22.04 4.83
CA LEU A 109 -29.66 23.31 5.41
C LEU A 109 -28.99 23.10 6.77
N LYS A 110 -29.76 23.16 7.86
CA LYS A 110 -29.15 23.17 9.22
C LYS A 110 -28.30 21.94 9.54
N SER A 111 -27.17 22.16 10.20
CA SER A 111 -26.34 21.02 10.67
C SER A 111 -26.97 20.49 11.95
N ASN A 112 -26.47 19.40 12.53
CA ASN A 112 -27.17 18.89 13.73
C ASN A 112 -26.69 19.76 14.90
N GLN A 113 -27.57 20.58 15.45
CA GLN A 113 -27.14 21.54 16.50
C GLN A 113 -26.63 20.81 17.75
N GLN A 114 -27.30 19.73 18.15
CA GLN A 114 -26.90 19.07 19.41
C GLN A 114 -25.47 18.53 19.26
N LEU A 115 -25.17 17.92 18.12
CA LEU A 115 -23.82 17.37 17.89
C LEU A 115 -22.78 18.49 17.84
N VAL A 116 -23.11 19.63 17.21
CA VAL A 116 -22.11 20.72 17.06
C VAL A 116 -21.70 21.22 18.45
N ASP A 117 -22.67 21.35 19.36
CA ASP A 117 -22.35 21.88 20.71
C ASP A 117 -21.40 20.92 21.43
N ILE A 118 -21.63 19.61 21.31
CA ILE A 118 -20.75 18.61 21.98
C ILE A 118 -19.34 18.74 21.41
N ILE A 119 -19.21 18.93 20.09
CA ILE A 119 -17.88 19.00 19.43
C ILE A 119 -17.13 20.20 19.98
N GLU A 120 -17.81 21.33 20.17
CA GLU A 120 -17.12 22.57 20.62
C GLU A 120 -16.50 22.36 22.00
N LYS A 121 -17.16 21.64 22.90
CA LYS A 121 -16.57 21.33 24.23
C LYS A 121 -15.37 20.40 24.09
N VAL A 122 -15.46 19.40 23.21
CA VAL A 122 -14.37 18.38 23.05
C VAL A 122 -13.10 18.99 22.47
N LYS A 123 -13.21 19.93 21.52
CA LYS A 123 -11.99 20.43 20.81
C LYS A 123 -10.95 21.06 21.74
N PRO A 124 -11.27 21.92 22.74
CA PRO A 124 -10.23 22.50 23.56
C PRO A 124 -9.44 21.43 24.32
N GLU A 125 -10.12 20.39 24.81
CA GLU A 125 -9.42 19.36 25.61
C GLU A 125 -8.37 18.65 24.77
N ILE A 126 -8.70 18.32 23.51
CA ILE A 126 -7.74 17.61 22.62
C ILE A 126 -6.53 18.52 22.40
N ARG A 127 -6.77 19.82 22.20
CA ARG A 127 -5.69 20.79 21.95
C ARG A 127 -4.77 20.84 23.18
N LEU A 128 -5.34 20.83 24.38
CA LEU A 128 -4.51 20.95 25.60
C LEU A 128 -3.57 19.75 25.69
N LEU A 129 -4.05 18.54 25.38
CA LEU A 129 -3.16 17.36 25.55
C LEU A 129 -1.97 17.54 24.60
N ILE A 130 -2.22 18.01 23.38
CA ILE A 130 -1.11 18.11 22.38
C ILE A 130 -0.08 19.09 22.92
N GLU A 131 -0.50 20.26 23.41
CA GLU A 131 0.48 21.28 23.85
C GLU A 131 1.24 20.81 25.09
N LYS A 132 0.53 20.24 26.07
CA LYS A 132 1.18 19.80 27.33
C LYS A 132 2.14 18.64 27.06
N CYS A 133 1.74 17.70 26.20
CA CYS A 133 2.58 16.51 25.96
C CYS A 133 3.92 16.94 25.35
N ASN A 134 3.91 17.94 24.48
CA ASN A 134 5.17 18.33 23.79
C ASN A 134 6.18 18.78 24.87
N THR A 135 5.73 19.57 25.85
CA THR A 135 6.67 20.10 26.87
C THR A 135 7.26 18.95 27.67
N VAL A 136 6.42 18.00 28.07
CA VAL A 136 6.90 16.85 28.90
C VAL A 136 7.90 16.03 28.09
N LYS A 137 7.64 15.84 26.79
CA LYS A 137 8.53 14.97 25.97
C LYS A 137 9.93 15.58 25.95
N MET A 138 10.02 16.90 25.82
CA MET A 138 11.35 17.57 25.73
C MET A 138 12.10 17.36 27.05
N TRP A 139 11.39 17.42 28.17
CA TRP A 139 12.05 17.22 29.49
C TRP A 139 12.67 15.81 29.52
N VAL A 140 11.95 14.81 29.03
CA VAL A 140 12.46 13.41 29.08
C VAL A 140 13.72 13.32 28.23
N GLN A 141 13.70 13.95 27.04
CA GLN A 141 14.87 13.91 26.13
C GLN A 141 16.06 14.61 26.79
N LEU A 142 15.82 15.75 27.43
CA LEU A 142 16.91 16.55 28.05
C LEU A 142 17.57 15.76 29.18
N LEU A 143 16.79 14.98 29.94
CA LEU A 143 17.36 14.28 31.13
C LEU A 143 18.53 13.41 30.71
N ILE A 144 19.62 13.44 31.48
CA ILE A 144 20.85 12.67 31.12
C ILE A 144 20.92 11.40 31.99
N PRO A 145 20.93 10.15 31.47
CA PRO A 145 21.05 8.97 32.32
C PRO A 145 22.51 8.50 32.38
N PHE A 153 20.99 0.22 30.64
CA PHE A 153 19.61 -0.05 31.13
C PHE A 153 18.83 1.26 31.21
N GLY A 154 19.39 2.27 31.89
CA GLY A 154 18.68 3.54 32.07
C GLY A 154 18.36 4.19 30.73
N VAL A 155 19.31 4.12 29.79
CA VAL A 155 19.12 4.76 28.46
C VAL A 155 17.92 4.11 27.76
N SER A 156 17.79 2.79 27.85
CA SER A 156 16.69 2.08 27.16
C SER A 156 15.35 2.55 27.74
N ILE A 157 15.28 2.71 29.06
CA ILE A 157 14.00 3.11 29.71
C ILE A 157 13.61 4.48 29.18
N GLN A 158 14.59 5.38 29.04
CA GLN A 158 14.28 6.75 28.59
C GLN A 158 13.69 6.70 27.18
N GLU A 159 14.27 5.85 26.31
CA GLU A 159 13.80 5.78 24.90
C GLU A 159 12.36 5.29 24.86
N GLU A 160 12.01 4.34 25.73
CA GLU A 160 10.63 3.80 25.76
C GLU A 160 9.67 4.93 26.12
N THR A 161 10.04 5.76 27.10
CA THR A 161 9.13 6.84 27.56
C THR A 161 8.88 7.83 26.42
N VAL A 162 9.94 8.21 25.69
CA VAL A 162 9.80 9.21 24.58
C VAL A 162 8.88 8.62 23.51
N ALA A 163 9.05 7.34 23.19
CA ALA A 163 8.22 6.69 22.15
C ALA A 163 6.77 6.68 22.59
N GLU A 164 6.52 6.38 23.87
CA GLU A 164 5.13 6.32 24.39
C GLU A 164 4.51 7.72 24.32
N LEU A 165 5.26 8.74 24.72
CA LEU A 165 4.74 10.13 24.69
C LEU A 165 4.47 10.51 23.23
N ARG A 166 5.35 10.10 22.32
CA ARG A 166 5.20 10.46 20.89
C ARG A 166 3.90 9.86 20.35
N THR A 167 3.59 8.62 20.72
CA THR A 167 2.38 7.94 20.22
C THR A 167 1.13 8.70 20.69
N VAL A 168 1.13 9.15 21.94
CA VAL A 168 -0.07 9.86 22.49
C VAL A 168 -0.27 11.13 21.67
N GLU A 169 0.83 11.82 21.33
CA GLU A 169 0.72 13.09 20.57
C GLU A 169 0.10 12.81 19.19
N SER A 170 0.57 11.76 18.50
CA SER A 170 0.06 11.44 17.15
C SER A 170 -1.42 11.06 17.19
N GLU A 171 -1.83 10.28 18.20
CA GLU A 171 -3.24 9.84 18.31
C GLU A 171 -4.12 11.07 18.49
N ALA A 172 -3.66 12.04 19.27
CA ALA A 172 -4.46 13.26 19.55
C ALA A 172 -4.75 13.99 18.25
N ALA A 173 -3.75 14.06 17.37
CA ALA A 173 -3.93 14.72 16.06
C ALA A 173 -5.00 13.97 15.26
N SER A 174 -5.03 12.64 15.38
CA SER A 174 -6.04 11.83 14.66
C SER A 174 -7.44 12.24 15.11
N TYR A 175 -7.60 12.50 16.41
CA TYR A 175 -8.94 12.86 16.93
C TYR A 175 -9.39 14.18 16.28
N LEU A 176 -8.48 15.14 16.18
CA LEU A 176 -8.82 16.46 15.58
C LEU A 176 -9.20 16.24 14.11
N ASP A 177 -8.46 15.35 13.43
CA ASP A 177 -8.74 15.07 12.00
C ASP A 177 -10.12 14.44 11.84
N GLN A 178 -10.53 13.50 12.71
CA GLN A 178 -11.82 12.79 12.50
C GLN A 178 -12.99 13.78 12.63
N ILE A 179 -12.90 14.73 13.55
CA ILE A 179 -13.98 15.75 13.70
C ILE A 179 -14.09 16.51 12.37
N SER A 180 -12.95 16.84 11.76
CA SER A 180 -12.95 17.56 10.46
C SER A 180 -13.58 16.68 9.37
N ARG A 181 -13.24 15.39 9.34
CA ARG A 181 -13.74 14.49 8.26
C ARG A 181 -15.27 14.41 8.34
N TYR A 182 -15.84 14.40 9.55
CA TYR A 182 -17.30 14.25 9.68
C TYR A 182 -17.97 15.41 8.96
N TYR A 183 -17.43 16.62 9.15
CA TYR A 183 -18.11 17.78 8.54
C TYR A 183 -18.10 17.65 7.01
N ILE A 184 -16.97 17.28 6.41
CA ILE A 184 -16.91 17.20 4.92
C ILE A 184 -17.83 16.09 4.43
N THR A 185 -17.81 14.92 5.10
CA THR A 185 -18.63 13.76 4.65
C THR A 185 -20.12 14.08 4.77
N ARG A 186 -20.53 14.70 5.87
CA ARG A 186 -21.96 15.01 6.06
C ARG A 186 -22.36 15.99 4.96
N ALA A 187 -21.47 16.92 4.63
CA ALA A 187 -21.80 17.94 3.63
C ALA A 187 -22.05 17.27 2.29
N LYS A 188 -21.20 16.32 1.90
CA LYS A 188 -21.34 15.70 0.56
C LYS A 188 -22.69 14.98 0.50
N LEU A 189 -23.02 14.23 1.55
CA LEU A 189 -24.29 13.46 1.58
C LEU A 189 -25.49 14.43 1.58
N VAL A 190 -25.41 15.52 2.34
CA VAL A 190 -26.53 16.51 2.37
C VAL A 190 -26.66 17.13 0.98
N SER A 191 -25.54 17.38 0.31
CA SER A 191 -25.60 17.92 -1.07
C SER A 191 -26.28 16.91 -1.99
N LYS A 192 -25.98 15.62 -1.79
CA LYS A 192 -26.56 14.55 -2.65
C LYS A 192 -28.07 14.53 -2.48
N ILE A 193 -28.58 14.75 -1.26
CA ILE A 193 -30.04 14.61 -1.04
C ILE A 193 -30.74 15.60 -1.98
N ALA A 194 -30.22 16.82 -2.10
CA ALA A 194 -30.93 17.82 -2.92
C ALA A 194 -30.94 17.39 -4.40
N LYS A 195 -29.81 16.90 -4.92
CA LYS A 195 -29.73 16.53 -6.36
C LYS A 195 -30.68 15.38 -6.66
N TYR A 196 -30.75 14.38 -5.77
CA TYR A 196 -31.62 13.21 -6.00
C TYR A 196 -32.59 13.09 -4.81
N PRO A 197 -33.72 13.81 -4.81
CA PRO A 197 -34.62 13.81 -3.67
C PRO A 197 -35.28 12.46 -3.38
N HIS A 198 -35.69 11.73 -4.41
CA HIS A 198 -36.46 10.47 -4.22
C HIS A 198 -35.70 9.38 -3.47
N VAL A 199 -34.41 9.20 -3.70
CA VAL A 199 -33.73 8.04 -3.05
C VAL A 199 -33.81 8.19 -1.53
N GLU A 200 -34.45 7.23 -0.86
CA GLU A 200 -34.59 7.28 0.62
C GLU A 200 -33.25 7.00 1.29
N ASP A 201 -32.42 6.16 0.68
CA ASP A 201 -31.17 5.75 1.36
C ASP A 201 -30.28 6.95 1.65
N TYR A 202 -30.24 7.93 0.75
CA TYR A 202 -29.40 9.13 0.98
C TYR A 202 -29.89 9.83 2.25
N ARG A 203 -31.20 9.92 2.45
CA ARG A 203 -31.74 10.52 3.70
C ARG A 203 -31.30 9.65 4.88
N ARG A 204 -31.35 8.33 4.72
CA ARG A 204 -30.97 7.39 5.82
C ARG A 204 -29.49 7.55 6.17
N THR A 205 -28.62 7.72 5.17
CA THR A 205 -27.17 7.78 5.49
C THR A 205 -26.86 8.98 6.39
N VAL A 206 -27.49 10.13 6.14
CA VAL A 206 -27.16 11.35 6.94
C VAL A 206 -27.56 11.10 8.40
N THR A 207 -28.68 10.43 8.66
CA THR A 207 -29.05 10.10 10.06
C THR A 207 -27.99 9.18 10.67
N GLU A 208 -27.51 8.20 9.90
CA GLU A 208 -26.50 7.24 10.42
C GLU A 208 -25.20 7.96 10.78
N ILE A 209 -24.76 8.92 9.95
CA ILE A 209 -23.47 9.63 10.20
C ILE A 209 -23.59 10.43 11.51
N ASP A 210 -24.75 11.04 11.77
CA ASP A 210 -24.93 11.76 13.05
C ASP A 210 -24.81 10.78 14.22
N GLU A 211 -25.45 9.61 14.16
CA GLU A 211 -25.42 8.68 15.31
C GLU A 211 -23.99 8.16 15.52
N LYS A 212 -23.27 7.86 14.43
CA LYS A 212 -21.90 7.29 14.57
C LYS A 212 -21.01 8.32 15.27
N GLU A 213 -21.17 9.60 14.93
CA GLU A 213 -20.32 10.65 15.52
C GLU A 213 -20.56 10.69 17.04
N TYR A 214 -21.81 10.53 17.48
CA TYR A 214 -22.10 10.67 18.92
C TYR A 214 -21.33 9.60 19.71
N ILE A 215 -21.36 8.35 19.24
CA ILE A 215 -20.61 7.26 19.92
C ILE A 215 -19.13 7.58 19.86
N SER A 216 -18.65 8.08 18.72
CA SER A 216 -17.21 8.40 18.55
C SER A 216 -16.75 9.52 19.50
N LEU A 217 -17.53 10.58 19.65
CA LEU A 217 -17.08 11.72 20.50
C LEU A 217 -16.94 11.26 21.94
N ARG A 218 -17.88 10.45 22.43
CA ARG A 218 -17.82 9.92 23.82
C ARG A 218 -16.56 9.05 23.96
N LEU A 219 -16.24 8.28 22.93
CA LEU A 219 -15.02 7.44 22.96
C LEU A 219 -13.77 8.33 23.08
N ILE A 220 -13.75 9.47 22.37
CA ILE A 220 -12.58 10.40 22.46
C ILE A 220 -12.45 10.91 23.89
N ILE A 221 -13.55 11.34 24.53
CA ILE A 221 -13.42 11.94 25.89
C ILE A 221 -12.93 10.86 26.86
N SER A 222 -13.48 9.65 26.75
CA SER A 222 -13.05 8.54 27.65
C SER A 222 -11.58 8.22 27.38
N GLU A 223 -11.17 8.18 26.12
CA GLU A 223 -9.78 7.84 25.76
C GLU A 223 -8.81 8.91 26.29
N LEU A 224 -9.17 10.19 26.19
CA LEU A 224 -8.28 11.26 26.73
C LEU A 224 -8.13 11.08 28.25
N ARG A 225 -9.22 10.76 28.94
CA ARG A 225 -9.17 10.52 30.42
C ARG A 225 -8.25 9.33 30.67
N ASN A 226 -8.34 8.30 29.84
CA ASN A 226 -7.47 7.11 29.98
C ASN A 226 -6.01 7.53 29.82
N GLN A 227 -5.72 8.39 28.85
CA GLN A 227 -4.32 8.78 28.60
C GLN A 227 -3.76 9.49 29.83
N TYR A 228 -4.55 10.36 30.46
CA TYR A 228 -3.97 11.15 31.58
C TYR A 228 -3.54 10.23 32.71
N VAL A 229 -4.40 9.28 33.10
CA VAL A 229 -4.05 8.40 34.25
C VAL A 229 -2.86 7.52 33.85
N THR A 230 -2.87 6.97 32.63
CA THR A 230 -1.78 6.06 32.18
C THR A 230 -0.46 6.82 32.13
N LEU A 231 -0.48 8.03 31.55
CA LEU A 231 0.77 8.81 31.42
C LEU A 231 1.28 9.19 32.81
N HIS A 232 0.41 9.71 33.66
CA HIS A 232 0.82 10.12 35.03
C HIS A 232 1.55 8.95 35.67
N ASP A 233 0.91 7.79 35.73
CA ASP A 233 1.53 6.64 36.43
C ASP A 233 2.84 6.24 35.75
N MET A 234 2.86 6.16 34.42
CA MET A 234 4.07 5.66 33.72
C MET A 234 5.25 6.61 33.94
N ILE A 235 5.03 7.92 33.78
CA ILE A 235 6.17 8.87 33.88
C ILE A 235 6.72 8.81 35.30
N LEU A 236 5.85 8.76 36.31
CA LEU A 236 6.32 8.79 37.71
C LEU A 236 7.19 7.56 38.00
N LYS A 237 6.74 6.38 37.57
CA LYS A 237 7.51 5.13 37.83
C LYS A 237 8.82 5.18 37.04
N ASN A 238 8.75 5.57 35.77
CA ASN A 238 9.95 5.56 34.89
C ASN A 238 10.99 6.61 35.30
N ILE A 239 10.55 7.79 35.75
CA ILE A 239 11.53 8.88 36.01
C ILE A 239 12.57 8.43 37.04
N GLU A 240 12.19 7.69 38.07
CA GLU A 240 13.19 7.35 39.10
C GLU A 240 14.30 6.54 38.44
N LYS A 241 13.93 5.55 37.61
CA LYS A 241 14.94 4.72 36.91
C LYS A 241 15.74 5.58 35.93
N ILE A 242 15.07 6.46 35.19
CA ILE A 242 15.76 7.29 34.15
C ILE A 242 16.78 8.19 34.85
N LYS A 243 16.40 8.78 35.98
CA LYS A 243 17.32 9.73 36.68
C LYS A 243 18.57 8.97 37.11
N ARG A 244 18.41 7.76 37.62
CA ARG A 244 19.57 6.96 38.09
C ARG A 244 20.05 6.05 36.95
N LEU B 4 47.67 3.73 -12.40
CA LEU B 4 46.22 3.40 -12.51
C LEU B 4 45.40 4.61 -12.02
N LEU B 5 45.18 4.71 -10.71
CA LEU B 5 44.37 5.82 -10.16
C LEU B 5 45.29 6.82 -9.44
N LYS B 6 45.33 8.07 -9.92
CA LYS B 6 46.14 9.13 -9.29
C LYS B 6 45.44 10.47 -9.55
N VAL B 7 45.70 11.49 -8.73
CA VAL B 7 44.95 12.77 -8.88
C VAL B 7 45.95 13.91 -9.17
N ASP B 8 45.56 14.85 -10.04
CA ASP B 8 46.44 16.02 -10.31
C ASP B 8 46.60 16.77 -8.99
N GLN B 9 47.83 17.18 -8.67
CA GLN B 9 48.08 17.85 -7.37
C GLN B 9 47.28 19.15 -7.32
N GLU B 10 47.23 19.90 -8.42
CA GLU B 10 46.55 21.22 -8.40
C GLU B 10 45.06 21.00 -8.08
N VAL B 11 44.43 20.03 -8.74
CA VAL B 11 42.99 19.74 -8.50
C VAL B 11 42.83 19.29 -7.05
N LYS B 12 43.74 18.42 -6.56
CA LYS B 12 43.59 17.87 -5.20
C LYS B 12 43.67 19.02 -4.19
N LEU B 13 44.59 19.95 -4.40
CA LEU B 13 44.76 21.08 -3.44
C LEU B 13 43.45 21.87 -3.35
N LYS B 14 42.82 22.16 -4.49
CA LYS B 14 41.57 22.96 -4.50
C LYS B 14 40.47 22.18 -3.77
N VAL B 15 40.41 20.86 -3.97
CA VAL B 15 39.40 20.03 -3.27
C VAL B 15 39.65 20.09 -1.76
N ASP B 16 40.92 20.07 -1.34
CA ASP B 16 41.24 20.08 0.11
C ASP B 16 40.72 21.37 0.73
N SER B 17 40.82 22.49 0.01
CA SER B 17 40.25 23.76 0.53
C SER B 17 38.74 23.64 0.69
N PHE B 18 38.05 22.94 -0.22
CA PHE B 18 36.59 22.73 -0.04
C PHE B 18 36.35 21.97 1.26
N ARG B 19 37.17 20.95 1.52
CA ARG B 19 36.95 20.13 2.75
C ARG B 19 37.12 21.02 3.98
N GLU B 20 38.15 21.88 3.97
CA GLU B 20 38.42 22.76 5.13
C GLU B 20 37.26 23.74 5.30
N ARG B 21 36.75 24.29 4.20
CA ARG B 21 35.67 25.31 4.31
C ARG B 21 34.43 24.66 4.92
N ILE B 22 34.07 23.46 4.48
CA ILE B 22 32.83 22.81 5.00
C ILE B 22 33.02 22.57 6.49
N THR B 23 34.21 22.13 6.90
CA THR B 23 34.43 21.80 8.32
C THR B 23 34.27 23.07 9.16
N SER B 24 34.83 24.19 8.72
CA SER B 24 34.76 25.44 9.52
C SER B 24 33.31 25.87 9.66
N GLU B 25 32.54 25.81 8.57
CA GLU B 25 31.14 26.28 8.63
C GLU B 25 30.37 25.40 9.61
N ALA B 26 30.60 24.08 9.57
CA ALA B 26 29.84 23.16 10.45
C ALA B 26 30.16 23.44 11.91
N GLU B 27 31.44 23.62 12.25
CA GLU B 27 31.80 23.79 13.68
C GLU B 27 31.12 25.05 14.21
N ASP B 28 31.18 26.14 13.44
CA ASP B 28 30.53 27.41 13.86
C ASP B 28 29.02 27.20 13.94
N LEU B 29 28.43 26.47 12.98
CA LEU B 29 26.96 26.35 12.98
C LEU B 29 26.50 25.61 14.25
N VAL B 30 27.13 24.49 14.59
CA VAL B 30 26.68 23.70 15.77
C VAL B 30 26.96 24.50 17.04
N ALA B 31 28.17 25.06 17.17
CA ALA B 31 28.56 25.79 18.40
C ALA B 31 27.79 27.11 18.57
N ASN B 32 27.58 27.87 17.50
CA ASN B 32 26.97 29.21 17.67
C ASN B 32 25.57 29.32 17.05
N PHE B 33 25.39 28.96 15.77
CA PHE B 33 24.06 29.20 15.14
C PHE B 33 22.95 28.39 15.82
N PHE B 34 23.16 27.10 16.07
CA PHE B 34 22.06 26.28 16.63
C PHE B 34 21.61 26.88 17.98
N PRO B 35 22.51 27.16 18.96
CA PRO B 35 22.06 27.76 20.21
C PRO B 35 21.36 29.11 20.01
N LYS B 36 21.85 29.94 19.11
CA LYS B 36 21.24 31.30 18.95
C LYS B 36 19.78 31.12 18.52
N LYS B 37 19.52 30.21 17.59
CA LYS B 37 18.14 30.03 17.07
C LYS B 37 17.19 29.55 18.16
N LEU B 38 17.66 28.70 19.07
CA LEU B 38 16.77 28.13 20.12
C LEU B 38 16.22 29.30 20.92
N LEU B 39 17.08 30.26 21.26
CA LEU B 39 16.62 31.44 22.04
C LEU B 39 15.61 32.24 21.22
N GLU B 40 15.88 32.44 19.93
CA GLU B 40 14.98 33.28 19.11
C GLU B 40 13.59 32.64 19.01
N LEU B 41 13.53 31.33 18.75
CA LEU B 41 12.23 30.64 18.57
C LEU B 41 11.44 30.63 19.88
N ASP B 42 12.12 30.46 21.02
CA ASP B 42 11.41 30.38 22.32
C ASP B 42 10.68 31.71 22.55
N SER B 43 11.34 32.82 22.25
CA SER B 43 10.69 34.15 22.38
C SER B 43 9.50 34.24 21.44
N PHE B 44 9.63 33.69 20.23
CA PHE B 44 8.54 33.79 19.22
C PHE B 44 7.28 33.11 19.75
N LEU B 45 7.45 31.96 20.41
CA LEU B 45 6.27 31.23 20.96
C LEU B 45 5.60 32.10 22.03
N LYS B 46 6.39 32.81 22.83
CA LYS B 46 5.83 33.68 23.92
C LYS B 46 5.00 34.82 23.33
N GLU B 47 5.30 35.25 22.11
CA GLU B 47 4.61 36.44 21.53
C GLU B 47 3.11 36.21 21.47
N PRO B 48 2.27 37.25 21.61
CA PRO B 48 0.80 37.08 21.68
C PRO B 48 0.11 36.43 20.47
N ILE B 49 0.58 36.68 19.25
CA ILE B 49 -0.15 36.17 18.05
C ILE B 49 -0.23 34.64 18.09
N LEU B 50 0.82 33.96 18.57
CA LEU B 50 0.84 32.46 18.55
C LEU B 50 0.16 31.91 19.82
N ASN B 51 -0.32 32.76 20.73
CA ASN B 51 -0.87 32.26 22.02
C ASN B 51 -2.36 32.58 22.17
N ILE B 52 -3.12 32.77 21.09
CA ILE B 52 -4.54 33.21 21.24
C ILE B 52 -5.30 32.17 22.07
N HIS B 53 -5.99 32.61 23.13
CA HIS B 53 -6.73 31.69 24.03
C HIS B 53 -7.98 31.08 23.37
N ASP B 54 -8.78 31.90 22.69
CA ASP B 54 -10.04 31.39 22.07
C ASP B 54 -9.88 31.37 20.55
N LEU B 55 -10.28 30.28 19.88
CA LEU B 55 -10.03 30.18 18.42
C LEU B 55 -11.18 30.84 17.66
N THR B 56 -12.16 31.41 18.35
CA THR B 56 -13.24 32.16 17.64
C THR B 56 -12.64 33.37 16.94
N GLN B 57 -11.63 34.02 17.54
CA GLN B 57 -11.04 35.25 16.96
C GLN B 57 -10.39 34.97 15.60
N ILE B 58 -9.68 33.85 15.45
CA ILE B 58 -8.94 33.57 14.18
C ILE B 58 -9.94 33.43 13.04
N HIS B 59 -11.20 33.06 13.33
CA HIS B 59 -12.20 32.84 12.25
C HIS B 59 -12.40 34.10 11.43
N SER B 60 -12.56 33.94 10.10
CA SER B 60 -12.75 35.10 9.19
C SER B 60 -14.22 35.17 8.76
N ASP B 61 -14.70 36.34 8.34
CA ASP B 61 -16.14 36.51 7.98
C ASP B 61 -16.31 36.62 6.46
N MET B 62 -17.24 35.84 5.89
CA MET B 62 -17.49 35.86 4.42
C MET B 62 -18.99 35.99 4.18
N ASN B 63 -19.40 36.46 3.00
CA ASN B 63 -20.84 36.62 2.67
C ASN B 63 -21.43 35.24 2.32
N MET B 108 -16.37 33.66 -0.11
CA MET B 108 -15.99 33.19 -1.48
C MET B 108 -14.78 34.00 -1.96
N LEU B 109 -14.22 34.84 -1.09
CA LEU B 109 -13.13 35.71 -1.58
C LEU B 109 -11.92 35.72 -0.65
N LYS B 110 -11.89 36.61 0.34
CA LYS B 110 -10.66 36.81 1.15
C LYS B 110 -10.19 35.56 1.90
N SER B 111 -8.88 35.34 1.92
CA SER B 111 -8.30 34.23 2.71
C SER B 111 -8.25 34.69 4.16
N ASN B 112 -7.84 33.84 5.10
CA ASN B 112 -7.87 34.32 6.51
C ASN B 112 -6.61 35.14 6.69
N GLN B 113 -6.74 36.45 6.86
CA GLN B 113 -5.53 37.32 6.92
C GLN B 113 -4.67 36.98 8.13
N GLN B 114 -5.28 36.73 9.28
CA GLN B 114 -4.47 36.50 10.51
C GLN B 114 -3.61 35.26 10.29
N LEU B 115 -4.18 34.19 9.74
CA LEU B 115 -3.42 32.94 9.52
C LEU B 115 -2.31 33.18 8.49
N VAL B 116 -2.57 33.95 7.43
CA VAL B 116 -1.56 34.13 6.36
C VAL B 116 -0.33 34.81 6.96
N ASP B 117 -0.53 35.80 7.82
CA ASP B 117 0.61 36.53 8.40
C ASP B 117 1.47 35.58 9.24
N ILE B 118 0.84 34.70 10.02
CA ILE B 118 1.61 33.74 10.88
C ILE B 118 2.42 32.83 9.95
N ILE B 119 1.84 32.38 8.84
CA ILE B 119 2.53 31.43 7.92
C ILE B 119 3.79 32.11 7.37
N GLU B 120 3.69 33.40 7.02
CA GLU B 120 4.84 34.10 6.39
C GLU B 120 6.03 34.13 7.35
N LYS B 121 5.80 34.31 8.65
CA LYS B 121 6.90 34.29 9.64
C LYS B 121 7.48 32.87 9.76
N VAL B 122 6.63 31.85 9.75
CA VAL B 122 7.08 30.44 9.93
C VAL B 122 7.94 29.96 8.76
N LYS B 123 7.60 30.34 7.52
CA LYS B 123 8.30 29.75 6.33
C LYS B 123 9.81 30.00 6.33
N PRO B 124 10.37 31.19 6.62
CA PRO B 124 11.81 31.35 6.58
C PRO B 124 12.52 30.41 7.56
N GLU B 125 11.97 30.22 8.75
CA GLU B 125 12.65 29.39 9.77
C GLU B 125 12.79 27.95 9.28
N ILE B 126 11.74 27.41 8.65
CA ILE B 126 11.78 26.00 8.15
C ILE B 126 12.86 25.92 7.08
N ARG B 127 12.94 26.93 6.21
CA ARG B 127 13.95 26.95 5.11
C ARG B 127 15.35 26.94 5.71
N LEU B 128 15.58 27.72 6.78
CA LEU B 128 16.94 27.82 7.35
C LEU B 128 17.36 26.44 7.87
N LEU B 129 16.46 25.72 8.53
CA LEU B 129 16.89 24.41 9.11
C LEU B 129 17.33 23.51 7.96
N ILE B 130 16.60 23.52 6.85
CA ILE B 130 16.94 22.60 5.73
C ILE B 130 18.34 22.94 5.22
N GLU B 131 18.63 24.23 4.99
CA GLU B 131 19.94 24.61 4.40
C GLU B 131 21.08 24.31 5.38
N LYS B 132 20.90 24.68 6.66
CA LYS B 132 21.98 24.49 7.67
C LYS B 132 22.22 22.99 7.89
N CYS B 133 21.16 22.19 7.95
CA CYS B 133 21.33 20.75 8.25
C CYS B 133 22.16 20.09 7.16
N ASN B 134 21.96 20.49 5.90
CA ASN B 134 22.69 19.80 4.80
C ASN B 134 24.18 20.00 5.02
N THR B 135 24.63 21.21 5.38
CA THR B 135 26.07 21.46 5.53
C THR B 135 26.64 20.59 6.66
N VAL B 136 25.93 20.52 7.78
CA VAL B 136 26.42 19.74 8.95
C VAL B 136 26.51 18.27 8.55
N LYS B 137 25.53 17.76 7.80
CA LYS B 137 25.49 16.31 7.46
C LYS B 137 26.76 15.97 6.67
N MET B 138 27.14 16.84 5.74
CA MET B 138 28.33 16.56 4.88
C MET B 138 29.58 16.50 5.76
N TRP B 139 29.68 17.37 6.76
CA TRP B 139 30.86 17.36 7.65
C TRP B 139 30.94 16.00 8.36
N VAL B 140 29.81 15.47 8.82
CA VAL B 140 29.82 14.18 9.56
C VAL B 140 30.29 13.09 8.61
N GLN B 141 29.82 13.10 7.37
CA GLN B 141 30.20 12.06 6.38
C GLN B 141 31.70 12.18 6.08
N LEU B 142 32.20 13.40 5.93
CA LEU B 142 33.64 13.62 5.59
C LEU B 142 34.54 13.12 6.71
N LEU B 143 34.13 13.26 7.97
CA LEU B 143 35.02 12.90 9.10
C LEU B 143 35.44 11.43 8.98
N ILE B 144 36.73 11.15 9.21
CA ILE B 144 37.26 9.76 9.06
C ILE B 144 37.43 9.13 10.46
N PRO B 145 36.76 8.01 10.84
CA PRO B 145 36.99 7.41 12.14
C PRO B 145 38.02 6.27 12.05
N PHE B 153 33.42 0.37 16.28
CA PHE B 153 32.53 1.12 17.20
C PHE B 153 32.35 2.55 16.69
N GLY B 154 33.47 3.23 16.41
CA GLY B 154 33.39 4.65 15.97
C GLY B 154 32.60 4.77 14.68
N VAL B 155 32.79 3.83 13.76
CA VAL B 155 32.10 3.89 12.43
C VAL B 155 30.58 3.82 12.67
N SER B 156 30.14 2.94 13.59
CA SER B 156 28.69 2.77 13.83
C SER B 156 28.11 4.09 14.37
N ILE B 157 28.83 4.75 15.26
CA ILE B 157 28.32 6.01 15.87
C ILE B 157 28.12 7.03 14.75
N GLN B 158 29.08 7.09 13.82
CA GLN B 158 29.00 8.10 12.73
C GLN B 158 27.74 7.83 11.91
N GLU B 159 27.46 6.56 11.61
CA GLU B 159 26.29 6.21 10.76
C GLU B 159 25.00 6.65 11.45
N GLU B 160 24.93 6.48 12.77
CA GLU B 160 23.71 6.87 13.54
C GLU B 160 23.50 8.37 13.38
N THR B 161 24.57 9.16 13.48
CA THR B 161 24.44 10.63 13.43
C THR B 161 23.91 11.05 12.05
N VAL B 162 24.44 10.46 10.98
CA VAL B 162 24.01 10.84 9.59
C VAL B 162 22.53 10.50 9.43
N ALA B 163 22.11 9.34 9.93
CA ALA B 163 20.70 8.92 9.80
C ALA B 163 19.81 9.91 10.56
N GLU B 164 20.23 10.30 11.76
CA GLU B 164 19.42 11.24 12.58
C GLU B 164 19.31 12.59 11.86
N LEU B 165 20.42 13.08 11.31
CA LEU B 165 20.41 14.38 10.59
C LEU B 165 19.51 14.24 9.37
N ARG B 166 19.56 13.09 8.69
CA ARG B 166 18.75 12.88 7.46
C ARG B 166 17.26 12.96 7.81
N THR B 167 16.87 12.36 8.93
CA THR B 167 15.44 12.33 9.34
C THR B 167 14.97 13.77 9.58
N VAL B 168 15.79 14.60 10.23
CA VAL B 168 15.38 15.99 10.54
C VAL B 168 15.14 16.73 9.22
N GLU B 169 16.00 16.49 8.24
CA GLU B 169 15.87 17.18 6.93
C GLU B 169 14.55 16.78 6.27
N SER B 170 14.22 15.49 6.27
CA SER B 170 12.98 15.01 5.61
C SER B 170 11.74 15.57 6.31
N GLU B 171 11.75 15.61 7.65
CA GLU B 171 10.58 16.12 8.40
C GLU B 171 10.37 17.59 8.05
N ALA B 172 11.44 18.35 7.89
CA ALA B 172 11.33 19.79 7.59
C ALA B 172 10.60 19.98 6.27
N ALA B 173 10.90 19.13 5.28
CA ALA B 173 10.23 19.21 3.97
C ALA B 173 8.74 18.96 4.16
N SER B 174 8.39 18.04 5.06
CA SER B 174 6.97 17.73 5.32
C SER B 174 6.25 18.98 5.81
N TYR B 175 6.92 19.77 6.66
CA TYR B 175 6.29 20.98 7.21
C TYR B 175 5.96 21.94 6.07
N LEU B 176 6.89 22.10 5.13
CA LEU B 176 6.68 23.04 3.99
C LEU B 176 5.52 22.51 3.15
N ASP B 177 5.44 21.19 2.98
CA ASP B 177 4.35 20.58 2.18
C ASP B 177 2.99 20.83 2.85
N GLN B 178 2.89 20.69 4.17
CA GLN B 178 1.57 20.82 4.84
C GLN B 178 1.01 22.24 4.68
N ILE B 179 1.88 23.25 4.74
CA ILE B 179 1.41 24.65 4.54
C ILE B 179 0.83 24.75 3.13
N SER B 180 1.47 24.13 2.15
CA SER B 180 0.95 24.16 0.76
C SER B 180 -0.39 23.43 0.67
N ARG B 181 -0.53 22.29 1.33
CA ARG B 181 -1.79 21.50 1.24
C ARG B 181 -2.95 22.30 1.80
N TYR B 182 -2.72 23.07 2.86
CA TYR B 182 -3.84 23.83 3.49
C TYR B 182 -4.40 24.78 2.44
N TYR B 183 -3.53 25.44 1.67
CA TYR B 183 -4.05 26.44 0.71
C TYR B 183 -4.94 25.75 -0.33
N ILE B 184 -4.49 24.61 -0.88
CA ILE B 184 -5.29 23.94 -1.94
C ILE B 184 -6.61 23.44 -1.35
N THR B 185 -6.57 22.83 -0.16
CA THR B 185 -7.80 22.26 0.46
C THR B 185 -8.79 23.37 0.79
N ARG B 186 -8.33 24.49 1.34
CA ARG B 186 -9.25 25.59 1.71
C ARG B 186 -9.87 26.10 0.43
N ALA B 187 -9.08 26.17 -0.64
CA ALA B 187 -9.60 26.71 -1.92
C ALA B 187 -10.74 25.83 -2.42
N LYS B 188 -10.57 24.51 -2.37
CA LYS B 188 -11.61 23.62 -2.94
C LYS B 188 -12.90 23.81 -2.14
N LEU B 189 -12.80 23.86 -0.82
CA LEU B 189 -14.00 24.00 0.04
C LEU B 189 -14.64 25.38 -0.20
N VAL B 190 -13.83 26.44 -0.32
CA VAL B 190 -14.40 27.80 -0.58
C VAL B 190 -15.09 27.79 -1.94
N SER B 191 -14.52 27.09 -2.92
CA SER B 191 -15.17 26.98 -4.25
C SER B 191 -16.51 26.26 -4.09
N LYS B 192 -16.54 25.22 -3.26
CA LYS B 192 -17.78 24.43 -3.07
C LYS B 192 -18.88 25.32 -2.48
N ILE B 193 -18.52 26.24 -1.58
CA ILE B 193 -19.58 27.04 -0.91
C ILE B 193 -20.35 27.78 -1.99
N ALA B 194 -19.65 28.35 -2.98
CA ALA B 194 -20.37 29.15 -4.00
C ALA B 194 -21.32 28.27 -4.82
N LYS B 195 -20.88 27.08 -5.22
CA LYS B 195 -21.72 26.21 -6.08
C LYS B 195 -22.97 25.77 -5.32
N TYR B 196 -22.83 25.43 -4.03
CA TYR B 196 -23.98 24.95 -3.23
C TYR B 196 -24.10 25.87 -2.01
N PRO B 197 -24.77 27.04 -2.11
CA PRO B 197 -24.84 27.98 -1.00
C PRO B 197 -25.59 27.47 0.23
N HIS B 198 -26.69 26.75 0.03
CA HIS B 198 -27.56 26.34 1.16
C HIS B 198 -26.89 25.41 2.17
N VAL B 199 -26.05 24.46 1.73
CA VAL B 199 -25.51 23.48 2.72
C VAL B 199 -24.69 24.23 3.75
N GLU B 200 -25.09 24.15 5.03
CA GLU B 200 -24.37 24.83 6.12
C GLU B 200 -23.04 24.14 6.39
N ASP B 201 -22.98 22.82 6.22
CA ASP B 201 -21.75 22.08 6.61
C ASP B 201 -20.53 22.58 5.83
N TYR B 202 -20.72 22.94 4.55
CA TYR B 202 -19.59 23.44 3.74
C TYR B 202 -19.05 24.72 4.39
N ARG B 203 -19.94 25.59 4.86
CA ARG B 203 -19.48 26.82 5.58
C ARG B 203 -18.75 26.39 6.86
N ARG B 204 -19.27 25.38 7.55
CA ARG B 204 -18.63 24.92 8.82
C ARG B 204 -17.24 24.34 8.56
N THR B 205 -17.07 23.60 7.46
CA THR B 205 -15.74 22.95 7.24
C THR B 205 -14.66 24.02 7.07
N VAL B 206 -14.94 25.11 6.36
CA VAL B 206 -13.88 26.14 6.12
C VAL B 206 -13.45 26.75 7.46
N THR B 207 -14.38 26.97 8.38
CA THR B 207 -13.98 27.48 9.72
C THR B 207 -13.10 26.45 10.43
N GLU B 208 -13.43 25.16 10.32
CA GLU B 208 -12.65 24.10 11.00
C GLU B 208 -11.22 24.05 10.43
N ILE B 209 -11.06 24.18 9.11
CA ILE B 209 -9.70 24.09 8.49
C ILE B 209 -8.84 25.24 9.00
N ASP B 210 -9.41 26.44 9.15
CA ASP B 210 -8.64 27.57 9.71
C ASP B 210 -8.17 27.24 11.13
N GLU B 211 -9.06 26.72 11.98
CA GLU B 211 -8.68 26.45 13.39
C GLU B 211 -7.60 25.36 13.44
N LYS B 212 -7.73 24.32 12.62
CA LYS B 212 -6.76 23.20 12.68
C LYS B 212 -5.38 23.72 12.30
N GLU B 213 -5.31 24.61 11.31
CA GLU B 213 -4.00 25.15 10.86
C GLU B 213 -3.35 25.90 12.02
N TYR B 214 -4.12 26.65 12.80
CA TYR B 214 -3.49 27.48 13.88
C TYR B 214 -2.78 26.57 14.87
N ILE B 215 -3.43 25.48 15.28
CA ILE B 215 -2.80 24.53 16.26
C ILE B 215 -1.58 23.91 15.57
N SER B 216 -1.69 23.58 14.29
CA SER B 216 -0.57 22.94 13.55
C SER B 216 0.64 23.87 13.43
N LEU B 217 0.44 25.15 13.12
CA LEU B 217 1.59 26.07 12.91
C LEU B 217 2.37 26.21 14.23
N ARG B 218 1.66 26.33 15.35
CA ARG B 218 2.33 26.44 16.67
C ARG B 218 3.13 25.16 16.94
N LEU B 219 2.57 24.01 16.56
CA LEU B 219 3.30 22.72 16.74
C LEU B 219 4.59 22.73 15.92
N ILE B 220 4.55 23.28 14.70
CA ILE B 220 5.79 23.35 13.85
C ILE B 220 6.84 24.20 14.55
N ILE B 221 6.46 25.38 15.08
CA ILE B 221 7.49 26.28 15.68
C ILE B 221 8.09 25.59 16.90
N SER B 222 7.25 24.97 17.73
CA SER B 222 7.75 24.26 18.93
C SER B 222 8.65 23.10 18.51
N GLU B 223 8.25 22.36 17.48
CA GLU B 223 9.04 21.20 17.02
C GLU B 223 10.41 21.64 16.47
N LEU B 224 10.46 22.75 15.72
CA LEU B 224 11.76 23.25 15.20
C LEU B 224 12.66 23.63 16.39
N ARG B 225 12.10 24.26 17.42
CA ARG B 225 12.89 24.63 18.63
C ARG B 225 13.40 23.34 19.28
N ASN B 226 12.56 22.31 19.32
CA ASN B 226 12.95 21.01 19.90
C ASN B 226 14.13 20.45 19.10
N GLN B 227 14.06 20.54 17.77
CA GLN B 227 15.14 19.94 16.94
C GLN B 227 16.46 20.63 17.26
N TYR B 228 16.46 21.96 17.40
CA TYR B 228 17.76 22.66 17.58
C TYR B 228 18.45 22.17 18.85
N VAL B 229 17.72 22.11 19.97
CA VAL B 229 18.37 21.72 21.25
C VAL B 229 18.81 20.25 21.15
N THR B 230 17.96 19.38 20.58
CA THR B 230 18.29 17.93 20.49
C THR B 230 19.51 17.73 19.60
N LEU B 231 19.54 18.40 18.45
CA LEU B 231 20.67 18.23 17.50
C LEU B 231 21.94 18.76 18.14
N HIS B 232 21.90 19.97 18.72
CA HIS B 232 23.09 20.57 19.34
C HIS B 232 23.68 19.56 20.33
N ASP B 233 22.86 19.07 21.26
CA ASP B 233 23.41 18.16 22.30
C ASP B 233 23.92 16.87 21.66
N MET B 234 23.17 16.28 20.73
CA MET B 234 23.58 14.97 20.16
C MET B 234 24.90 15.10 19.40
N ILE B 235 25.03 16.12 18.54
CA ILE B 235 26.25 16.22 17.70
C ILE B 235 27.45 16.42 18.62
N LEU B 236 27.32 17.26 19.65
CA LEU B 236 28.47 17.57 20.52
C LEU B 236 28.95 16.30 21.24
N LYS B 237 28.01 15.51 21.78
CA LYS B 237 28.38 14.26 22.50
C LYS B 237 28.97 13.26 21.51
N ASN B 238 28.33 13.09 20.35
CA ASN B 238 28.76 12.08 19.37
C ASN B 238 30.11 12.43 18.73
N ILE B 239 30.38 13.71 18.46
CA ILE B 239 31.60 14.07 17.69
C ILE B 239 32.86 13.57 18.42
N GLU B 240 32.90 13.63 19.75
CA GLU B 240 34.16 13.23 20.42
C GLU B 240 34.41 11.75 20.11
N LYS B 241 33.37 10.92 20.21
CA LYS B 241 33.51 9.47 19.90
C LYS B 241 33.86 9.27 18.42
N ILE B 242 33.18 10.01 17.53
CA ILE B 242 33.39 9.82 16.07
C ILE B 242 34.84 10.18 15.74
N LYS B 243 35.35 11.27 16.32
CA LYS B 243 36.72 11.73 15.98
C LYS B 243 37.72 10.65 16.39
N ARG B 244 37.50 10.04 17.56
CA ARG B 244 38.45 8.99 18.05
C ARG B 244 37.91 7.62 17.63
N LEU C 4 10.88 17.91 44.70
CA LEU C 4 10.80 17.82 43.22
C LEU C 4 9.37 17.41 42.82
N LEU C 5 9.09 16.10 42.82
CA LEU C 5 7.74 15.62 42.42
C LEU C 5 6.97 15.16 43.65
N LYS C 6 5.83 15.80 43.95
CA LYS C 6 4.97 15.42 45.11
C LYS C 6 3.53 15.79 44.74
N VAL C 7 2.55 15.15 45.37
CA VAL C 7 1.13 15.39 44.98
C VAL C 7 0.35 15.94 46.18
N ASP C 8 -0.56 16.89 45.94
CA ASP C 8 -1.41 17.40 47.04
C ASP C 8 -2.22 16.23 47.58
N GLN C 9 -2.31 16.10 48.90
CA GLN C 9 -3.01 14.93 49.50
C GLN C 9 -4.48 14.97 49.08
N GLU C 10 -5.09 16.16 49.09
CA GLU C 10 -6.54 16.24 48.78
C GLU C 10 -6.79 15.75 47.34
N VAL C 11 -5.96 16.18 46.40
CA VAL C 11 -6.11 15.75 44.98
C VAL C 11 -5.86 14.24 44.91
N LYS C 12 -4.84 13.76 45.62
CA LYS C 12 -4.49 12.32 45.53
C LYS C 12 -5.67 11.49 46.05
N LEU C 13 -6.30 11.92 47.14
CA LEU C 13 -7.42 11.14 47.73
C LEU C 13 -8.54 11.02 46.70
N LYS C 14 -8.88 12.12 46.02
CA LYS C 14 -9.99 12.09 45.04
C LYS C 14 -9.62 11.16 43.88
N VAL C 15 -8.36 11.16 43.45
CA VAL C 15 -7.91 10.25 42.36
C VAL C 15 -8.06 8.80 42.84
N ASP C 16 -7.73 8.52 44.10
CA ASP C 16 -7.80 7.13 44.62
C ASP C 16 -9.24 6.64 44.54
N SER C 17 -10.21 7.51 44.83
CA SER C 17 -11.63 7.12 44.70
C SER C 17 -11.94 6.77 43.24
N PHE C 18 -11.38 7.50 42.27
CA PHE C 18 -11.61 7.14 40.85
C PHE C 18 -11.07 5.72 40.61
N ARG C 19 -9.90 5.41 41.16
CA ARG C 19 -9.31 4.08 40.91
C ARG C 19 -10.23 3.00 41.49
N GLU C 20 -10.76 3.23 42.69
CA GLU C 20 -11.67 2.25 43.34
C GLU C 20 -12.93 2.09 42.51
N ARG C 21 -13.49 3.19 42.01
CA ARG C 21 -14.77 3.11 41.27
C ARG C 21 -14.56 2.28 40.00
N ILE C 22 -13.46 2.52 39.28
CA ILE C 22 -13.25 1.79 38.00
C ILE C 22 -13.11 0.29 38.33
N THR C 23 -12.39 -0.04 39.40
CA THR C 23 -12.17 -1.46 39.75
C THR C 23 -13.51 -2.13 40.04
N SER C 24 -14.38 -1.47 40.80
CA SER C 24 -15.68 -2.11 41.17
C SER C 24 -16.51 -2.34 39.92
N GLU C 25 -16.55 -1.36 39.01
CA GLU C 25 -17.39 -1.50 37.80
C GLU C 25 -16.87 -2.68 36.97
N ALA C 26 -15.54 -2.79 36.83
CA ALA C 26 -14.96 -3.87 36.01
C ALA C 26 -15.28 -5.23 36.59
N GLU C 27 -15.14 -5.40 37.91
CA GLU C 27 -15.35 -6.75 38.50
C GLU C 27 -16.80 -7.17 38.26
N ASP C 28 -17.74 -6.26 38.49
CA ASP C 28 -19.17 -6.57 38.26
C ASP C 28 -19.40 -6.83 36.78
N LEU C 29 -18.77 -6.06 35.90
CA LEU C 29 -19.07 -6.24 34.45
C LEU C 29 -18.62 -7.64 34.00
N VAL C 30 -17.40 -8.06 34.36
CA VAL C 30 -16.90 -9.38 33.90
C VAL C 30 -17.71 -10.49 34.55
N ALA C 31 -17.93 -10.41 35.87
CA ALA C 31 -18.65 -11.47 36.60
C ALA C 31 -20.12 -11.54 36.24
N ASN C 32 -20.80 -10.41 36.09
CA ASN C 32 -22.27 -10.47 35.87
C ASN C 32 -22.70 -9.99 34.48
N PHE C 33 -22.27 -8.80 34.03
CA PHE C 33 -22.81 -8.29 32.74
C PHE C 33 -22.41 -9.19 31.56
N PHE C 34 -21.15 -9.58 31.46
CA PHE C 34 -20.73 -10.38 30.28
C PHE C 34 -21.56 -11.67 30.19
N PRO C 35 -21.68 -12.50 31.25
CA PRO C 35 -22.51 -13.70 31.17
C PRO C 35 -23.98 -13.40 30.83
N LYS C 36 -24.55 -12.33 31.38
CA LYS C 36 -25.98 -12.06 31.13
C LYS C 36 -26.18 -11.82 29.64
N LYS C 37 -25.28 -11.06 29.00
CA LYS C 37 -25.44 -10.72 27.57
C LYS C 37 -25.36 -11.97 26.70
N LEU C 38 -24.51 -12.93 27.06
CA LEU C 38 -24.32 -14.13 26.21
C LEU C 38 -25.67 -14.82 26.10
N LEU C 39 -26.38 -14.94 27.21
CA LEU C 39 -27.71 -15.59 27.20
C LEU C 39 -28.68 -14.77 26.33
N GLU C 40 -28.66 -13.44 26.46
CA GLU C 40 -29.63 -12.62 25.70
C GLU C 40 -29.38 -12.76 24.19
N LEU C 41 -28.13 -12.69 23.76
CA LEU C 41 -27.81 -12.75 22.31
C LEU C 41 -28.16 -14.13 21.74
N ASP C 42 -27.92 -15.21 22.50
CA ASP C 42 -28.18 -16.58 21.99
C ASP C 42 -29.66 -16.71 21.67
N SER C 43 -30.52 -16.17 22.55
CA SER C 43 -31.97 -16.20 22.30
C SER C 43 -32.31 -15.39 21.04
N PHE C 44 -31.62 -14.25 20.85
CA PHE C 44 -31.91 -13.37 19.69
C PHE C 44 -31.66 -14.12 18.40
N LEU C 45 -30.58 -14.91 18.34
CA LEU C 45 -30.27 -15.69 17.12
C LEU C 45 -31.41 -16.68 16.85
N LYS C 46 -31.94 -17.29 17.90
CA LYS C 46 -33.03 -18.30 17.76
C LYS C 46 -34.30 -17.66 17.18
N GLU C 47 -34.50 -16.37 17.41
CA GLU C 47 -35.76 -15.70 16.98
C GLU C 47 -35.95 -15.84 15.46
N PRO C 48 -37.19 -15.93 14.95
CA PRO C 48 -37.44 -16.18 13.53
C PRO C 48 -36.89 -15.16 12.52
N ILE C 49 -36.88 -13.87 12.87
CA ILE C 49 -36.46 -12.84 11.87
C ILE C 49 -35.03 -13.10 11.39
N LEU C 50 -34.13 -13.54 12.27
CA LEU C 50 -32.71 -13.74 11.90
C LEU C 50 -32.50 -15.13 11.30
N ASN C 51 -33.54 -15.96 11.19
CA ASN C 51 -33.34 -17.35 10.72
C ASN C 51 -34.07 -17.63 9.39
N ILE C 52 -34.36 -16.61 8.57
CA ILE C 52 -35.18 -16.86 7.34
C ILE C 52 -34.49 -17.90 6.47
N HIS C 53 -35.20 -18.97 6.08
CA HIS C 53 -34.62 -20.06 5.25
C HIS C 53 -34.32 -19.62 3.81
N ASP C 54 -35.25 -18.92 3.16
CA ASP C 54 -35.05 -18.53 1.73
C ASP C 54 -34.83 -17.02 1.67
N LEU C 55 -33.84 -16.55 0.91
CA LEU C 55 -33.52 -15.11 0.91
C LEU C 55 -34.39 -14.38 -0.11
N THR C 56 -35.28 -15.09 -0.81
CA THR C 56 -36.21 -14.41 -1.74
C THR C 56 -37.14 -13.48 -0.95
N GLN C 57 -37.54 -13.88 0.26
CA GLN C 57 -38.50 -13.07 1.06
C GLN C 57 -37.90 -11.70 1.42
N ILE C 58 -36.62 -11.63 1.79
CA ILE C 58 -36.02 -10.35 2.23
C ILE C 58 -36.06 -9.34 1.08
N HIS C 59 -36.08 -9.82 -0.18
CA HIS C 59 -36.03 -8.90 -1.34
C HIS C 59 -37.21 -7.93 -1.32
N SER C 60 -36.96 -6.67 -1.70
CA SER C 60 -38.03 -5.63 -1.72
C SER C 60 -38.46 -5.35 -3.16
N ASP C 61 -39.67 -4.83 -3.37
CA ASP C 61 -40.20 -4.62 -4.74
C ASP C 61 -40.18 -3.13 -5.09
N MET C 62 -39.64 -2.77 -6.27
CA MET C 62 -39.58 -1.34 -6.71
C MET C 62 -40.09 -1.25 -8.15
N ASN C 63 -40.54 -0.07 -8.58
CA ASN C 63 -41.05 0.12 -9.96
C ASN C 63 -39.86 0.20 -10.93
N MET C 108 -36.70 2.94 -6.85
CA MET C 108 -36.02 4.25 -6.81
C MET C 108 -36.40 4.97 -5.52
N LEU C 109 -37.14 4.30 -4.64
CA LEU C 109 -37.62 5.02 -3.44
C LEU C 109 -37.38 4.23 -2.16
N LYS C 110 -38.33 3.38 -1.75
CA LYS C 110 -38.26 2.75 -0.42
C LYS C 110 -37.02 1.89 -0.18
N SER C 111 -36.45 1.98 1.02
CA SER C 111 -35.30 1.12 1.39
C SER C 111 -35.88 -0.25 1.77
N ASN C 112 -35.05 -1.25 2.06
CA ASN C 112 -35.65 -2.57 2.36
C ASN C 112 -36.10 -2.49 3.82
N GLN C 113 -37.42 -2.50 4.05
CA GLN C 113 -37.92 -2.30 5.43
C GLN C 113 -37.48 -3.45 6.35
N GLN C 114 -37.52 -4.69 5.86
CA GLN C 114 -37.21 -5.83 6.75
C GLN C 114 -35.76 -5.71 7.22
N LEU C 115 -34.86 -5.37 6.31
CA LEU C 115 -33.42 -5.23 6.67
C LEU C 115 -33.23 -4.07 7.66
N VAL C 116 -33.93 -2.95 7.45
CA VAL C 116 -33.72 -1.75 8.32
C VAL C 116 -34.08 -2.12 9.75
N ASP C 117 -35.17 -2.86 9.94
CA ASP C 117 -35.62 -3.21 11.32
C ASP C 117 -34.56 -4.07 12.01
N ILE C 118 -33.97 -5.03 11.28
CA ILE C 118 -32.92 -5.91 11.87
C ILE C 118 -31.73 -5.04 12.29
N ILE C 119 -31.36 -4.07 11.46
CA ILE C 119 -30.17 -3.22 11.74
C ILE C 119 -30.41 -2.44 13.04
N GLU C 120 -31.63 -1.94 13.23
CA GLU C 120 -31.92 -1.09 14.42
C GLU C 120 -31.72 -1.90 15.71
N LYS C 121 -32.09 -3.18 15.72
CA LYS C 121 -31.86 -4.05 16.90
C LYS C 121 -30.36 -4.29 17.11
N VAL C 122 -29.61 -4.51 16.02
CA VAL C 122 -28.17 -4.84 16.11
C VAL C 122 -27.34 -3.65 16.63
N LYS C 123 -27.67 -2.43 16.24
CA LYS C 123 -26.80 -1.26 16.58
C LYS C 123 -26.62 -1.06 18.09
N PRO C 124 -27.62 -1.13 18.97
CA PRO C 124 -27.38 -0.89 20.39
C PRO C 124 -26.38 -1.92 20.96
N GLU C 125 -26.48 -3.18 20.54
CA GLU C 125 -25.60 -4.23 21.14
C GLU C 125 -24.13 -3.92 20.81
N ILE C 126 -23.84 -3.49 19.58
CA ILE C 126 -22.44 -3.18 19.18
C ILE C 126 -21.95 -2.02 20.04
N ARG C 127 -22.80 -1.02 20.26
CA ARG C 127 -22.42 0.18 21.06
C ARG C 127 -22.10 -0.27 22.49
N LEU C 128 -22.89 -1.18 23.06
CA LEU C 128 -22.67 -1.59 24.47
C LEU C 128 -21.29 -2.25 24.59
N LEU C 129 -20.91 -3.09 23.63
CA LEU C 129 -19.61 -3.80 23.78
C LEU C 129 -18.51 -2.72 23.80
N ILE C 130 -18.61 -1.71 22.95
CA ILE C 130 -17.51 -0.70 22.88
C ILE C 130 -17.40 0.00 24.23
N GLU C 131 -18.53 0.43 24.80
CA GLU C 131 -18.46 1.20 26.08
C GLU C 131 -17.97 0.32 27.22
N LYS C 132 -18.49 -0.90 27.34
CA LYS C 132 -18.12 -1.81 28.45
C LYS C 132 -16.64 -2.20 28.33
N CYS C 133 -16.17 -2.48 27.12
CA CYS C 133 -14.79 -2.96 26.94
C CYS C 133 -13.82 -1.88 27.41
N ASN C 134 -14.13 -0.61 27.14
CA ASN C 134 -13.15 0.46 27.50
C ASN C 134 -12.94 0.43 29.02
N THR C 135 -14.02 0.29 29.79
CA THR C 135 -13.87 0.33 31.27
C THR C 135 -13.00 -0.83 31.74
N VAL C 136 -13.25 -2.03 31.20
CA VAL C 136 -12.49 -3.24 31.64
C VAL C 136 -11.01 -3.04 31.28
N LYS C 137 -10.72 -2.47 30.09
CA LYS C 137 -9.31 -2.35 29.65
C LYS C 137 -8.56 -1.47 30.64
N MET C 138 -9.19 -0.38 31.11
CA MET C 138 -8.49 0.54 32.04
C MET C 138 -8.18 -0.18 33.35
N TRP C 139 -9.09 -1.04 33.81
CA TRP C 139 -8.85 -1.80 35.07
C TRP C 139 -7.60 -2.66 34.89
N VAL C 140 -7.46 -3.32 33.74
CA VAL C 140 -6.30 -4.22 33.52
C VAL C 140 -5.01 -3.39 33.55
N GLN C 141 -5.03 -2.22 32.91
CA GLN C 141 -3.83 -1.34 32.87
C GLN C 141 -3.50 -0.87 34.29
N LEU C 142 -4.51 -0.50 35.07
CA LEU C 142 -4.29 0.03 36.45
C LEU C 142 -3.67 -1.05 37.34
N LEU C 143 -4.05 -2.31 37.17
CA LEU C 143 -3.58 -3.38 38.08
C LEU C 143 -2.05 -3.42 38.08
N ILE C 144 -1.45 -3.55 39.27
CA ILE C 144 0.04 -3.53 39.39
C ILE C 144 0.55 -4.97 39.58
N PRO C 145 1.40 -5.56 38.71
CA PRO C 145 1.90 -6.92 38.96
C PRO C 145 3.28 -6.87 39.62
N PHE C 153 7.22 -12.34 34.29
CA PHE C 153 6.15 -13.25 33.77
C PHE C 153 4.78 -12.56 33.91
N GLY C 154 4.47 -12.07 35.11
CA GLY C 154 3.15 -11.45 35.33
C GLY C 154 2.95 -10.25 34.44
N VAL C 155 3.99 -9.45 34.24
CA VAL C 155 3.88 -8.22 33.40
C VAL C 155 3.51 -8.62 31.97
N SER C 156 4.12 -9.69 31.46
CA SER C 156 3.86 -10.12 30.06
C SER C 156 2.39 -10.52 29.93
N ILE C 157 1.86 -11.23 30.92
CA ILE C 157 0.45 -11.72 30.84
C ILE C 157 -0.46 -10.50 30.76
N GLN C 158 -0.16 -9.47 31.56
CA GLN C 158 -1.03 -8.27 31.59
C GLN C 158 -1.04 -7.63 30.20
N GLU C 159 0.13 -7.54 29.56
CA GLU C 159 0.22 -6.87 28.23
C GLU C 159 -0.63 -7.65 27.21
N GLU C 160 -0.62 -8.98 27.29
CA GLU C 160 -1.40 -9.81 26.33
C GLU C 160 -2.88 -9.47 26.50
N THR C 161 -3.34 -9.36 27.75
CA THR C 161 -4.78 -9.11 28.00
C THR C 161 -5.19 -7.75 27.40
N VAL C 162 -4.37 -6.72 27.60
CA VAL C 162 -4.71 -5.35 27.10
C VAL C 162 -4.78 -5.39 25.57
N ALA C 163 -3.84 -6.10 24.94
CA ALA C 163 -3.82 -6.18 23.46
C ALA C 163 -5.08 -6.89 22.97
N GLU C 164 -5.47 -7.96 23.66
CA GLU C 164 -6.67 -8.74 23.25
C GLU C 164 -7.91 -7.86 23.40
N LEU C 165 -8.02 -7.13 24.51
CA LEU C 165 -9.19 -6.23 24.73
C LEU C 165 -9.19 -5.15 23.66
N ARG C 166 -8.00 -4.64 23.31
CA ARG C 166 -7.91 -3.54 22.31
C ARG C 166 -8.42 -4.04 20.97
N THR C 167 -8.08 -5.27 20.59
CA THR C 167 -8.49 -5.83 19.27
C THR C 167 -10.02 -5.92 19.23
N VAL C 168 -10.65 -6.35 20.33
CA VAL C 168 -12.13 -6.52 20.34
C VAL C 168 -12.76 -5.14 20.12
N GLU C 169 -12.19 -4.11 20.74
CA GLU C 169 -12.75 -2.74 20.61
C GLU C 169 -12.68 -2.29 19.15
N SER C 170 -11.53 -2.49 18.50
CA SER C 170 -11.35 -2.06 17.09
C SER C 170 -12.30 -2.81 16.16
N GLU C 171 -12.47 -4.11 16.37
CA GLU C 171 -13.35 -4.92 15.49
C GLU C 171 -14.78 -4.39 15.62
N ALA C 172 -15.19 -4.01 16.83
CA ALA C 172 -16.57 -3.53 17.05
C ALA C 172 -16.81 -2.28 16.22
N ALA C 173 -15.82 -1.39 16.15
CA ALA C 173 -15.95 -0.17 15.34
C ALA C 173 -16.14 -0.56 13.88
N SER C 174 -15.45 -1.61 13.44
CA SER C 174 -15.58 -2.06 12.02
C SER C 174 -17.02 -2.45 11.74
N TYR C 175 -17.67 -3.10 12.70
CA TYR C 175 -19.07 -3.54 12.48
C TYR C 175 -19.96 -2.32 12.27
N LEU C 176 -19.76 -1.28 13.07
CA LEU C 176 -20.59 -0.05 12.95
C LEU C 176 -20.32 0.58 11.58
N ASP C 177 -19.06 0.55 11.14
CA ASP C 177 -18.70 1.13 9.83
C ASP C 177 -19.38 0.37 8.70
N GLN C 178 -19.42 -0.97 8.74
CA GLN C 178 -19.98 -1.75 7.60
C GLN C 178 -21.47 -1.46 7.42
N ILE C 179 -22.20 -1.28 8.52
CA ILE C 179 -23.65 -0.94 8.43
C ILE C 179 -23.77 0.39 7.69
N SER C 180 -22.89 1.34 8.00
CA SER C 180 -22.91 2.66 7.31
C SER C 180 -22.58 2.51 5.83
N ARG C 181 -21.60 1.67 5.49
CA ARG C 181 -21.17 1.52 4.07
C ARG C 181 -22.33 0.96 3.25
N TYR C 182 -23.12 0.04 3.82
CA TYR C 182 -24.22 -0.59 3.04
C TYR C 182 -25.18 0.51 2.61
N TYR C 183 -25.48 1.45 3.50
CA TYR C 183 -26.47 2.47 3.13
C TYR C 183 -25.95 3.30 1.95
N ILE C 184 -24.70 3.75 2.01
CA ILE C 184 -24.16 4.61 0.91
C ILE C 184 -24.11 3.81 -0.40
N THR C 185 -23.64 2.56 -0.34
CA THR C 185 -23.50 1.74 -1.57
C THR C 185 -24.87 1.46 -2.19
N ARG C 186 -25.86 1.12 -1.37
CA ARG C 186 -27.21 0.81 -1.91
C ARG C 186 -27.75 2.08 -2.56
N ALA C 187 -27.47 3.23 -1.95
CA ALA C 187 -28.00 4.49 -2.47
C ALA C 187 -27.42 4.76 -3.86
N LYS C 188 -26.12 4.54 -4.05
CA LYS C 188 -25.50 4.85 -5.34
C LYS C 188 -26.13 3.96 -6.41
N LEU C 189 -26.27 2.67 -6.11
CA LEU C 189 -26.83 1.72 -7.10
C LEU C 189 -28.30 2.07 -7.39
N VAL C 190 -29.08 2.43 -6.36
CA VAL C 190 -30.51 2.81 -6.58
C VAL C 190 -30.56 4.07 -7.44
N SER C 191 -29.62 5.00 -7.21
CA SER C 191 -29.56 6.22 -8.05
C SER C 191 -29.27 5.83 -9.49
N LYS C 192 -28.37 4.86 -9.68
CA LYS C 192 -27.98 4.42 -11.05
C LYS C 192 -29.19 3.85 -11.78
N ILE C 193 -30.06 3.13 -11.07
CA ILE C 193 -31.18 2.46 -11.78
C ILE C 193 -32.00 3.55 -12.47
N ALA C 194 -32.24 4.67 -11.80
CA ALA C 194 -33.10 5.70 -12.41
C ALA C 194 -32.45 6.28 -13.67
N LYS C 195 -31.14 6.57 -13.62
CA LYS C 195 -30.45 7.20 -14.76
C LYS C 195 -30.46 6.26 -15.97
N TYR C 196 -30.22 4.96 -15.74
CA TYR C 196 -30.18 3.98 -16.85
C TYR C 196 -31.21 2.89 -16.56
N PRO C 197 -32.50 3.09 -16.91
CA PRO C 197 -33.52 2.11 -16.56
C PRO C 197 -33.37 0.75 -17.24
N HIS C 198 -32.98 0.73 -18.50
CA HIS C 198 -32.93 -0.54 -19.29
C HIS C 198 -31.96 -1.58 -18.74
N VAL C 199 -30.78 -1.19 -18.24
CA VAL C 199 -29.79 -2.24 -17.85
C VAL C 199 -30.39 -3.08 -16.72
N GLU C 200 -30.55 -4.38 -16.95
CA GLU C 200 -31.12 -5.29 -15.92
C GLU C 200 -30.12 -5.50 -14.80
N ASP C 201 -28.82 -5.51 -15.11
CA ASP C 201 -27.82 -5.85 -14.07
C ASP C 201 -27.89 -4.88 -12.89
N TYR C 202 -28.14 -3.61 -13.15
CA TYR C 202 -28.22 -2.61 -12.05
C TYR C 202 -29.36 -3.02 -11.12
N ARG C 203 -30.50 -3.46 -11.66
CA ARG C 203 -31.61 -3.95 -10.81
C ARG C 203 -31.13 -5.18 -10.05
N ARG C 204 -30.39 -6.07 -10.70
CA ARG C 204 -29.89 -7.31 -10.04
C ARG C 204 -28.93 -6.97 -8.91
N THR C 205 -28.06 -5.98 -9.08
CA THR C 205 -27.06 -5.70 -8.02
C THR C 205 -27.75 -5.28 -6.73
N VAL C 206 -28.80 -4.46 -6.81
CA VAL C 206 -29.46 -3.97 -5.57
C VAL C 206 -30.06 -5.15 -4.81
N THR C 207 -30.63 -6.13 -5.51
CA THR C 207 -31.14 -7.34 -4.81
C THR C 207 -29.99 -8.08 -4.12
N GLU C 208 -28.84 -8.19 -4.80
CA GLU C 208 -27.68 -8.91 -4.23
C GLU C 208 -27.18 -8.20 -2.96
N ILE C 209 -27.12 -6.87 -2.96
CA ILE C 209 -26.59 -6.12 -1.78
C ILE C 209 -27.51 -6.36 -0.58
N ASP C 210 -28.83 -6.42 -0.80
CA ASP C 210 -29.75 -6.73 0.32
C ASP C 210 -29.46 -8.13 0.88
N GLU C 211 -29.28 -9.13 0.01
CA GLU C 211 -29.07 -10.51 0.52
C GLU C 211 -27.73 -10.60 1.26
N LYS C 212 -26.69 -9.94 0.75
CA LYS C 212 -25.35 -10.04 1.39
C LYS C 212 -25.44 -9.45 2.79
N GLU C 213 -26.17 -8.36 2.95
CA GLU C 213 -26.27 -7.69 4.27
C GLU C 213 -26.92 -8.65 5.27
N TYR C 214 -27.93 -9.40 4.85
CA TYR C 214 -28.66 -10.28 5.80
C TYR C 214 -27.69 -11.31 6.39
N ILE C 215 -26.87 -11.94 5.54
CA ILE C 215 -25.90 -12.94 6.04
C ILE C 215 -24.90 -12.24 6.94
N SER C 216 -24.48 -11.02 6.56
CA SER C 216 -23.48 -10.26 7.36
C SER C 216 -24.03 -9.88 8.75
N LEU C 217 -25.28 -9.43 8.84
CA LEU C 217 -25.81 -8.98 10.15
C LEU C 217 -25.86 -10.16 11.11
N ARG C 218 -26.27 -11.33 10.63
CA ARG C 218 -26.34 -12.54 11.49
C ARG C 218 -24.93 -12.89 11.95
N LEU C 219 -23.94 -12.74 11.06
CA LEU C 219 -22.54 -13.02 11.45
C LEU C 219 -22.10 -12.06 12.57
N ILE C 220 -22.51 -10.79 12.51
CA ILE C 220 -22.15 -9.81 13.57
C ILE C 220 -22.75 -10.27 14.91
N ILE C 221 -24.03 -10.67 14.93
CA ILE C 221 -24.66 -11.03 16.23
C ILE C 221 -23.96 -12.26 16.80
N SER C 222 -23.68 -13.24 15.95
CA SER C 222 -23.00 -14.47 16.41
C SER C 222 -21.59 -14.12 16.91
N GLU C 223 -20.89 -13.26 16.19
CA GLU C 223 -19.51 -12.88 16.57
C GLU C 223 -19.50 -12.13 17.91
N LEU C 224 -20.47 -11.22 18.14
CA LEU C 224 -20.54 -10.51 19.44
C LEU C 224 -20.77 -11.52 20.57
N ARG C 225 -21.63 -12.52 20.36
CA ARG C 225 -21.89 -13.57 21.37
C ARG C 225 -20.59 -14.33 21.61
N ASN C 226 -19.84 -14.61 20.54
CA ASN C 226 -18.55 -15.31 20.66
C ASN C 226 -17.60 -14.46 21.53
N GLN C 227 -17.57 -13.16 21.31
CA GLN C 227 -16.62 -12.30 22.05
C GLN C 227 -16.94 -12.37 23.54
N TYR C 228 -18.22 -12.34 23.91
CA TYR C 228 -18.55 -12.27 25.36
C TYR C 228 -18.03 -13.52 26.07
N VAL C 229 -18.28 -14.70 25.52
CA VAL C 229 -17.85 -15.95 26.21
C VAL C 229 -16.32 -16.00 26.24
N THR C 230 -15.67 -15.66 25.12
CA THR C 230 -14.19 -15.74 25.05
C THR C 230 -13.57 -14.75 26.03
N LEU C 231 -14.08 -13.52 26.07
CA LEU C 231 -13.50 -12.49 26.97
C LEU C 231 -13.72 -12.91 28.42
N HIS C 232 -14.95 -13.31 28.76
CA HIS C 232 -15.26 -13.72 30.16
C HIS C 232 -14.23 -14.76 30.58
N ASP C 233 -14.09 -15.83 29.82
CA ASP C 233 -13.17 -16.92 30.24
C ASP C 233 -11.73 -16.41 30.30
N MET C 234 -11.28 -15.65 29.30
CA MET C 234 -9.86 -15.23 29.27
C MET C 234 -9.54 -14.32 30.45
N ILE C 235 -10.39 -13.33 30.72
CA ILE C 235 -10.06 -12.35 31.80
C ILE C 235 -10.02 -13.09 33.13
N LEU C 236 -10.96 -14.01 33.36
CA LEU C 236 -11.02 -14.70 34.68
C LEU C 236 -9.76 -15.53 34.89
N LYS C 237 -9.32 -16.27 33.87
CA LYS C 237 -8.09 -17.11 34.00
C LYS C 237 -6.87 -16.21 34.16
N ASN C 238 -6.77 -15.17 33.34
CA ASN C 238 -5.58 -14.28 33.36
C ASN C 238 -5.48 -13.46 34.64
N ILE C 239 -6.60 -12.99 35.19
CA ILE C 239 -6.53 -12.05 36.35
C ILE C 239 -5.77 -12.71 37.51
N GLU C 240 -5.96 -14.00 37.76
CA GLU C 240 -5.29 -14.58 38.95
C GLU C 240 -3.77 -14.44 38.76
N LYS C 241 -3.28 -14.77 37.57
CA LYS C 241 -1.82 -14.65 37.28
C LYS C 241 -1.40 -13.18 37.35
N ILE C 242 -2.19 -12.28 36.77
CA ILE C 242 -1.81 -10.84 36.71
C ILE C 242 -1.72 -10.31 38.14
N LYS C 243 -2.67 -10.67 38.99
CA LYS C 243 -2.69 -10.13 40.37
C LYS C 243 -1.42 -10.57 41.10
N ARG C 244 -1.03 -11.83 40.91
CA ARG C 244 0.18 -12.36 41.59
C ARG C 244 1.39 -12.18 40.67
N LEU D 4 -14.64 -10.94 45.89
CA LEU D 4 -14.22 -10.14 44.71
C LEU D 4 -14.98 -10.61 43.48
N LEU D 5 -14.48 -11.65 42.81
CA LEU D 5 -15.13 -12.16 41.57
C LEU D 5 -15.84 -13.48 41.87
N LYS D 6 -17.16 -13.52 41.71
CA LYS D 6 -17.95 -14.77 41.93
C LYS D 6 -19.17 -14.70 41.00
N VAL D 7 -19.77 -15.85 40.67
CA VAL D 7 -20.89 -15.84 39.69
C VAL D 7 -22.15 -16.42 40.35
N ASP D 8 -23.31 -15.84 40.03
CA ASP D 8 -24.59 -16.38 40.57
C ASP D 8 -24.72 -17.82 40.06
N GLN D 9 -25.11 -18.75 40.94
CA GLN D 9 -25.18 -20.17 40.53
C GLN D 9 -26.23 -20.32 39.43
N GLU D 10 -27.36 -19.63 39.54
CA GLU D 10 -28.44 -19.82 38.54
C GLU D 10 -27.93 -19.38 37.17
N VAL D 11 -27.26 -18.23 37.10
CA VAL D 11 -26.72 -17.73 35.80
C VAL D 11 -25.67 -18.72 35.30
N LYS D 12 -24.80 -19.21 36.21
CA LYS D 12 -23.71 -20.10 35.77
C LYS D 12 -24.31 -21.38 35.18
N LEU D 13 -25.36 -21.92 35.81
CA LEU D 13 -25.97 -23.17 35.31
C LEU D 13 -26.48 -22.97 33.88
N LYS D 14 -27.15 -21.85 33.63
CA LYS D 14 -27.71 -21.59 32.27
C LYS D 14 -26.57 -21.48 31.27
N VAL D 15 -25.46 -20.83 31.65
CA VAL D 15 -24.28 -20.70 30.75
C VAL D 15 -23.74 -22.10 30.45
N ASP D 16 -23.69 -22.98 31.45
CA ASP D 16 -23.12 -24.34 31.26
C ASP D 16 -23.95 -25.08 30.21
N SER D 17 -25.26 -24.90 30.22
CA SER D 17 -26.11 -25.52 29.18
C SER D 17 -25.74 -24.99 27.79
N PHE D 18 -25.42 -23.69 27.68
CA PHE D 18 -24.97 -23.16 26.37
C PHE D 18 -23.71 -23.89 25.94
N ARG D 19 -22.77 -24.10 26.87
CA ARG D 19 -21.49 -24.75 26.51
C ARG D 19 -21.79 -26.18 26.00
N GLU D 20 -22.69 -26.89 26.68
CA GLU D 20 -23.02 -28.28 26.27
C GLU D 20 -23.68 -28.27 24.89
N ARG D 21 -24.58 -27.32 24.65
CA ARG D 21 -25.30 -27.30 23.36
C ARG D 21 -24.31 -27.07 22.23
N ILE D 22 -23.37 -26.14 22.39
CA ILE D 22 -22.42 -25.83 21.29
C ILE D 22 -21.59 -27.08 21.02
N THR D 23 -21.17 -27.76 22.09
CA THR D 23 -20.30 -28.96 21.92
C THR D 23 -21.05 -30.02 21.12
N SER D 24 -22.32 -30.27 21.45
CA SER D 24 -23.08 -31.34 20.76
C SER D 24 -23.23 -30.99 19.28
N GLU D 25 -23.54 -29.74 18.98
CA GLU D 25 -23.76 -29.35 17.57
C GLU D 25 -22.45 -29.55 16.79
N ALA D 26 -21.32 -29.16 17.38
CA ALA D 26 -20.02 -29.27 16.69
C ALA D 26 -19.69 -30.73 16.40
N GLU D 27 -19.87 -31.61 17.38
CA GLU D 27 -19.45 -33.02 17.18
C GLU D 27 -20.27 -33.61 16.03
N ASP D 28 -21.58 -33.36 16.04
CA ASP D 28 -22.45 -33.88 14.94
C ASP D 28 -22.04 -33.23 13.62
N LEU D 29 -21.73 -31.93 13.62
CA LEU D 29 -21.43 -31.27 12.33
C LEU D 29 -20.17 -31.89 11.71
N VAL D 30 -19.10 -32.06 12.48
CA VAL D 30 -17.83 -32.60 11.91
C VAL D 30 -18.04 -34.05 11.51
N ALA D 31 -18.64 -34.86 12.39
CA ALA D 31 -18.82 -36.31 12.12
C ALA D 31 -19.83 -36.57 11.00
N ASN D 32 -20.95 -35.85 10.96
CA ASN D 32 -21.98 -36.19 9.95
C ASN D 32 -22.17 -35.11 8.89
N PHE D 33 -22.37 -33.84 9.24
CA PHE D 33 -22.69 -32.83 8.20
C PHE D 33 -21.54 -32.67 7.20
N PHE D 34 -20.31 -32.51 7.68
CA PHE D 34 -19.19 -32.25 6.73
C PHE D 34 -19.08 -33.40 5.71
N PRO D 35 -19.04 -34.69 6.10
CA PRO D 35 -18.99 -35.76 5.12
C PRO D 35 -20.20 -35.76 4.17
N LYS D 36 -21.39 -35.49 4.67
CA LYS D 36 -22.59 -35.56 3.79
C LYS D 36 -22.43 -34.53 2.68
N LYS D 37 -21.97 -33.32 3.01
CA LYS D 37 -21.87 -32.24 2.00
C LYS D 37 -20.85 -32.60 0.91
N LEU D 38 -19.76 -33.28 1.28
CA LEU D 38 -18.70 -33.58 0.29
C LEU D 38 -19.33 -34.42 -0.81
N LEU D 39 -20.15 -35.40 -0.43
CA LEU D 39 -20.81 -36.27 -1.43
C LEU D 39 -21.75 -35.42 -2.28
N GLU D 40 -22.52 -34.52 -1.68
CA GLU D 40 -23.52 -33.74 -2.45
C GLU D 40 -22.81 -32.85 -3.48
N LEU D 41 -21.74 -32.16 -3.07
CA LEU D 41 -21.03 -31.22 -3.98
C LEU D 41 -20.35 -31.98 -5.13
N ASP D 42 -19.81 -33.17 -4.85
CA ASP D 42 -19.09 -33.93 -5.91
C ASP D 42 -20.08 -34.28 -7.01
N SER D 43 -21.29 -34.68 -6.64
CA SER D 43 -22.34 -34.98 -7.65
C SER D 43 -22.68 -33.71 -8.43
N PHE D 44 -22.72 -32.56 -7.75
CA PHE D 44 -23.10 -31.28 -8.41
C PHE D 44 -22.10 -30.97 -9.53
N LEU D 45 -20.82 -31.20 -9.28
CA LEU D 45 -19.77 -30.93 -10.31
C LEU D 45 -20.03 -31.84 -11.51
N LYS D 46 -20.41 -33.08 -11.28
CA LYS D 46 -20.65 -34.06 -12.39
C LYS D 46 -21.82 -33.60 -13.26
N GLU D 47 -22.77 -32.85 -12.70
CA GLU D 47 -24.00 -32.48 -13.47
C GLU D 47 -23.62 -31.71 -14.74
N PRO D 48 -24.38 -31.83 -15.83
CA PRO D 48 -24.02 -31.22 -17.12
C PRO D 48 -23.87 -29.70 -17.17
N ILE D 49 -24.67 -28.95 -16.41
CA ILE D 49 -24.64 -27.46 -16.51
C ILE D 49 -23.24 -26.94 -16.16
N LEU D 50 -22.55 -27.54 -15.18
CA LEU D 50 -21.23 -27.03 -14.74
C LEU D 50 -20.11 -27.62 -15.60
N ASN D 51 -20.42 -28.47 -16.58
CA ASN D 51 -19.35 -29.15 -17.37
C ASN D 51 -19.38 -28.76 -18.85
N ILE D 52 -19.93 -27.60 -19.22
CA ILE D 52 -20.07 -27.27 -20.67
C ILE D 52 -18.68 -27.30 -21.34
N HIS D 53 -18.54 -28.05 -22.44
CA HIS D 53 -17.24 -28.18 -23.14
C HIS D 53 -16.82 -26.89 -23.86
N ASP D 54 -17.74 -26.25 -24.59
CA ASP D 54 -17.39 -25.03 -25.37
C ASP D 54 -18.05 -23.81 -24.71
N LEU D 55 -17.31 -22.72 -24.53
CA LEU D 55 -17.87 -21.56 -23.80
C LEU D 55 -18.65 -20.65 -24.76
N THR D 56 -18.73 -21.02 -26.04
CA THR D 56 -19.57 -20.23 -26.98
C THR D 56 -21.04 -20.30 -26.56
N GLN D 57 -21.49 -21.45 -26.04
CA GLN D 57 -22.92 -21.63 -25.66
C GLN D 57 -23.31 -20.68 -24.54
N ILE D 58 -22.46 -20.47 -23.54
CA ILE D 58 -22.84 -19.61 -22.37
C ILE D 58 -23.09 -18.18 -22.85
N HIS D 59 -22.49 -17.78 -23.97
CA HIS D 59 -22.61 -16.37 -24.44
C HIS D 59 -24.08 -16.03 -24.71
N SER D 60 -24.48 -14.79 -24.36
CA SER D 60 -25.88 -14.34 -24.57
C SER D 60 -25.94 -13.38 -25.75
N ASP D 61 -27.11 -13.22 -26.38
CA ASP D 61 -27.23 -12.38 -27.60
C ASP D 61 -27.95 -11.06 -27.27
N MET D 62 -27.39 -9.92 -27.70
CA MET D 62 -28.00 -8.59 -27.44
C MET D 62 -28.02 -7.80 -28.75
N ASN D 63 -28.90 -6.80 -28.85
CA ASN D 63 -29.01 -5.96 -30.08
C ASN D 63 -27.84 -4.96 -30.09
N MET D 108 -28.11 -4.50 -24.29
CA MET D 108 -28.32 -3.36 -23.37
C MET D 108 -29.41 -3.74 -22.35
N LEU D 109 -29.85 -4.99 -22.37
CA LEU D 109 -30.98 -5.34 -21.47
C LEU D 109 -30.74 -6.63 -20.70
N LYS D 110 -31.12 -7.78 -21.26
CA LYS D 110 -31.10 -9.05 -20.49
C LYS D 110 -29.73 -9.45 -19.96
N SER D 111 -29.69 -9.95 -18.73
CA SER D 111 -28.42 -10.47 -18.15
C SER D 111 -28.22 -11.87 -18.73
N ASN D 112 -27.11 -12.53 -18.43
CA ASN D 112 -26.93 -13.87 -19.06
C ASN D 112 -27.75 -14.84 -18.21
N GLN D 113 -28.84 -15.38 -18.77
CA GLN D 113 -29.75 -16.22 -17.95
C GLN D 113 -29.03 -17.49 -17.49
N GLN D 114 -28.23 -18.12 -18.34
CA GLN D 114 -27.62 -19.41 -17.97
C GLN D 114 -26.70 -19.18 -16.77
N LEU D 115 -25.91 -18.10 -16.80
CA LEU D 115 -24.99 -17.80 -15.68
C LEU D 115 -25.77 -17.49 -14.39
N VAL D 116 -26.88 -16.75 -14.50
CA VAL D 116 -27.64 -16.35 -13.29
C VAL D 116 -28.13 -17.60 -12.58
N ASP D 117 -28.63 -18.58 -13.33
CA ASP D 117 -29.19 -19.80 -12.70
C ASP D 117 -28.08 -20.54 -11.94
N ILE D 118 -26.88 -20.62 -12.51
CA ILE D 118 -25.75 -21.33 -11.84
C ILE D 118 -25.43 -20.60 -10.54
N ILE D 119 -25.43 -19.26 -10.56
CA ILE D 119 -25.07 -18.46 -9.36
C ILE D 119 -26.07 -18.76 -8.25
N GLU D 120 -27.35 -18.87 -8.59
CA GLU D 120 -28.39 -19.06 -7.55
C GLU D 120 -28.17 -20.38 -6.80
N LYS D 121 -27.75 -21.43 -7.49
CA LYS D 121 -27.44 -22.72 -6.83
C LYS D 121 -26.20 -22.58 -5.94
N VAL D 122 -25.18 -21.86 -6.41
CA VAL D 122 -23.89 -21.73 -5.67
C VAL D 122 -24.07 -20.93 -4.36
N LYS D 123 -24.89 -19.88 -4.36
CA LYS D 123 -24.96 -18.99 -3.17
C LYS D 123 -25.37 -19.70 -1.88
N PRO D 124 -26.38 -20.59 -1.82
CA PRO D 124 -26.74 -21.22 -0.56
C PRO D 124 -25.57 -22.02 0.02
N GLU D 125 -24.82 -22.72 -0.82
CA GLU D 125 -23.72 -23.59 -0.31
C GLU D 125 -22.66 -22.73 0.38
N ILE D 126 -22.31 -21.58 -0.19
CA ILE D 126 -21.27 -20.69 0.42
C ILE D 126 -21.80 -20.22 1.77
N ARG D 127 -23.08 -19.87 1.84
CA ARG D 127 -23.69 -19.38 3.11
C ARG D 127 -23.60 -20.47 4.17
N LEU D 128 -23.88 -21.73 3.79
CA LEU D 128 -23.89 -22.82 4.79
C LEU D 128 -22.49 -22.96 5.39
N LEU D 129 -21.43 -22.89 4.57
CA LEU D 129 -20.09 -23.12 5.14
C LEU D 129 -19.83 -22.03 6.18
N ILE D 130 -20.22 -20.78 5.89
CA ILE D 130 -19.91 -19.67 6.84
C ILE D 130 -20.61 -19.95 8.16
N GLU D 131 -21.89 -20.32 8.13
CA GLU D 131 -22.65 -20.51 9.39
C GLU D 131 -22.11 -21.71 10.17
N LYS D 132 -21.87 -22.83 9.49
CA LYS D 132 -21.40 -24.07 10.17
C LYS D 132 -20.01 -23.85 10.74
N CYS D 133 -19.12 -23.18 10.00
CA CYS D 133 -17.73 -23.01 10.46
C CYS D 133 -17.72 -22.22 11.76
N ASN D 134 -18.59 -21.21 11.89
CA ASN D 134 -18.53 -20.36 13.11
C ASN D 134 -18.80 -21.24 14.33
N THR D 135 -19.78 -22.14 14.25
CA THR D 135 -20.13 -22.96 15.44
C THR D 135 -18.94 -23.85 15.81
N VAL D 136 -18.31 -24.48 14.81
CA VAL D 136 -17.17 -25.39 15.09
C VAL D 136 -16.02 -24.60 15.71
N LYS D 137 -15.78 -23.38 15.24
CA LYS D 137 -14.62 -22.59 15.73
C LYS D 137 -14.81 -22.33 17.22
N MET D 138 -16.04 -22.02 17.64
CA MET D 138 -16.29 -21.69 19.07
C MET D 138 -16.03 -22.93 19.93
N TRP D 139 -16.40 -24.11 19.42
CA TRP D 139 -16.16 -25.36 20.19
C TRP D 139 -14.65 -25.53 20.42
N VAL D 140 -13.84 -25.26 19.39
CA VAL D 140 -12.36 -25.45 19.53
C VAL D 140 -11.85 -24.48 20.59
N GLN D 141 -12.33 -23.23 20.57
CA GLN D 141 -11.87 -22.21 21.55
C GLN D 141 -12.29 -22.63 22.96
N LEU D 142 -13.51 -23.13 23.11
CA LEU D 142 -14.04 -23.52 24.45
C LEU D 142 -13.22 -24.67 25.04
N LEU D 143 -12.76 -25.61 24.20
CA LEU D 143 -12.06 -26.82 24.72
C LEU D 143 -10.86 -26.39 25.56
N ILE D 144 -10.67 -27.03 26.71
CA ILE D 144 -9.55 -26.65 27.63
C ILE D 144 -8.42 -27.67 27.50
N PRO D 145 -7.16 -27.34 27.10
CA PRO D 145 -6.10 -28.32 27.04
C PRO D 145 -5.24 -28.28 28.32
N PHE D 153 2.43 -27.88 24.46
CA PHE D 153 2.25 -28.55 23.14
C PHE D 153 0.78 -28.54 22.76
N GLY D 154 -0.09 -28.99 23.65
CA GLY D 154 -1.53 -29.07 23.32
C GLY D 154 -2.10 -27.71 23.01
N VAL D 155 -1.67 -26.69 23.76
CA VAL D 155 -2.21 -25.31 23.56
C VAL D 155 -1.84 -24.83 22.14
N SER D 156 -0.62 -25.11 21.69
CA SER D 156 -0.18 -24.66 20.35
C SER D 156 -1.05 -25.31 19.27
N ILE D 157 -1.36 -26.59 19.44
CA ILE D 157 -2.16 -27.32 18.41
C ILE D 157 -3.53 -26.65 18.32
N GLN D 158 -4.10 -26.28 19.47
CA GLN D 158 -5.45 -25.68 19.47
C GLN D 158 -5.41 -24.37 18.70
N GLU D 159 -4.36 -23.57 18.90
CA GLU D 159 -4.27 -22.24 18.24
C GLU D 159 -4.21 -22.43 16.72
N GLU D 160 -3.47 -23.44 16.27
CA GLU D 160 -3.35 -23.71 14.81
C GLU D 160 -4.73 -24.01 14.23
N THR D 161 -5.52 -24.82 14.94
CA THR D 161 -6.85 -25.21 14.42
C THR D 161 -7.75 -23.98 14.29
N VAL D 162 -7.74 -23.09 15.29
CA VAL D 162 -8.62 -21.88 15.25
C VAL D 162 -8.20 -21.00 14.07
N ALA D 163 -6.89 -20.85 13.86
CA ALA D 163 -6.39 -20.01 12.76
C ALA D 163 -6.84 -20.61 11.43
N GLU D 164 -6.74 -21.93 11.29
CA GLU D 164 -7.12 -22.60 10.02
C GLU D 164 -8.62 -22.41 9.78
N LEU D 165 -9.44 -22.58 10.82
CA LEU D 165 -10.90 -22.41 10.68
C LEU D 165 -11.19 -20.96 10.31
N ARG D 166 -10.46 -20.02 10.92
CA ARG D 166 -10.69 -18.57 10.67
C ARG D 166 -10.43 -18.27 9.19
N THR D 167 -9.36 -18.84 8.64
CA THR D 167 -8.99 -18.56 7.22
C THR D 167 -10.12 -19.06 6.30
N VAL D 168 -10.68 -20.23 6.59
CA VAL D 168 -11.74 -20.80 5.70
C VAL D 168 -12.93 -19.85 5.73
N GLU D 169 -13.25 -19.30 6.90
CA GLU D 169 -14.42 -18.38 7.03
C GLU D 169 -14.17 -17.14 6.17
N SER D 170 -12.98 -16.55 6.25
CA SER D 170 -12.67 -15.31 5.49
C SER D 170 -12.71 -15.57 3.98
N GLU D 171 -12.19 -16.71 3.53
CA GLU D 171 -12.17 -17.03 2.09
C GLU D 171 -13.60 -17.14 1.59
N ALA D 172 -14.49 -17.72 2.40
CA ALA D 172 -15.90 -17.92 1.97
C ALA D 172 -16.54 -16.56 1.71
N ALA D 173 -16.23 -15.57 2.56
CA ALA D 173 -16.78 -14.21 2.37
C ALA D 173 -16.28 -13.65 1.04
N SER D 174 -15.03 -13.95 0.69
CA SER D 174 -14.46 -13.46 -0.59
C SER D 174 -15.29 -14.01 -1.76
N TYR D 175 -15.71 -15.26 -1.66
CA TYR D 175 -16.48 -15.88 -2.77
C TYR D 175 -17.79 -15.11 -2.95
N LEU D 176 -18.46 -14.77 -1.85
CA LEU D 176 -19.74 -14.03 -1.92
C LEU D 176 -19.49 -12.66 -2.54
N ASP D 177 -18.37 -12.04 -2.16
CA ASP D 177 -18.03 -10.70 -2.70
C ASP D 177 -17.80 -10.77 -4.22
N GLN D 178 -17.09 -11.79 -4.72
CA GLN D 178 -16.76 -11.84 -6.17
C GLN D 178 -18.03 -11.96 -7.02
N ILE D 179 -19.01 -12.72 -6.55
CA ILE D 179 -20.30 -12.83 -7.29
C ILE D 179 -20.91 -11.44 -7.39
N SER D 180 -20.86 -10.67 -6.30
CA SER D 180 -21.41 -9.29 -6.31
C SER D 180 -20.63 -8.41 -7.27
N ARG D 181 -19.30 -8.51 -7.30
CA ARG D 181 -18.47 -7.63 -8.16
C ARG D 181 -18.81 -7.89 -9.63
N TYR D 182 -19.08 -9.14 -10.00
CA TYR D 182 -19.35 -9.46 -11.42
C TYR D 182 -20.58 -8.66 -11.86
N TYR D 183 -21.61 -8.61 -11.01
CA TYR D 183 -22.84 -7.92 -11.43
C TYR D 183 -22.55 -6.44 -11.68
N ILE D 184 -21.84 -5.78 -10.78
CA ILE D 184 -21.58 -4.32 -10.95
C ILE D 184 -20.72 -4.09 -12.19
N THR D 185 -19.67 -4.90 -12.38
CA THR D 185 -18.74 -4.71 -13.52
C THR D 185 -19.46 -4.94 -14.85
N ARG D 186 -20.28 -5.99 -14.93
CA ARG D 186 -21.00 -6.28 -16.19
C ARG D 186 -21.93 -5.11 -16.47
N ALA D 187 -22.54 -4.57 -15.43
CA ALA D 187 -23.51 -3.47 -15.62
C ALA D 187 -22.79 -2.26 -16.22
N LYS D 188 -21.61 -1.92 -15.72
CA LYS D 188 -20.92 -0.71 -16.20
C LYS D 188 -20.60 -0.90 -17.68
N LEU D 189 -20.08 -2.07 -18.04
CA LEU D 189 -19.69 -2.34 -19.45
C LEU D 189 -20.95 -2.34 -20.33
N VAL D 190 -22.05 -2.93 -19.88
CA VAL D 190 -23.30 -2.95 -20.69
C VAL D 190 -23.79 -1.50 -20.85
N SER D 191 -23.65 -0.69 -19.81
CA SER D 191 -24.04 0.74 -19.91
C SER D 191 -23.16 1.42 -20.96
N LYS D 192 -21.87 1.10 -20.98
CA LYS D 192 -20.93 1.72 -21.93
C LYS D 192 -21.33 1.39 -23.36
N ILE D 193 -21.81 0.17 -23.61
CA ILE D 193 -22.12 -0.22 -25.01
C ILE D 193 -23.15 0.77 -25.56
N ALA D 194 -24.16 1.10 -24.76
CA ALA D 194 -25.22 1.98 -25.29
C ALA D 194 -24.67 3.37 -25.63
N LYS D 195 -23.84 3.93 -24.75
CA LYS D 195 -23.30 5.31 -24.96
C LYS D 195 -22.43 5.34 -26.22
N TYR D 196 -21.60 4.32 -26.42
CA TYR D 196 -20.68 4.29 -27.60
C TYR D 196 -20.96 3.00 -28.38
N PRO D 197 -21.97 2.99 -29.27
CA PRO D 197 -22.34 1.76 -29.97
C PRO D 197 -21.25 1.21 -30.91
N HIS D 198 -20.56 2.09 -31.63
CA HIS D 198 -19.59 1.64 -32.67
C HIS D 198 -18.42 0.83 -32.13
N VAL D 199 -17.86 1.16 -30.97
CA VAL D 199 -16.63 0.45 -30.53
C VAL D 199 -16.96 -1.03 -30.36
N GLU D 200 -16.29 -1.90 -31.12
CA GLU D 200 -16.52 -3.36 -31.04
C GLU D 200 -15.96 -3.91 -29.73
N ASP D 201 -14.86 -3.34 -29.24
CA ASP D 201 -14.19 -3.93 -28.06
C ASP D 201 -15.12 -3.95 -26.84
N TYR D 202 -15.96 -2.93 -26.69
CA TYR D 202 -16.91 -2.90 -25.54
C TYR D 202 -17.84 -4.11 -25.64
N ARG D 203 -18.31 -4.43 -26.85
CA ARG D 203 -19.16 -5.64 -27.03
C ARG D 203 -18.31 -6.88 -26.68
N ARG D 204 -17.05 -6.90 -27.08
CA ARG D 204 -16.17 -8.07 -26.81
C ARG D 204 -15.94 -8.23 -25.31
N THR D 205 -15.79 -7.14 -24.57
CA THR D 205 -15.46 -7.29 -23.12
C THR D 205 -16.62 -7.98 -22.40
N VAL D 206 -17.87 -7.63 -22.72
CA VAL D 206 -19.02 -8.22 -21.98
C VAL D 206 -19.05 -9.73 -22.22
N THR D 207 -18.74 -10.20 -23.43
CA THR D 207 -18.67 -11.66 -23.67
C THR D 207 -17.56 -12.28 -22.82
N GLU D 208 -16.41 -11.61 -22.71
CA GLU D 208 -15.27 -12.15 -21.93
C GLU D 208 -15.65 -12.25 -20.44
N ILE D 209 -16.35 -11.26 -19.89
CA ILE D 209 -16.70 -11.27 -18.44
C ILE D 209 -17.63 -12.45 -18.16
N ASP D 210 -18.56 -12.75 -19.07
CA ASP D 210 -19.43 -13.94 -18.89
C ASP D 210 -18.58 -15.21 -18.86
N GLU D 211 -17.64 -15.37 -19.78
CA GLU D 211 -16.86 -16.64 -19.84
C GLU D 211 -15.99 -16.76 -18.57
N LYS D 212 -15.40 -15.66 -18.11
CA LYS D 212 -14.49 -15.73 -16.94
C LYS D 212 -15.29 -16.17 -15.72
N GLU D 213 -16.52 -15.67 -15.59
CA GLU D 213 -17.35 -16.03 -14.42
C GLU D 213 -17.62 -17.53 -14.43
N TYR D 214 -17.86 -18.12 -15.60
CA TYR D 214 -18.22 -19.57 -15.62
C TYR D 214 -17.07 -20.40 -15.06
N ILE D 215 -15.84 -20.10 -15.48
CA ILE D 215 -14.66 -20.85 -14.96
C ILE D 215 -14.54 -20.59 -13.46
N SER D 216 -14.78 -19.35 -13.04
CA SER D 216 -14.66 -18.99 -11.60
C SER D 216 -15.70 -19.71 -10.74
N LEU D 217 -16.96 -19.80 -11.19
CA LEU D 217 -18.01 -20.42 -10.34
C LEU D 217 -17.68 -21.90 -10.12
N ARG D 218 -17.20 -22.59 -11.16
CA ARG D 218 -16.83 -24.02 -11.04
C ARG D 218 -15.67 -24.14 -10.05
N LEU D 219 -14.73 -23.20 -10.09
CA LEU D 219 -13.59 -23.21 -9.14
C LEU D 219 -14.12 -23.07 -7.70
N ILE D 220 -15.13 -22.23 -7.48
CA ILE D 220 -15.71 -22.05 -6.11
C ILE D 220 -16.31 -23.38 -5.65
N ILE D 221 -17.08 -24.06 -6.50
CA ILE D 221 -17.76 -25.31 -6.03
C ILE D 221 -16.69 -26.35 -5.69
N SER D 222 -15.68 -26.48 -6.55
CA SER D 222 -14.60 -27.46 -6.30
C SER D 222 -13.86 -27.09 -5.02
N GLU D 223 -13.58 -25.81 -4.83
CA GLU D 223 -12.82 -25.36 -3.63
C GLU D 223 -13.63 -25.61 -2.35
N LEU D 224 -14.95 -25.38 -2.37
CA LEU D 224 -15.79 -25.67 -1.17
C LEU D 224 -15.73 -27.18 -0.86
N ARG D 225 -15.79 -28.03 -1.90
CA ARG D 225 -15.70 -29.50 -1.69
C ARG D 225 -14.34 -29.82 -1.09
N ASN D 226 -13.28 -29.15 -1.56
CA ASN D 226 -11.92 -29.35 -1.02
C ASN D 226 -11.91 -28.99 0.45
N GLN D 227 -12.55 -27.88 0.82
CA GLN D 227 -12.51 -27.42 2.23
C GLN D 227 -13.16 -28.48 3.12
N TYR D 228 -14.28 -29.06 2.69
CA TYR D 228 -14.99 -29.99 3.60
C TYR D 228 -14.11 -31.20 3.93
N VAL D 229 -13.48 -31.79 2.91
CA VAL D 229 -12.66 -33.01 3.19
C VAL D 229 -11.45 -32.62 4.04
N THR D 230 -10.81 -31.48 3.71
CA THR D 230 -9.59 -31.06 4.44
C THR D 230 -9.95 -30.75 5.90
N LEU D 231 -11.04 -30.03 6.12
CA LEU D 231 -11.44 -29.64 7.50
C LEU D 231 -11.80 -30.90 8.28
N HIS D 232 -12.63 -31.77 7.69
CA HIS D 232 -13.05 -33.01 8.39
C HIS D 232 -11.79 -33.73 8.88
N ASP D 233 -10.86 -34.01 7.97
CA ASP D 233 -9.67 -34.80 8.37
C ASP D 233 -8.85 -34.04 9.42
N MET D 234 -8.64 -32.74 9.22
CA MET D 234 -7.75 -31.99 10.16
C MET D 234 -8.36 -31.94 11.56
N ILE D 235 -9.65 -31.64 11.66
CA ILE D 235 -10.26 -31.47 13.02
C ILE D 235 -10.20 -32.82 13.73
N LEU D 236 -10.49 -33.91 13.03
CA LEU D 236 -10.53 -35.25 13.69
C LEU D 236 -9.15 -35.61 14.23
N LYS D 237 -8.10 -35.40 13.44
CA LYS D 237 -6.73 -35.74 13.88
C LYS D 237 -6.32 -34.81 15.04
N ASN D 238 -6.59 -33.51 14.89
CA ASN D 238 -6.16 -32.51 15.91
C ASN D 238 -6.92 -32.67 17.22
N ILE D 239 -8.21 -33.00 17.18
CA ILE D 239 -9.01 -32.99 18.45
C ILE D 239 -8.41 -33.96 19.46
N GLU D 240 -7.90 -35.12 19.04
CA GLU D 240 -7.41 -36.07 20.07
C GLU D 240 -6.25 -35.41 20.83
N LYS D 241 -5.34 -34.77 20.10
CA LYS D 241 -4.19 -34.09 20.74
C LYS D 241 -4.69 -32.91 21.60
N ILE D 242 -5.65 -32.13 21.08
CA ILE D 242 -6.13 -30.93 21.81
C ILE D 242 -6.77 -31.38 23.12
N LYS D 243 -7.56 -32.46 23.07
CA LYS D 243 -8.29 -32.91 24.28
C LYS D 243 -7.27 -33.30 25.35
N ARG D 244 -6.21 -33.99 24.95
CA ARG D 244 -5.18 -34.43 25.92
C ARG D 244 -4.06 -33.39 25.98
N LEU E 4 -18.69 -40.39 21.40
CA LEU E 4 -18.47 -38.95 21.08
C LEU E 4 -18.43 -38.77 19.56
N LEU E 5 -17.27 -38.98 18.95
CA LEU E 5 -17.13 -38.80 17.48
C LEU E 5 -17.03 -40.16 16.80
N LYS E 6 -17.99 -40.49 15.93
CA LYS E 6 -17.98 -41.77 15.16
C LYS E 6 -18.69 -41.52 13.83
N VAL E 7 -18.41 -42.33 12.81
CA VAL E 7 -19.00 -42.06 11.46
C VAL E 7 -19.85 -43.25 11.03
N ASP E 8 -20.99 -42.99 10.37
CA ASP E 8 -21.84 -44.10 9.86
C ASP E 8 -20.98 -44.88 8.85
N GLN E 9 -21.02 -46.20 8.92
CA GLN E 9 -20.17 -47.03 8.03
C GLN E 9 -20.57 -46.77 6.58
N GLU E 10 -21.87 -46.68 6.30
CA GLU E 10 -22.32 -46.52 4.90
C GLU E 10 -21.76 -45.20 4.33
N VAL E 11 -21.86 -44.12 5.11
CA VAL E 11 -21.34 -42.80 4.64
C VAL E 11 -19.82 -42.91 4.48
N LYS E 12 -19.15 -43.56 5.43
CA LYS E 12 -17.67 -43.63 5.37
C LYS E 12 -17.25 -44.39 4.11
N LEU E 13 -17.95 -45.47 3.78
CA LEU E 13 -17.58 -46.29 2.59
C LEU E 13 -17.67 -45.41 1.33
N LYS E 14 -18.74 -44.63 1.20
CA LYS E 14 -18.93 -43.77 0.00
C LYS E 14 -17.81 -42.74 -0.06
N VAL E 15 -17.42 -42.17 1.09
CA VAL E 15 -16.31 -41.17 1.13
C VAL E 15 -15.02 -41.85 0.67
N ASP E 16 -14.79 -43.10 1.09
CA ASP E 16 -13.53 -43.80 0.73
C ASP E 16 -13.45 -43.96 -0.78
N SER E 17 -14.58 -44.23 -1.43
CA SER E 17 -14.60 -44.30 -2.92
C SER E 17 -14.19 -42.95 -3.52
N PHE E 18 -14.63 -41.83 -2.92
CA PHE E 18 -14.20 -40.51 -3.43
C PHE E 18 -12.68 -40.41 -3.33
N ARG E 19 -12.11 -40.86 -2.21
CA ARG E 19 -10.65 -40.73 -2.03
C ARG E 19 -9.95 -41.55 -3.11
N GLU E 20 -10.43 -42.76 -3.39
CA GLU E 20 -9.80 -43.63 -4.41
C GLU E 20 -9.92 -42.98 -5.78
N ARG E 21 -11.08 -42.40 -6.10
CA ARG E 21 -11.28 -41.81 -7.43
C ARG E 21 -10.29 -40.66 -7.64
N ILE E 22 -10.14 -39.79 -6.63
CA ILE E 22 -9.25 -38.61 -6.79
C ILE E 22 -7.83 -39.13 -7.00
N THR E 23 -7.43 -40.15 -6.26
CA THR E 23 -6.04 -40.65 -6.36
C THR E 23 -5.79 -41.18 -7.78
N SER E 24 -6.73 -41.93 -8.34
CA SER E 24 -6.53 -42.52 -9.68
C SER E 24 -6.41 -41.42 -10.72
N GLU E 25 -7.26 -40.39 -10.63
CA GLU E 25 -7.23 -39.31 -11.64
C GLU E 25 -5.88 -38.60 -11.56
N ALA E 26 -5.40 -38.34 -10.35
CA ALA E 26 -4.13 -37.61 -10.19
C ALA E 26 -2.96 -38.41 -10.77
N GLU E 27 -2.89 -39.71 -10.49
CA GLU E 27 -1.73 -40.49 -10.96
C GLU E 27 -1.70 -40.48 -12.49
N ASP E 28 -2.86 -40.68 -13.12
CA ASP E 28 -2.93 -40.65 -14.60
C ASP E 28 -2.59 -39.25 -15.09
N LEU E 29 -3.07 -38.21 -14.42
CA LEU E 29 -2.82 -36.84 -14.95
C LEU E 29 -1.32 -36.55 -14.95
N VAL E 30 -0.62 -36.82 -13.85
CA VAL E 30 0.83 -36.48 -13.77
C VAL E 30 1.59 -37.37 -14.75
N ALA E 31 1.33 -38.68 -14.74
CA ALA E 31 2.07 -39.63 -15.61
C ALA E 31 1.77 -39.44 -17.09
N ASN E 32 0.50 -39.21 -17.46
CA ASN E 32 0.18 -39.17 -18.91
C ASN E 32 -0.25 -37.78 -19.39
N PHE E 33 -1.23 -37.13 -18.73
CA PHE E 33 -1.73 -35.85 -19.30
C PHE E 33 -0.64 -34.76 -19.33
N PHE E 34 0.10 -34.58 -18.23
CA PHE E 34 1.10 -33.47 -18.20
C PHE E 34 2.11 -33.66 -19.34
N PRO E 35 2.76 -34.84 -19.53
CA PRO E 35 3.68 -35.01 -20.65
C PRO E 35 3.02 -34.78 -22.02
N LYS E 36 1.80 -35.25 -22.20
CA LYS E 36 1.15 -35.12 -23.54
C LYS E 36 1.03 -33.63 -23.87
N LYS E 37 0.62 -32.82 -22.90
CA LYS E 37 0.39 -31.37 -23.17
C LYS E 37 1.70 -30.67 -23.55
N LEU E 38 2.82 -31.07 -22.92
CA LEU E 38 4.11 -30.37 -23.19
C LEU E 38 4.40 -30.50 -24.67
N LEU E 39 4.20 -31.69 -25.22
CA LEU E 39 4.47 -31.91 -26.67
C LEU E 39 3.51 -31.06 -27.50
N GLU E 40 2.22 -30.99 -27.12
CA GLU E 40 1.25 -30.24 -27.95
C GLU E 40 1.60 -28.76 -27.96
N LEU E 41 1.93 -28.18 -26.80
CA LEU E 41 2.22 -26.72 -26.72
C LEU E 41 3.51 -26.39 -27.49
N ASP E 42 4.51 -27.26 -27.43
CA ASP E 42 5.81 -26.97 -28.10
C ASP E 42 5.55 -26.83 -29.60
N SER E 43 4.72 -27.72 -30.16
CA SER E 43 4.36 -27.63 -31.60
C SER E 43 3.62 -26.32 -31.87
N PHE E 44 2.75 -25.91 -30.95
CA PHE E 44 1.94 -24.68 -31.15
C PHE E 44 2.87 -23.47 -31.29
N LEU E 45 3.92 -23.41 -30.48
CA LEU E 45 4.88 -22.27 -30.56
C LEU E 45 5.54 -22.27 -31.94
N LYS E 46 5.87 -23.45 -32.47
CA LYS E 46 6.55 -23.56 -33.79
C LYS E 46 5.64 -23.05 -34.91
N GLU E 47 4.33 -23.11 -34.74
CA GLU E 47 3.38 -22.74 -35.83
C GLU E 47 3.62 -21.29 -36.26
N PRO E 48 3.42 -20.93 -37.54
CA PRO E 48 3.73 -19.59 -38.05
C PRO E 48 3.01 -18.40 -37.41
N ILE E 49 1.75 -18.56 -37.01
CA ILE E 49 0.98 -17.39 -36.48
C ILE E 49 1.68 -16.80 -35.24
N LEU E 50 2.25 -17.63 -34.38
CA LEU E 50 2.87 -17.14 -33.12
C LEU E 50 4.32 -16.71 -33.37
N ASN E 51 4.84 -16.84 -34.58
CA ASN E 51 6.28 -16.53 -34.83
C ASN E 51 6.47 -15.35 -35.80
N ILE E 52 5.51 -14.43 -35.92
CA ILE E 52 5.64 -13.35 -36.94
C ILE E 52 6.92 -12.56 -36.67
N HIS E 53 7.78 -12.39 -37.68
CA HIS E 53 9.07 -11.66 -37.54
C HIS E 53 8.88 -10.15 -37.33
N ASP E 54 8.02 -9.51 -38.13
CA ASP E 54 7.84 -8.05 -38.04
C ASP E 54 6.47 -7.74 -37.45
N LEU E 55 6.38 -6.83 -36.49
CA LEU E 55 5.08 -6.59 -35.80
C LEU E 55 4.24 -5.58 -36.60
N THR E 56 4.76 -5.09 -37.72
CA THR E 56 3.94 -4.18 -38.57
C THR E 56 2.72 -4.93 -39.10
N GLN E 57 2.87 -6.22 -39.42
CA GLN E 57 1.74 -7.01 -40.00
C GLN E 57 0.56 -7.11 -39.04
N ILE E 58 0.83 -7.32 -37.74
CA ILE E 58 -0.30 -7.51 -36.76
C ILE E 58 -1.14 -6.25 -36.70
N HIS E 59 -0.57 -5.09 -37.02
CA HIS E 59 -1.31 -3.80 -36.91
C HIS E 59 -2.58 -3.82 -37.77
N SER E 60 -3.67 -3.25 -37.27
CA SER E 60 -4.95 -3.20 -38.02
C SER E 60 -5.19 -1.79 -38.55
N ASP E 61 -6.00 -1.65 -39.61
CA ASP E 61 -6.21 -0.31 -40.24
C ASP E 61 -7.60 0.23 -39.89
N MET E 62 -7.66 1.50 -39.45
CA MET E 62 -8.97 2.14 -39.08
C MET E 62 -9.05 3.51 -39.75
N ASN E 63 -10.26 4.04 -39.93
CA ASN E 63 -10.43 5.38 -40.56
C ASN E 63 -10.10 6.47 -39.54
N MET E 108 -12.25 3.17 -35.24
CA MET E 108 -13.32 3.39 -34.23
C MET E 108 -14.25 2.17 -34.23
N LEU E 109 -13.89 1.13 -34.98
CA LEU E 109 -14.83 -0.01 -35.08
C LEU E 109 -14.15 -1.36 -34.88
N LYS E 110 -13.64 -1.97 -35.95
CA LYS E 110 -13.15 -3.37 -35.87
C LYS E 110 -12.01 -3.58 -34.86
N SER E 111 -12.07 -4.69 -34.13
CA SER E 111 -10.96 -5.04 -33.21
C SER E 111 -9.86 -5.66 -34.07
N ASN E 112 -8.70 -5.99 -33.49
CA ASN E 112 -7.64 -6.54 -34.37
C ASN E 112 -7.99 -8.01 -34.58
N GLN E 113 -8.37 -8.39 -35.79
CA GLN E 113 -8.83 -9.78 -36.02
C GLN E 113 -7.71 -10.79 -35.78
N GLN E 114 -6.49 -10.48 -36.22
CA GLN E 114 -5.40 -11.47 -36.08
C GLN E 114 -5.17 -11.77 -34.60
N LEU E 115 -5.14 -10.73 -33.77
CA LEU E 115 -4.92 -10.92 -32.32
C LEU E 115 -6.08 -11.70 -31.69
N VAL E 116 -7.32 -11.41 -32.10
CA VAL E 116 -8.50 -12.09 -31.46
C VAL E 116 -8.39 -13.59 -31.70
N ASP E 117 -8.00 -13.99 -32.92
CA ASP E 117 -7.94 -15.44 -33.24
C ASP E 117 -6.90 -16.13 -32.35
N ILE E 118 -5.74 -15.48 -32.14
CA ILE E 118 -4.66 -16.07 -31.29
C ILE E 118 -5.21 -16.23 -29.86
N ILE E 119 -5.95 -15.23 -29.37
CA ILE E 119 -6.46 -15.27 -27.97
C ILE E 119 -7.40 -16.47 -27.82
N GLU E 120 -8.24 -16.72 -28.83
CA GLU E 120 -9.24 -17.81 -28.71
C GLU E 120 -8.56 -19.17 -28.55
N LYS E 121 -7.44 -19.39 -29.24
CA LYS E 121 -6.66 -20.65 -29.07
C LYS E 121 -6.03 -20.73 -27.68
N VAL E 122 -5.51 -19.60 -27.18
CA VAL E 122 -4.80 -19.58 -25.86
C VAL E 122 -5.76 -19.84 -24.70
N LYS E 123 -6.99 -19.32 -24.74
CA LYS E 123 -7.89 -19.40 -23.56
C LYS E 123 -8.19 -20.84 -23.11
N PRO E 124 -8.50 -21.84 -23.98
CA PRO E 124 -8.79 -23.17 -23.49
C PRO E 124 -7.61 -23.76 -22.72
N GLU E 125 -6.39 -23.54 -23.20
CA GLU E 125 -5.20 -24.16 -22.55
C GLU E 125 -5.06 -23.64 -21.11
N ILE E 126 -5.26 -22.34 -20.90
CA ILE E 126 -5.12 -21.75 -19.52
C ILE E 126 -6.19 -22.39 -18.63
N ARG E 127 -7.40 -22.56 -19.16
CA ARG E 127 -8.51 -23.15 -18.37
C ARG E 127 -8.15 -24.58 -17.98
N LEU E 128 -7.56 -25.35 -18.90
CA LEU E 128 -7.25 -26.76 -18.58
C LEU E 128 -6.25 -26.82 -17.42
N LEU E 129 -5.24 -25.96 -17.41
CA LEU E 129 -4.23 -26.06 -16.33
C LEU E 129 -4.94 -25.82 -15.00
N ILE E 130 -5.85 -24.85 -14.95
CA ILE E 130 -6.51 -24.52 -13.65
C ILE E 130 -7.28 -25.75 -13.18
N GLU E 131 -8.07 -26.37 -14.06
CA GLU E 131 -8.92 -27.51 -13.62
C GLU E 131 -8.05 -28.71 -13.20
N LYS E 132 -7.04 -29.04 -14.02
CA LYS E 132 -6.19 -30.23 -13.73
C LYS E 132 -5.39 -30.00 -12.44
N CYS E 133 -4.87 -28.79 -12.25
CA CYS E 133 -4.01 -28.53 -11.07
C CYS E 133 -4.82 -28.74 -9.80
N ASN E 134 -6.09 -28.33 -9.80
CA ASN E 134 -6.88 -28.44 -8.53
C ASN E 134 -6.96 -29.91 -8.13
N THR E 135 -7.20 -30.82 -9.08
CA THR E 135 -7.35 -32.25 -8.73
C THR E 135 -6.04 -32.78 -8.13
N VAL E 136 -4.91 -32.44 -8.75
CA VAL E 136 -3.59 -32.95 -8.28
C VAL E 136 -3.34 -32.40 -6.87
N LYS E 137 -3.68 -31.14 -6.61
CA LYS E 137 -3.37 -30.52 -5.29
C LYS E 137 -4.10 -31.31 -4.21
N MET E 138 -5.35 -31.68 -4.46
CA MET E 138 -6.15 -32.40 -3.42
C MET E 138 -5.50 -33.75 -3.13
N TRP E 139 -4.98 -34.42 -4.16
CA TRP E 139 -4.32 -35.73 -3.95
C TRP E 139 -3.13 -35.54 -3.00
N VAL E 140 -2.34 -34.48 -3.20
CA VAL E 140 -1.13 -34.26 -2.36
C VAL E 140 -1.59 -34.05 -0.92
N GLN E 141 -2.64 -33.26 -0.72
CA GLN E 141 -3.14 -32.97 0.65
C GLN E 141 -3.65 -34.26 1.30
N LEU E 142 -4.36 -35.09 0.53
CA LEU E 142 -4.94 -36.35 1.08
C LEU E 142 -3.84 -37.31 1.51
N LEU E 143 -2.71 -37.35 0.79
CA LEU E 143 -1.65 -38.34 1.10
C LEU E 143 -1.20 -38.19 2.55
N ILE E 144 -1.03 -39.30 3.26
CA ILE E 144 -0.65 -39.26 4.70
C ILE E 144 0.85 -39.60 4.84
N PRO E 145 1.75 -38.72 5.38
CA PRO E 145 3.15 -39.09 5.53
C PRO E 145 3.41 -39.59 6.96
N PHE E 153 10.27 -34.67 8.53
CA PHE E 153 10.90 -34.39 7.21
C PHE E 153 9.86 -34.59 6.11
N GLY E 154 9.17 -35.74 6.10
CA GLY E 154 8.20 -36.02 5.03
C GLY E 154 7.09 -34.99 5.02
N VAL E 155 6.63 -34.58 6.20
CA VAL E 155 5.51 -33.59 6.29
C VAL E 155 5.93 -32.28 5.63
N SER E 156 7.18 -31.85 5.87
CA SER E 156 7.65 -30.56 5.31
C SER E 156 7.66 -30.64 3.78
N ILE E 157 8.08 -31.78 3.23
CA ILE E 157 8.16 -31.92 1.75
C ILE E 157 6.76 -31.78 1.19
N GLN E 158 5.77 -32.38 1.85
CA GLN E 158 4.38 -32.35 1.34
C GLN E 158 3.90 -30.90 1.30
N GLU E 159 4.21 -30.12 2.35
CA GLU E 159 3.74 -28.71 2.42
C GLU E 159 4.34 -27.91 1.27
N GLU E 160 5.61 -28.16 0.94
CA GLU E 160 6.28 -27.42 -0.15
C GLU E 160 5.54 -27.71 -1.46
N THR E 161 5.17 -28.96 -1.69
CA THR E 161 4.51 -29.33 -2.97
C THR E 161 3.17 -28.61 -3.09
N VAL E 162 2.39 -28.57 -2.01
CA VAL E 162 1.04 -27.92 -2.04
C VAL E 162 1.22 -26.44 -2.34
N ALA E 163 2.21 -25.80 -1.71
CA ALA E 163 2.44 -24.36 -1.92
C ALA E 163 2.82 -24.11 -3.38
N GLU E 164 3.68 -24.97 -3.94
CA GLU E 164 4.13 -24.81 -5.34
C GLU E 164 2.93 -24.97 -6.29
N LEU E 165 2.08 -25.97 -6.04
CA LEU E 165 0.89 -26.21 -6.89
C LEU E 165 -0.04 -24.99 -6.75
N ARG E 166 -0.17 -24.46 -5.54
CA ARG E 166 -1.09 -23.31 -5.29
C ARG E 166 -0.62 -22.11 -6.11
N THR E 167 0.69 -21.87 -6.16
CA THR E 167 1.25 -20.69 -6.88
C THR E 167 0.92 -20.83 -8.38
N VAL E 168 1.04 -22.03 -8.93
CA VAL E 168 0.80 -22.23 -10.39
C VAL E 168 -0.67 -21.90 -10.66
N GLU E 169 -1.56 -22.31 -9.77
CA GLU E 169 -3.02 -22.05 -9.97
C GLU E 169 -3.28 -20.54 -9.98
N SER E 170 -2.70 -19.81 -9.03
CA SER E 170 -2.92 -18.34 -8.94
C SER E 170 -2.37 -17.63 -10.17
N GLU E 171 -1.20 -18.03 -10.65
CA GLU E 171 -0.57 -17.37 -11.83
C GLU E 171 -1.49 -17.58 -13.03
N ALA E 172 -2.09 -18.77 -13.16
CA ALA E 172 -2.95 -19.07 -14.32
C ALA E 172 -4.13 -18.10 -14.35
N ALA E 173 -4.69 -17.81 -13.17
CA ALA E 173 -5.82 -16.86 -13.10
C ALA E 173 -5.35 -15.49 -13.58
N SER E 174 -4.12 -15.12 -13.26
CA SER E 174 -3.57 -13.80 -13.69
C SER E 174 -3.57 -13.73 -15.21
N TYR E 175 -3.22 -14.84 -15.87
CA TYR E 175 -3.16 -14.85 -17.36
C TYR E 175 -4.55 -14.56 -17.91
N LEU E 176 -5.58 -15.18 -17.34
CA LEU E 176 -6.97 -14.99 -17.82
C LEU E 176 -7.35 -13.53 -17.61
N ASP E 177 -6.93 -12.96 -16.47
CA ASP E 177 -7.26 -11.55 -16.16
C ASP E 177 -6.60 -10.60 -17.17
N GLN E 178 -5.34 -10.84 -17.55
CA GLN E 178 -4.63 -9.89 -18.44
C GLN E 178 -5.30 -9.83 -19.81
N ILE E 179 -5.78 -10.97 -20.31
CA ILE E 179 -6.49 -10.99 -21.62
C ILE E 179 -7.73 -10.09 -21.49
N SER E 180 -8.43 -10.18 -20.36
CA SER E 180 -9.63 -9.33 -20.13
C SER E 180 -9.23 -7.85 -20.08
N ARG E 181 -8.13 -7.51 -19.40
CA ARG E 181 -7.73 -6.10 -19.23
C ARG E 181 -7.42 -5.49 -20.61
N TYR E 182 -6.82 -6.26 -21.51
CA TYR E 182 -6.44 -5.71 -22.83
C TYR E 182 -7.71 -5.23 -23.52
N TYR E 183 -8.78 -6.00 -23.44
CA TYR E 183 -10.01 -5.61 -24.18
C TYR E 183 -10.54 -4.28 -23.64
N ILE E 184 -10.61 -4.14 -22.31
CA ILE E 184 -11.18 -2.88 -21.73
C ILE E 184 -10.27 -1.71 -22.07
N THR E 185 -8.95 -1.87 -21.94
CA THR E 185 -8.00 -0.76 -22.19
C THR E 185 -8.05 -0.34 -23.66
N ARG E 186 -8.08 -1.30 -24.59
CA ARG E 186 -8.10 -0.95 -26.02
C ARG E 186 -9.40 -0.21 -26.29
N ALA E 187 -10.48 -0.63 -25.64
CA ALA E 187 -11.78 0.01 -25.90
C ALA E 187 -11.72 1.48 -25.48
N LYS E 188 -11.14 1.76 -24.32
CA LYS E 188 -11.14 3.17 -23.82
C LYS E 188 -10.36 4.02 -24.80
N LEU E 189 -9.19 3.54 -25.24
CA LEU E 189 -8.33 4.32 -26.17
C LEU E 189 -9.04 4.49 -27.52
N VAL E 190 -9.71 3.45 -28.02
CA VAL E 190 -10.44 3.55 -29.32
C VAL E 190 -11.58 4.57 -29.15
N SER E 191 -12.23 4.57 -27.99
CA SER E 191 -13.30 5.57 -27.73
C SER E 191 -12.68 6.97 -27.75
N LYS E 192 -11.49 7.12 -27.18
CA LYS E 192 -10.83 8.45 -27.10
C LYS E 192 -10.55 8.95 -28.52
N ILE E 193 -10.17 8.07 -29.44
CA ILE E 193 -9.77 8.55 -30.78
C ILE E 193 -10.97 9.29 -31.37
N ALA E 194 -12.16 8.75 -31.22
CA ALA E 194 -13.33 9.41 -31.86
C ALA E 194 -13.57 10.79 -31.26
N LYS E 195 -13.50 10.93 -29.94
CA LYS E 195 -13.79 12.23 -29.27
C LYS E 195 -12.77 13.28 -29.70
N TYR E 196 -11.49 12.90 -29.78
CA TYR E 196 -10.42 13.86 -30.15
C TYR E 196 -9.70 13.31 -31.38
N PRO E 197 -10.20 13.54 -32.61
CA PRO E 197 -9.60 12.96 -33.80
C PRO E 197 -8.18 13.45 -34.09
N HIS E 198 -7.92 14.74 -33.90
CA HIS E 198 -6.62 15.34 -34.30
C HIS E 198 -5.40 14.76 -33.56
N VAL E 199 -5.50 14.47 -32.27
CA VAL E 199 -4.27 14.04 -31.54
C VAL E 199 -3.76 12.75 -32.17
N GLU E 200 -2.53 12.77 -32.69
CA GLU E 200 -1.92 11.59 -33.34
C GLU E 200 -1.55 10.55 -32.27
N ASP E 201 -1.16 11.00 -31.09
CA ASP E 201 -0.66 10.04 -30.07
C ASP E 201 -1.72 9.01 -29.70
N TYR E 202 -2.99 9.41 -29.66
CA TYR E 202 -4.07 8.45 -29.32
C TYR E 202 -4.09 7.35 -30.39
N ARG E 203 -3.93 7.71 -31.66
CA ARG E 203 -3.86 6.68 -32.72
C ARG E 203 -2.62 5.81 -32.48
N ARG E 204 -1.51 6.41 -32.09
CA ARG E 204 -0.25 5.65 -31.86
C ARG E 204 -0.42 4.69 -30.68
N THR E 205 -1.12 5.08 -29.62
CA THR E 205 -1.21 4.19 -28.44
C THR E 205 -1.94 2.89 -28.82
N VAL E 206 -3.00 2.97 -29.62
CA VAL E 206 -3.79 1.75 -29.94
C VAL E 206 -2.90 0.77 -30.72
N THR E 207 -2.04 1.26 -31.62
CA THR E 207 -1.11 0.35 -32.32
C THR E 207 -0.15 -0.29 -31.31
N GLU E 208 0.34 0.47 -30.34
CA GLU E 208 1.29 -0.06 -29.34
C GLU E 208 0.63 -1.15 -28.50
N ILE E 209 -0.63 -0.96 -28.10
CA ILE E 209 -1.32 -1.96 -27.22
C ILE E 209 -1.47 -3.28 -28.00
N ASP E 210 -1.76 -3.22 -29.30
CA ASP E 210 -1.82 -4.46 -30.11
C ASP E 210 -0.46 -5.16 -30.11
N GLU E 211 0.64 -4.44 -30.33
CA GLU E 211 1.97 -5.10 -30.41
C GLU E 211 2.33 -5.70 -29.05
N LYS E 212 2.05 -4.99 -27.96
CA LYS E 212 2.44 -5.49 -26.62
C LYS E 212 1.71 -6.80 -26.35
N GLU E 213 0.44 -6.88 -26.74
CA GLU E 213 -0.35 -8.10 -26.47
C GLU E 213 0.29 -9.28 -27.20
N TYR E 214 0.77 -9.08 -28.43
CA TYR E 214 1.31 -10.22 -29.21
C TYR E 214 2.50 -10.84 -28.48
N ILE E 215 3.42 -10.00 -27.99
CA ILE E 215 4.60 -10.51 -27.24
C ILE E 215 4.09 -11.21 -25.97
N SER E 216 3.10 -10.62 -25.30
CA SER E 216 2.56 -11.20 -24.05
C SER E 216 1.92 -12.56 -24.28
N LEU E 217 1.12 -12.73 -25.33
CA LEU E 217 0.40 -14.01 -25.54
C LEU E 217 1.43 -15.13 -25.76
N ARG E 218 2.48 -14.86 -26.53
CA ARG E 218 3.53 -15.88 -26.79
C ARG E 218 4.21 -16.23 -25.47
N LEU E 219 4.43 -15.23 -24.61
CA LEU E 219 5.04 -15.49 -23.28
C LEU E 219 4.13 -16.41 -22.46
N ILE E 220 2.81 -16.23 -22.53
CA ILE E 220 1.86 -17.11 -21.78
C ILE E 220 2.01 -18.54 -22.28
N ILE E 221 2.03 -18.76 -23.60
CA ILE E 221 2.07 -20.16 -24.12
C ILE E 221 3.38 -20.81 -23.68
N SER E 222 4.48 -20.08 -23.80
CA SER E 222 5.80 -20.63 -23.40
C SER E 222 5.80 -20.92 -21.89
N GLU E 223 5.24 -20.01 -21.10
CA GLU E 223 5.22 -20.20 -19.63
C GLU E 223 4.36 -21.40 -19.24
N LEU E 224 3.22 -21.62 -19.90
CA LEU E 224 2.38 -22.81 -19.59
C LEU E 224 3.17 -24.08 -19.91
N ARG E 225 3.90 -24.10 -21.03
CA ARG E 225 4.73 -25.28 -21.40
C ARG E 225 5.80 -25.47 -20.33
N ASN E 226 6.37 -24.37 -19.84
CA ASN E 226 7.39 -24.45 -18.76
C ASN E 226 6.76 -25.08 -17.52
N GLN E 227 5.54 -24.68 -17.18
CA GLN E 227 4.91 -25.19 -15.94
C GLN E 227 4.73 -26.71 -16.06
N TYR E 228 4.31 -27.21 -17.22
CA TYR E 228 4.01 -28.66 -17.31
C TYR E 228 5.27 -29.47 -17.04
N VAL E 229 6.38 -29.11 -17.67
CA VAL E 229 7.63 -29.92 -17.48
C VAL E 229 8.10 -29.79 -16.03
N THR E 230 8.06 -28.58 -15.48
CA THR E 230 8.55 -28.35 -14.10
C THR E 230 7.68 -29.12 -13.11
N LEU E 231 6.36 -29.04 -13.27
CA LEU E 231 5.44 -29.72 -12.32
C LEU E 231 5.63 -31.23 -12.44
N HIS E 232 5.64 -31.76 -13.67
CA HIS E 232 5.81 -33.22 -13.87
C HIS E 232 7.04 -33.67 -13.10
N ASP E 233 8.18 -33.05 -13.35
CA ASP E 233 9.44 -33.51 -12.71
C ASP E 233 9.34 -33.36 -11.19
N MET E 234 8.84 -32.21 -10.70
CA MET E 234 8.84 -31.97 -9.24
C MET E 234 7.93 -32.98 -8.52
N ILE E 235 6.72 -33.20 -9.04
CA ILE E 235 5.77 -34.09 -8.32
C ILE E 235 6.36 -35.49 -8.29
N LEU E 236 6.94 -35.95 -9.39
CA LEU E 236 7.45 -37.34 -9.44
C LEU E 236 8.57 -37.54 -8.42
N LYS E 237 9.50 -36.58 -8.34
CA LYS E 237 10.63 -36.69 -7.37
C LYS E 237 10.09 -36.59 -5.94
N ASN E 238 9.21 -35.63 -5.70
CA ASN E 238 8.69 -35.40 -4.32
C ASN E 238 7.80 -36.54 -3.83
N ILE E 239 7.00 -37.14 -4.71
CA ILE E 239 6.00 -38.14 -4.22
C ILE E 239 6.71 -39.29 -3.51
N GLU E 240 7.87 -39.74 -3.99
CA GLU E 240 8.48 -40.92 -3.33
C GLU E 240 8.80 -40.55 -1.88
N LYS E 241 9.36 -39.36 -1.66
CA LYS E 241 9.68 -38.91 -0.28
C LYS E 241 8.38 -38.72 0.52
N ILE E 242 7.36 -38.12 -0.09
CA ILE E 242 6.10 -37.83 0.65
C ILE E 242 5.47 -39.15 1.09
N LYS E 243 5.47 -40.14 0.19
CA LYS E 243 4.80 -41.43 0.50
C LYS E 243 5.50 -42.07 1.70
N ARG E 244 6.84 -42.02 1.73
CA ARG E 244 7.60 -42.63 2.85
C ARG E 244 7.86 -41.56 3.92
N LEU F 4 1.72 -48.27 -10.32
CA LEU F 4 1.19 -46.96 -9.87
C LEU F 4 1.55 -45.88 -10.90
N LEU F 5 2.76 -45.32 -10.79
CA LEU F 5 3.19 -44.25 -11.72
C LEU F 5 4.23 -44.80 -12.70
N LYS F 6 3.92 -44.79 -14.00
CA LYS F 6 4.87 -45.26 -15.05
C LYS F 6 4.58 -44.48 -16.32
N VAL F 7 5.53 -44.37 -17.23
CA VAL F 7 5.32 -43.52 -18.44
C VAL F 7 5.45 -44.39 -19.70
N ASP F 8 4.61 -44.13 -20.72
CA ASP F 8 4.73 -44.87 -21.99
C ASP F 8 6.12 -44.58 -22.56
N GLN F 9 6.81 -45.61 -23.05
CA GLN F 9 8.19 -45.42 -23.54
C GLN F 9 8.17 -44.46 -24.74
N GLU F 10 7.18 -44.61 -25.63
CA GLU F 10 7.16 -43.77 -26.85
C GLU F 10 7.03 -42.30 -26.44
N VAL F 11 6.12 -42.00 -25.51
CA VAL F 11 5.92 -40.59 -25.05
C VAL F 11 7.21 -40.12 -24.37
N LYS F 12 7.82 -40.98 -23.56
CA LYS F 12 9.03 -40.56 -22.80
C LYS F 12 10.14 -40.22 -23.78
N LEU F 13 10.29 -41.03 -24.84
CA LEU F 13 11.39 -40.78 -25.82
C LEU F 13 11.20 -39.40 -26.46
N LYS F 14 9.96 -39.07 -26.85
CA LYS F 14 9.71 -37.76 -27.50
C LYS F 14 10.01 -36.62 -26.52
N VAL F 15 9.65 -36.80 -25.24
CA VAL F 15 9.95 -35.76 -24.21
C VAL F 15 11.46 -35.60 -24.09
N ASP F 16 12.22 -36.70 -24.14
CA ASP F 16 13.69 -36.63 -23.97
C ASP F 16 14.28 -35.78 -25.10
N SER F 17 13.74 -35.92 -26.31
CA SER F 17 14.21 -35.08 -27.44
C SER F 17 13.95 -33.60 -27.14
N PHE F 18 12.81 -33.27 -26.51
CA PHE F 18 12.56 -31.86 -26.14
C PHE F 18 13.65 -31.40 -25.18
N ARG F 19 14.01 -32.25 -24.21
CA ARG F 19 15.02 -31.83 -23.22
C ARG F 19 16.35 -31.56 -23.93
N GLU F 20 16.72 -32.43 -24.88
CA GLU F 20 18.00 -32.25 -25.62
C GLU F 20 17.95 -30.97 -26.44
N ARG F 21 16.82 -30.69 -27.08
CA ARG F 21 16.73 -29.50 -27.96
C ARG F 21 16.91 -28.25 -27.10
N ILE F 22 16.25 -28.18 -25.95
CA ILE F 22 16.33 -26.95 -25.11
C ILE F 22 17.79 -26.77 -24.68
N THR F 23 18.45 -27.86 -24.30
CA THR F 23 19.84 -27.76 -23.81
C THR F 23 20.74 -27.20 -24.92
N SER F 24 20.59 -27.70 -26.14
CA SER F 24 21.47 -27.25 -27.25
C SER F 24 21.25 -25.76 -27.51
N GLU F 25 20.00 -25.33 -27.52
CA GLU F 25 19.70 -23.90 -27.83
C GLU F 25 20.33 -23.03 -26.75
N ALA F 26 20.22 -23.44 -25.48
CA ALA F 26 20.75 -22.62 -24.37
C ALA F 26 22.27 -22.50 -24.47
N GLU F 27 22.96 -23.61 -24.73
CA GLU F 27 24.44 -23.56 -24.73
C GLU F 27 24.89 -22.60 -25.83
N ASP F 28 24.30 -22.71 -27.01
CA ASP F 28 24.66 -21.80 -28.14
C ASP F 28 24.30 -20.37 -27.77
N LEU F 29 23.15 -20.16 -27.13
CA LEU F 29 22.73 -18.76 -26.86
C LEU F 29 23.73 -18.10 -25.91
N VAL F 30 24.10 -18.77 -24.81
CA VAL F 30 25.02 -18.13 -23.83
C VAL F 30 26.40 -17.97 -24.45
N ALA F 31 26.91 -19.01 -25.11
CA ALA F 31 28.27 -18.96 -25.70
C ALA F 31 28.37 -18.01 -26.89
N ASN F 32 27.37 -17.99 -27.77
CA ASN F 32 27.52 -17.16 -29.00
C ASN F 32 26.55 -15.97 -29.05
N PHE F 33 25.24 -16.19 -28.86
CA PHE F 33 24.30 -15.05 -29.06
C PHE F 33 24.55 -13.92 -28.05
N PHE F 34 24.70 -14.23 -26.77
CA PHE F 34 24.85 -13.14 -25.77
C PHE F 34 26.08 -12.28 -26.11
N PRO F 35 27.29 -12.84 -26.35
CA PRO F 35 28.42 -12.00 -26.72
C PRO F 35 28.19 -11.20 -28.00
N LYS F 36 27.55 -11.79 -29.00
CA LYS F 36 27.38 -11.07 -30.29
C LYS F 36 26.55 -9.81 -30.03
N LYS F 37 25.49 -9.93 -29.23
CA LYS F 37 24.58 -8.77 -29.00
C LYS F 37 25.33 -7.64 -28.27
N LEU F 38 26.23 -7.98 -27.35
CA LEU F 38 26.92 -6.92 -26.56
C LEU F 38 27.66 -6.03 -27.54
N LEU F 39 28.33 -6.62 -28.52
CA LEU F 39 29.08 -5.82 -29.51
C LEU F 39 28.09 -4.97 -30.32
N GLU F 40 26.96 -5.54 -30.73
CA GLU F 40 26.02 -4.78 -31.60
C GLU F 40 25.47 -3.56 -30.83
N LEU F 41 25.06 -3.75 -29.57
CA LEU F 41 24.45 -2.65 -28.78
C LEU F 41 25.49 -1.55 -28.51
N ASP F 42 26.75 -1.93 -28.24
CA ASP F 42 27.78 -0.92 -27.91
C ASP F 42 27.95 0.01 -29.10
N SER F 43 27.96 -0.54 -30.31
CA SER F 43 28.06 0.30 -31.53
C SER F 43 26.83 1.20 -31.63
N PHE F 44 25.66 0.69 -31.28
CA PHE F 44 24.41 1.47 -31.42
C PHE F 44 24.50 2.73 -30.53
N LEU F 45 25.04 2.59 -29.32
CA LEU F 45 25.17 3.75 -28.41
C LEU F 45 26.08 4.79 -29.06
N LYS F 46 27.15 4.35 -29.72
CA LYS F 46 28.14 5.28 -30.35
C LYS F 46 27.47 6.06 -31.48
N GLU F 47 26.43 5.52 -32.11
CA GLU F 47 25.81 6.19 -33.29
C GLU F 47 25.31 7.58 -32.91
N PRO F 48 25.33 8.57 -33.84
CA PRO F 48 24.98 9.95 -33.51
C PRO F 48 23.56 10.22 -32.98
N ILE F 49 22.56 9.49 -33.45
CA ILE F 49 21.15 9.80 -33.04
C ILE F 49 21.00 9.68 -31.51
N LEU F 50 21.67 8.71 -30.89
CA LEU F 50 21.49 8.49 -29.42
C LEU F 50 22.46 9.38 -28.62
N ASN F 51 23.29 10.19 -29.28
CA ASN F 51 24.31 10.99 -28.55
C ASN F 51 24.08 12.51 -28.68
N ILE F 52 22.85 12.97 -28.96
CA ILE F 52 22.66 14.43 -29.22
C ILE F 52 23.13 15.22 -28.00
N HIS F 53 23.99 16.22 -28.21
CA HIS F 53 24.55 17.05 -27.09
C HIS F 53 23.50 17.97 -26.47
N ASP F 54 22.72 18.68 -27.29
CA ASP F 54 21.73 19.64 -26.75
C ASP F 54 20.32 19.09 -26.96
N LEU F 55 19.46 19.16 -25.95
CA LEU F 55 18.12 18.53 -26.08
C LEU F 55 17.13 19.51 -26.73
N THR F 56 17.59 20.71 -27.08
CA THR F 56 16.71 21.66 -27.81
C THR F 56 16.33 21.06 -29.17
N GLN F 57 17.24 20.36 -29.82
CA GLN F 57 16.99 19.80 -31.18
C GLN F 57 15.85 18.78 -31.17
N ILE F 58 15.78 17.91 -30.14
CA ILE F 58 14.74 16.84 -30.13
C ILE F 58 13.35 17.48 -30.07
N HIS F 59 13.25 18.70 -29.54
CA HIS F 59 11.92 19.35 -29.36
C HIS F 59 11.21 19.50 -30.71
N SER F 60 9.89 19.28 -30.72
CA SER F 60 9.09 19.40 -31.97
C SER F 60 8.27 20.69 -31.95
N ASP F 61 7.87 21.20 -33.11
CA ASP F 61 7.15 22.50 -33.18
C ASP F 61 5.67 22.27 -33.48
N MET F 62 4.78 22.92 -32.72
CA MET F 62 3.30 22.77 -32.91
C MET F 62 2.67 24.17 -32.91
N ASN F 63 1.49 24.31 -33.51
CA ASN F 63 0.79 25.62 -33.57
C ASN F 63 0.15 25.91 -32.20
N MET F 108 -0.96 20.22 -31.51
CA MET F 108 -2.19 19.44 -31.29
C MET F 108 -2.23 18.27 -32.26
N LEU F 109 -1.16 18.07 -33.02
CA LEU F 109 -1.24 17.02 -34.07
C LEU F 109 -0.01 16.11 -34.07
N LYS F 110 1.05 16.47 -34.80
CA LYS F 110 2.18 15.53 -35.01
C LYS F 110 2.88 15.10 -33.72
N SER F 111 3.25 13.82 -33.63
CA SER F 111 4.03 13.33 -32.49
C SER F 111 5.49 13.72 -32.74
N ASN F 112 6.40 13.47 -31.81
CA ASN F 112 7.79 13.92 -32.07
C ASN F 112 8.40 12.87 -32.99
N GLN F 113 8.67 13.22 -34.24
CA GLN F 113 9.16 12.20 -35.21
C GLN F 113 10.51 11.64 -34.79
N GLN F 114 11.42 12.50 -34.32
CA GLN F 114 12.78 12.01 -34.00
C GLN F 114 12.70 10.96 -32.89
N LEU F 115 11.89 11.22 -31.87
CA LEU F 115 11.74 10.26 -30.74
C LEU F 115 11.09 8.96 -31.24
N VAL F 116 10.08 9.05 -32.12
CA VAL F 116 9.37 7.82 -32.56
C VAL F 116 10.36 6.90 -33.26
N ASP F 117 11.23 7.46 -34.09
CA ASP F 117 12.19 6.60 -34.85
C ASP F 117 13.12 5.87 -33.88
N ILE F 118 13.59 6.56 -32.84
CA ILE F 118 14.51 5.93 -31.85
C ILE F 118 13.76 4.78 -31.16
N ILE F 119 12.48 4.99 -30.83
CA ILE F 119 11.70 3.95 -30.10
C ILE F 119 11.59 2.70 -30.97
N GLU F 120 11.37 2.88 -32.28
CA GLU F 120 11.17 1.72 -33.17
C GLU F 120 12.41 0.83 -33.19
N LYS F 121 13.62 1.41 -33.16
CA LYS F 121 14.86 0.61 -33.10
C LYS F 121 14.98 -0.10 -31.76
N VAL F 122 14.62 0.57 -30.66
CA VAL F 122 14.76 -0.01 -29.30
C VAL F 122 13.83 -1.19 -29.07
N LYS F 123 12.60 -1.15 -29.58
CA LYS F 123 11.59 -2.20 -29.25
C LYS F 123 12.04 -3.62 -29.65
N PRO F 124 12.60 -3.91 -30.83
CA PRO F 124 12.97 -5.28 -31.16
C PRO F 124 14.00 -5.83 -30.16
N GLU F 125 14.97 -5.01 -29.75
CA GLU F 125 16.04 -5.52 -28.85
C GLU F 125 15.44 -5.97 -27.51
N ILE F 126 14.49 -5.21 -26.97
CA ILE F 126 13.87 -5.56 -25.66
C ILE F 126 13.14 -6.90 -25.83
N ARG F 127 12.45 -7.06 -26.96
CA ARG F 127 11.67 -8.30 -27.24
C ARG F 127 12.64 -9.48 -27.29
N LEU F 128 13.80 -9.31 -27.93
CA LEU F 128 14.75 -10.46 -28.08
C LEU F 128 15.21 -10.92 -26.70
N LEU F 129 15.51 -9.98 -25.79
CA LEU F 129 16.03 -10.42 -24.48
C LEU F 129 14.95 -11.27 -23.80
N ILE F 130 13.69 -10.85 -23.90
CA ILE F 130 12.62 -11.60 -23.18
C ILE F 130 12.56 -13.02 -23.73
N GLU F 131 12.56 -13.18 -25.06
CA GLU F 131 12.40 -14.53 -25.65
C GLU F 131 13.62 -15.40 -25.34
N LYS F 132 14.82 -14.86 -25.49
CA LYS F 132 16.07 -15.65 -25.26
C LYS F 132 16.19 -16.03 -23.79
N CYS F 133 15.86 -15.11 -22.89
CA CYS F 133 16.03 -15.38 -21.44
C CYS F 133 15.15 -16.56 -21.04
N ASN F 134 13.93 -16.64 -21.59
CA ASN F 134 13.01 -17.72 -21.14
C ASN F 134 13.65 -19.06 -21.45
N THR F 135 14.25 -19.22 -22.64
CA THR F 135 14.83 -20.54 -23.02
C THR F 135 15.96 -20.90 -22.06
N VAL F 136 16.83 -19.94 -21.76
CA VAL F 136 18.00 -20.21 -20.86
C VAL F 136 17.48 -20.59 -19.48
N LYS F 137 16.43 -19.93 -18.99
CA LYS F 137 15.95 -20.18 -17.61
C LYS F 137 15.50 -21.63 -17.52
N MET F 138 14.81 -22.14 -18.55
CA MET F 138 14.29 -23.52 -18.51
C MET F 138 15.46 -24.51 -18.46
N TRP F 139 16.54 -24.22 -19.18
CA TRP F 139 17.72 -25.11 -19.16
C TRP F 139 18.27 -25.19 -17.74
N VAL F 140 18.33 -24.06 -17.04
CA VAL F 140 18.91 -24.06 -15.66
C VAL F 140 18.02 -24.91 -14.76
N GLN F 141 16.69 -24.77 -14.91
CA GLN F 141 15.75 -25.55 -14.06
C GLN F 141 15.89 -27.04 -14.37
N LEU F 142 16.02 -27.39 -15.65
CA LEU F 142 16.11 -28.82 -16.05
C LEU F 142 17.37 -29.47 -15.50
N LEU F 143 18.47 -28.72 -15.42
CA LEU F 143 19.77 -29.32 -14.99
C LEU F 143 19.60 -29.96 -13.61
N ILE F 144 20.15 -31.16 -13.42
CA ILE F 144 20.00 -31.90 -12.14
C ILE F 144 21.31 -31.78 -11.33
N PRO F 145 21.37 -31.20 -10.10
CA PRO F 145 22.61 -31.16 -9.35
C PRO F 145 22.68 -32.33 -8.35
N PHE F 153 24.81 -27.63 -1.46
CA PHE F 153 25.51 -26.44 -1.98
C PHE F 153 25.14 -26.22 -3.45
N GLY F 154 25.25 -27.25 -4.28
CA GLY F 154 24.97 -27.09 -5.72
C GLY F 154 23.53 -26.66 -5.94
N VAL F 155 22.59 -27.22 -5.17
CA VAL F 155 21.15 -26.89 -5.34
C VAL F 155 20.95 -25.40 -5.08
N SER F 156 21.61 -24.85 -4.04
CA SER F 156 21.42 -23.42 -3.70
C SER F 156 21.91 -22.54 -4.85
N ILE F 157 23.04 -22.92 -5.46
CA ILE F 157 23.62 -22.10 -6.55
C ILE F 157 22.61 -22.07 -7.71
N GLN F 158 21.99 -23.21 -7.99
CA GLN F 158 21.04 -23.27 -9.13
C GLN F 158 19.88 -22.33 -8.86
N GLU F 159 19.37 -22.31 -7.62
CA GLU F 159 18.20 -21.46 -7.28
C GLU F 159 18.56 -19.99 -7.48
N GLU F 160 19.77 -19.60 -7.12
CA GLU F 160 20.20 -18.18 -7.26
C GLU F 160 20.18 -17.81 -8.75
N THR F 161 20.66 -18.70 -9.61
CA THR F 161 20.73 -18.39 -11.06
C THR F 161 19.31 -18.19 -11.61
N VAL F 162 18.36 -19.05 -11.24
CA VAL F 162 16.97 -18.95 -11.76
C VAL F 162 16.37 -17.62 -11.30
N ALA F 163 16.60 -17.25 -10.05
CA ALA F 163 16.04 -16.00 -9.51
C ALA F 163 16.62 -14.82 -10.28
N GLU F 164 17.94 -14.85 -10.55
CA GLU F 164 18.59 -13.73 -11.27
C GLU F 164 18.03 -13.63 -12.69
N LEU F 165 17.86 -14.77 -13.36
CA LEU F 165 17.31 -14.78 -14.75
C LEU F 165 15.88 -14.25 -14.69
N ARG F 166 15.12 -14.63 -13.66
CA ARG F 166 13.70 -14.21 -13.55
C ARG F 166 13.63 -12.69 -13.42
N THR F 167 14.53 -12.10 -12.63
CA THR F 167 14.52 -10.63 -12.41
C THR F 167 14.78 -9.91 -13.74
N VAL F 168 15.71 -10.43 -14.55
CA VAL F 168 16.06 -9.75 -15.83
C VAL F 168 14.80 -9.77 -16.71
N GLU F 169 14.09 -10.88 -16.72
CA GLU F 169 12.87 -11.01 -17.57
C GLU F 169 11.83 -9.97 -17.13
N SER F 170 11.59 -9.84 -15.83
CA SER F 170 10.57 -8.88 -15.32
C SER F 170 10.96 -7.44 -15.64
N GLU F 171 12.24 -7.09 -15.50
CA GLU F 171 12.70 -5.71 -15.77
C GLU F 171 12.46 -5.39 -17.24
N ALA F 172 12.69 -6.36 -18.13
CA ALA F 172 12.53 -6.13 -19.58
C ALA F 172 11.09 -5.76 -19.87
N ALA F 173 10.14 -6.42 -19.22
CA ALA F 173 8.71 -6.11 -19.42
C ALA F 173 8.46 -4.67 -18.98
N SER F 174 9.12 -4.23 -17.91
CA SER F 174 8.94 -2.84 -17.42
C SER F 174 9.35 -1.86 -18.51
N TYR F 175 10.42 -2.17 -19.23
CA TYR F 175 10.91 -1.25 -20.29
C TYR F 175 9.84 -1.11 -21.36
N LEU F 176 9.21 -2.22 -21.76
CA LEU F 176 8.17 -2.18 -22.81
C LEU F 176 6.98 -1.36 -22.29
N ASP F 177 6.66 -1.52 -21.01
CA ASP F 177 5.53 -0.77 -20.41
C ASP F 177 5.83 0.74 -20.43
N GLN F 178 7.04 1.16 -20.09
CA GLN F 178 7.32 2.62 -19.99
C GLN F 178 7.17 3.31 -21.35
N ILE F 179 7.58 2.63 -22.42
CA ILE F 179 7.42 3.21 -23.79
C ILE F 179 5.92 3.42 -24.03
N SER F 180 5.09 2.46 -23.62
CA SER F 180 3.62 2.59 -23.79
C SER F 180 3.08 3.75 -22.95
N ARG F 181 3.56 3.91 -21.71
CA ARG F 181 3.05 4.98 -20.82
C ARG F 181 3.33 6.35 -21.42
N TYR F 182 4.50 6.51 -22.05
CA TYR F 182 4.87 7.84 -22.60
C TYR F 182 3.82 8.24 -23.63
N TYR F 183 3.40 7.30 -24.47
CA TYR F 183 2.45 7.67 -25.53
C TYR F 183 1.13 8.16 -24.91
N ILE F 184 0.60 7.43 -23.93
CA ILE F 184 -0.70 7.82 -23.33
C ILE F 184 -0.56 9.17 -22.62
N THR F 185 0.53 9.37 -21.86
CA THR F 185 0.72 10.62 -21.07
C THR F 185 0.88 11.81 -22.02
N ARG F 186 1.65 11.66 -23.09
CA ARG F 186 1.87 12.79 -24.03
C ARG F 186 0.52 13.12 -24.65
N ALA F 187 -0.27 12.09 -24.95
CA ALA F 187 -1.57 12.33 -25.61
C ALA F 187 -2.46 13.17 -24.70
N LYS F 188 -2.51 12.84 -23.41
CA LYS F 188 -3.43 13.57 -22.51
C LYS F 188 -3.01 15.03 -22.46
N LEU F 189 -1.71 15.28 -22.32
CA LEU F 189 -1.21 16.67 -22.22
C LEU F 189 -1.46 17.41 -23.54
N VAL F 190 -1.25 16.77 -24.69
CA VAL F 190 -1.50 17.42 -26.00
C VAL F 190 -2.99 17.72 -26.12
N SER F 191 -3.84 16.82 -25.63
CA SER F 191 -5.30 17.08 -25.64
C SER F 191 -5.60 18.30 -24.78
N LYS F 192 -4.93 18.41 -23.63
CA LYS F 192 -5.17 19.54 -22.70
C LYS F 192 -4.82 20.86 -23.39
N ILE F 193 -3.76 20.88 -24.19
CA ILE F 193 -3.32 22.18 -24.78
C ILE F 193 -4.50 22.74 -25.58
N ALA F 194 -5.17 21.89 -26.35
CA ALA F 194 -6.26 22.42 -27.21
C ALA F 194 -7.40 22.99 -26.37
N LYS F 195 -7.80 22.30 -25.30
CA LYS F 195 -8.94 22.76 -24.47
C LYS F 195 -8.61 24.10 -23.81
N TYR F 196 -7.38 24.25 -23.30
CA TYR F 196 -6.98 25.49 -22.61
C TYR F 196 -5.75 26.06 -23.32
N PRO F 197 -5.92 26.83 -24.41
CA PRO F 197 -4.77 27.31 -25.19
C PRO F 197 -3.85 28.27 -24.42
N HIS F 198 -4.42 29.18 -23.64
CA HIS F 198 -3.64 30.25 -22.98
C HIS F 198 -2.59 29.74 -21.98
N VAL F 199 -2.88 28.70 -21.20
CA VAL F 199 -1.90 28.30 -20.14
C VAL F 199 -0.59 27.90 -20.82
N GLU F 200 0.50 28.60 -20.52
CA GLU F 200 1.82 28.29 -21.11
C GLU F 200 2.37 27.00 -20.53
N ASP F 201 2.08 26.71 -19.26
CA ASP F 201 2.71 25.54 -18.61
C ASP F 201 2.35 24.23 -19.33
N TYR F 202 1.12 24.13 -19.84
CA TYR F 202 0.72 22.90 -20.56
C TYR F 202 1.63 22.73 -21.79
N ARG F 203 1.94 23.83 -22.49
CA ARG F 203 2.88 23.74 -23.64
C ARG F 203 4.25 23.32 -23.12
N ARG F 204 4.66 23.86 -21.97
CA ARG F 204 5.99 23.52 -21.39
C ARG F 204 6.06 22.05 -21.00
N THR F 205 4.98 21.49 -20.45
CA THR F 205 5.06 20.08 -19.99
C THR F 205 5.33 19.14 -21.17
N VAL F 206 4.69 19.37 -22.32
CA VAL F 206 4.86 18.44 -23.46
C VAL F 206 6.32 18.46 -23.92
N THR F 207 6.98 19.62 -23.91
CA THR F 207 8.43 19.66 -24.27
C THR F 207 9.23 18.86 -23.24
N GLU F 208 8.90 18.97 -21.96
CA GLU F 208 9.63 18.26 -20.89
C GLU F 208 9.48 16.74 -21.07
N ILE F 209 8.28 16.26 -21.40
CA ILE F 209 8.06 14.78 -21.53
C ILE F 209 8.89 14.25 -22.69
N ASP F 210 9.02 15.00 -23.78
CA ASP F 210 9.90 14.56 -24.90
C ASP F 210 11.35 14.45 -24.42
N GLU F 211 11.85 15.45 -23.68
CA GLU F 211 13.28 15.40 -23.27
C GLU F 211 13.50 14.25 -22.30
N LYS F 212 12.58 14.01 -21.38
CA LYS F 212 12.76 12.94 -20.36
C LYS F 212 12.85 11.60 -21.07
N GLU F 213 12.02 11.40 -22.10
CA GLU F 213 12.01 10.10 -22.82
C GLU F 213 13.37 9.88 -23.47
N TYR F 214 14.00 10.91 -24.01
CA TYR F 214 15.28 10.72 -24.74
C TYR F 214 16.34 10.17 -23.77
N ILE F 215 16.43 10.75 -22.57
CA ILE F 215 17.42 10.27 -21.57
C ILE F 215 17.05 8.84 -21.17
N SER F 216 15.74 8.57 -21.02
CA SER F 216 15.28 7.22 -20.61
C SER F 216 15.61 6.16 -21.67
N LEU F 217 15.40 6.45 -22.96
CA LEU F 217 15.62 5.42 -24.00
C LEU F 217 17.09 5.04 -24.04
N ARG F 218 17.99 6.02 -23.91
CA ARG F 218 19.44 5.74 -23.91
C ARG F 218 19.78 4.88 -22.69
N LEU F 219 19.15 5.15 -21.55
CA LEU F 219 19.37 4.33 -20.34
C LEU F 219 18.94 2.88 -20.60
N ILE F 220 17.84 2.66 -21.31
CA ILE F 220 17.37 1.28 -21.62
C ILE F 220 18.43 0.58 -22.47
N ILE F 221 18.95 1.23 -23.51
CA ILE F 221 19.92 0.53 -24.42
C ILE F 221 21.17 0.18 -23.62
N SER F 222 21.65 1.12 -22.81
CA SER F 222 22.87 0.86 -22.00
C SER F 222 22.59 -0.27 -21.00
N GLU F 223 21.41 -0.26 -20.38
CA GLU F 223 21.07 -1.30 -19.38
C GLU F 223 20.96 -2.68 -20.03
N LEU F 224 20.38 -2.77 -21.23
CA LEU F 224 20.30 -4.09 -21.93
C LEU F 224 21.72 -4.59 -22.22
N ARG F 225 22.63 -3.70 -22.65
CA ARG F 225 24.04 -4.09 -22.92
C ARG F 225 24.66 -4.58 -21.61
N ASN F 226 24.35 -3.90 -20.51
CA ASN F 226 24.87 -4.31 -19.18
C ASN F 226 24.37 -5.72 -18.86
N GLN F 227 23.09 -6.00 -19.14
CA GLN F 227 22.53 -7.31 -18.77
C GLN F 227 23.27 -8.40 -19.55
N TYR F 228 23.56 -8.19 -20.83
CA TYR F 228 24.16 -9.29 -21.62
C TYR F 228 25.52 -9.67 -21.04
N VAL F 229 26.37 -8.70 -20.74
CA VAL F 229 27.73 -9.04 -20.23
C VAL F 229 27.60 -9.69 -18.85
N THR F 230 26.73 -9.15 -17.99
CA THR F 230 26.58 -9.67 -16.62
C THR F 230 26.03 -11.10 -16.67
N LEU F 231 25.02 -11.34 -17.49
CA LEU F 231 24.41 -12.69 -17.57
C LEU F 231 25.43 -13.67 -18.14
N HIS F 232 26.10 -13.30 -19.24
CA HIS F 232 27.10 -14.21 -19.86
C HIS F 232 28.08 -14.65 -18.78
N ASP F 233 28.70 -13.69 -18.09
CA ASP F 233 29.73 -14.06 -17.10
C ASP F 233 29.12 -14.89 -15.97
N MET F 234 27.96 -14.50 -15.45
CA MET F 234 27.39 -15.22 -14.28
C MET F 234 27.05 -16.66 -14.66
N ILE F 235 26.37 -16.86 -15.79
CA ILE F 235 25.92 -18.25 -16.14
C ILE F 235 27.15 -19.12 -16.33
N LEU F 236 28.19 -18.61 -16.99
CA LEU F 236 29.38 -19.45 -17.28
C LEU F 236 30.04 -19.88 -15.98
N LYS F 237 30.22 -18.95 -15.04
CA LYS F 237 30.87 -19.30 -13.75
C LYS F 237 29.98 -20.26 -12.96
N ASN F 238 28.68 -19.96 -12.89
CA ASN F 238 27.75 -20.79 -12.08
C ASN F 238 27.55 -22.18 -12.65
N ILE F 239 27.51 -22.33 -13.98
CA ILE F 239 27.15 -23.66 -14.57
C ILE F 239 28.14 -24.73 -14.09
N GLU F 240 29.43 -24.42 -13.98
CA GLU F 240 30.37 -25.50 -13.61
C GLU F 240 29.99 -26.03 -12.22
N LYS F 241 29.70 -25.13 -11.28
CA LYS F 241 29.28 -25.54 -9.92
C LYS F 241 27.94 -26.27 -9.98
N ILE F 242 26.99 -25.76 -10.75
CA ILE F 242 25.62 -26.37 -10.81
C ILE F 242 25.75 -27.80 -11.35
N LYS F 243 26.57 -27.98 -12.39
CA LYS F 243 26.67 -29.31 -13.03
C LYS F 243 27.22 -30.31 -12.01
N ARG F 244 28.22 -29.89 -11.22
CA ARG F 244 28.82 -30.80 -10.21
C ARG F 244 28.12 -30.58 -8.86
N LEU G 4 31.23 -28.65 -25.30
CA LEU G 4 29.96 -28.12 -24.76
C LEU G 4 29.94 -26.60 -24.90
N LEU G 5 30.53 -25.90 -23.94
CA LEU G 5 30.54 -24.41 -23.98
C LEU G 5 31.95 -23.91 -24.33
N LYS G 6 32.08 -23.20 -25.45
CA LYS G 6 33.38 -22.63 -25.88
C LYS G 6 33.08 -21.36 -26.69
N VAL G 7 34.04 -20.44 -26.78
CA VAL G 7 33.77 -19.14 -27.47
C VAL G 7 34.71 -18.98 -28.65
N ASP G 8 34.21 -18.41 -29.76
CA ASP G 8 35.08 -18.15 -30.93
C ASP G 8 36.17 -17.18 -30.47
N GLN G 9 37.42 -17.43 -30.84
CA GLN G 9 38.54 -16.58 -30.36
C GLN G 9 38.33 -15.15 -30.89
N GLU G 10 37.90 -15.01 -32.15
CA GLU G 10 37.77 -13.65 -32.74
C GLU G 10 36.74 -12.85 -31.94
N VAL G 11 35.59 -13.47 -31.64
CA VAL G 11 34.52 -12.78 -30.87
C VAL G 11 35.06 -12.47 -29.48
N LYS G 12 35.77 -13.42 -28.86
CA LYS G 12 36.26 -13.22 -27.48
C LYS G 12 37.22 -12.02 -27.45
N LEU G 13 38.11 -11.93 -28.45
CA LEU G 13 39.10 -10.83 -28.48
C LEU G 13 38.37 -9.48 -28.52
N LYS G 14 37.34 -9.36 -29.36
CA LYS G 14 36.59 -8.08 -29.48
C LYS G 14 35.92 -7.75 -28.15
N VAL G 15 35.37 -8.77 -27.48
CA VAL G 15 34.72 -8.55 -26.14
C VAL G 15 35.77 -8.06 -25.15
N ASP G 16 36.99 -8.61 -25.20
CA ASP G 16 38.05 -8.22 -24.23
C ASP G 16 38.37 -6.74 -24.42
N SER G 17 38.37 -6.26 -25.65
CA SER G 17 38.59 -4.81 -25.90
C SER G 17 37.48 -3.99 -25.24
N PHE G 18 36.24 -4.47 -25.29
CA PHE G 18 35.13 -3.73 -24.61
C PHE G 18 35.45 -3.66 -23.11
N ARG G 19 35.93 -4.76 -22.53
CA ARG G 19 36.19 -4.76 -21.07
C ARG G 19 37.28 -3.73 -20.76
N GLU G 20 38.33 -3.68 -21.59
CA GLU G 20 39.44 -2.72 -21.36
C GLU G 20 38.92 -1.29 -21.50
N ARG G 21 38.08 -1.03 -22.49
CA ARG G 21 37.60 0.35 -22.72
C ARG G 21 36.79 0.80 -21.51
N ILE G 22 35.91 -0.05 -20.99
CA ILE G 22 35.03 0.37 -19.86
C ILE G 22 35.94 0.67 -18.66
N THR G 23 36.96 -0.16 -18.44
CA THR G 23 37.83 0.03 -17.26
C THR G 23 38.55 1.38 -17.37
N SER G 24 39.07 1.72 -18.55
CA SER G 24 39.83 2.98 -18.70
C SER G 24 38.91 4.17 -18.44
N GLU G 25 37.69 4.12 -18.97
CA GLU G 25 36.77 5.27 -18.81
C GLU G 25 36.45 5.44 -17.32
N ALA G 26 36.21 4.34 -16.62
CA ALA G 26 35.85 4.41 -15.19
C ALA G 26 36.99 5.01 -14.38
N GLU G 27 38.23 4.57 -14.61
CA GLU G 27 39.35 5.05 -13.77
C GLU G 27 39.50 6.55 -13.96
N ASP G 28 39.44 7.01 -15.20
CA ASP G 28 39.54 8.47 -15.47
C ASP G 28 38.35 9.19 -14.84
N LEU G 29 37.14 8.62 -14.94
CA LEU G 29 35.96 9.35 -14.43
C LEU G 29 36.10 9.56 -12.91
N VAL G 30 36.45 8.51 -12.16
CA VAL G 30 36.51 8.64 -10.68
C VAL G 30 37.68 9.57 -10.31
N ALA G 31 38.85 9.35 -10.92
CA ALA G 31 40.05 10.15 -10.58
C ALA G 31 39.94 11.61 -11.03
N ASN G 32 39.41 11.86 -12.23
CA ASN G 32 39.42 13.26 -12.73
C ASN G 32 38.03 13.88 -12.85
N PHE G 33 37.07 13.22 -13.51
CA PHE G 33 35.75 13.88 -13.74
C PHE G 33 35.04 14.19 -12.42
N PHE G 34 34.95 13.22 -11.51
CA PHE G 34 34.17 13.45 -10.27
C PHE G 34 34.74 14.65 -9.52
N PRO G 35 36.06 14.75 -9.22
CA PRO G 35 36.59 15.93 -8.55
C PRO G 35 36.34 17.23 -9.32
N LYS G 36 36.47 17.22 -10.64
CA LYS G 36 36.31 18.48 -11.40
C LYS G 36 34.88 19.01 -11.18
N LYS G 37 33.89 18.11 -11.22
CA LYS G 37 32.47 18.55 -11.10
C LYS G 37 32.21 19.16 -9.72
N LEU G 38 32.83 18.62 -8.67
CA LEU G 38 32.54 19.11 -7.30
C LEU G 38 32.90 20.59 -7.26
N LEU G 39 34.05 20.95 -7.84
CA LEU G 39 34.48 22.36 -7.85
C LEU G 39 33.47 23.19 -8.66
N GLU G 40 33.02 22.69 -9.81
CA GLU G 40 32.12 23.49 -10.67
C GLU G 40 30.79 23.75 -9.94
N LEU G 41 30.22 22.72 -9.32
CA LEU G 41 28.90 22.88 -8.64
C LEU G 41 29.01 23.82 -7.44
N ASP G 42 30.12 23.76 -6.70
CA ASP G 42 30.27 24.60 -5.48
C ASP G 42 30.23 26.07 -5.91
N SER G 43 30.91 26.41 -7.01
CA SER G 43 30.86 27.79 -7.53
C SER G 43 29.44 28.16 -7.94
N PHE G 44 28.70 27.21 -8.52
CA PHE G 44 27.33 27.50 -9.01
C PHE G 44 26.44 27.91 -7.83
N LEU G 45 26.60 27.23 -6.69
CA LEU G 45 25.78 27.57 -5.49
C LEU G 45 26.11 29.00 -5.05
N LYS G 46 27.38 29.39 -5.13
CA LYS G 46 27.81 30.75 -4.69
C LYS G 46 27.18 31.82 -5.59
N GLU G 47 26.85 31.49 -6.83
CA GLU G 47 26.35 32.52 -7.79
C GLU G 47 25.07 33.17 -7.24
N PRO G 48 24.81 34.46 -7.53
CA PRO G 48 23.67 35.18 -6.96
C PRO G 48 22.26 34.63 -7.23
N ILE G 49 22.03 34.08 -8.42
CA ILE G 49 20.64 33.63 -8.78
C ILE G 49 20.15 32.58 -7.78
N LEU G 50 21.02 31.67 -7.32
CA LEU G 50 20.59 30.57 -6.43
C LEU G 50 20.60 31.02 -4.97
N ASN G 51 20.99 32.27 -4.68
CA ASN G 51 21.13 32.72 -3.26
C ASN G 51 20.15 33.84 -2.90
N ILE G 52 19.01 33.98 -3.61
CA ILE G 52 18.12 35.16 -3.34
C ILE G 52 17.69 35.13 -1.87
N HIS G 53 17.87 36.25 -1.16
CA HIS G 53 17.51 36.35 0.29
C HIS G 53 16.01 36.34 0.53
N ASP G 54 15.24 37.12 -0.24
CA ASP G 54 13.77 37.21 0.00
C ASP G 54 13.05 36.52 -1.16
N LEU G 55 12.05 35.69 -0.86
CA LEU G 55 11.39 34.90 -1.95
C LEU G 55 10.28 35.73 -2.59
N THR G 56 10.06 36.96 -2.13
CA THR G 56 9.06 37.83 -2.79
C THR G 56 9.49 38.12 -4.24
N GLN G 57 10.79 38.27 -4.48
CA GLN G 57 11.30 38.62 -5.84
C GLN G 57 10.96 37.51 -6.85
N ILE G 58 11.10 36.24 -6.48
CA ILE G 58 10.89 35.13 -7.46
C ILE G 58 9.43 35.16 -7.92
N HIS G 59 8.51 35.70 -7.12
CA HIS G 59 7.07 35.66 -7.48
C HIS G 59 6.82 36.38 -8.80
N SER G 60 5.93 35.84 -9.63
CA SER G 60 5.60 36.45 -10.95
C SER G 60 4.24 37.15 -10.88
N ASP G 61 3.99 38.11 -11.78
CA ASP G 61 2.72 38.89 -11.71
C ASP G 61 1.78 38.47 -12.84
N MET G 62 0.50 38.20 -12.52
CA MET G 62 -0.50 37.78 -13.54
C MET G 62 -1.77 38.62 -13.36
N ASN G 63 -2.60 38.75 -14.39
CA ASN G 63 -3.85 39.53 -14.31
C ASN G 63 -4.91 38.72 -13.55
N MET G 108 -2.80 33.79 -15.86
CA MET G 108 -3.40 32.70 -16.68
C MET G 108 -2.49 32.44 -17.87
N LEU G 109 -1.32 33.08 -17.92
CA LEU G 109 -0.49 32.92 -19.13
C LEU G 109 0.97 32.61 -18.80
N LYS G 110 1.80 33.64 -18.63
CA LYS G 110 3.27 33.41 -18.52
C LYS G 110 3.68 32.52 -17.34
N SER G 111 4.65 31.63 -17.58
CA SER G 111 5.20 30.81 -16.48
C SER G 111 6.19 31.68 -15.71
N ASN G 112 6.77 31.19 -14.61
CA ASN G 112 7.67 32.10 -13.86
C ASN G 112 9.00 32.07 -14.61
N GLN G 113 9.38 33.17 -15.25
CA GLN G 113 10.61 33.15 -16.09
C GLN G 113 11.85 32.90 -15.25
N GLN G 114 11.94 33.50 -14.06
CA GLN G 114 13.19 33.36 -13.27
C GLN G 114 13.38 31.89 -12.91
N LEU G 115 12.31 31.21 -12.50
CA LEU G 115 12.40 29.78 -12.12
C LEU G 115 12.76 28.94 -13.35
N VAL G 116 12.19 29.24 -14.51
CA VAL G 116 12.44 28.39 -15.72
C VAL G 116 13.93 28.43 -16.05
N ASP G 117 14.54 29.61 -15.96
CA ASP G 117 15.98 29.73 -16.32
C ASP G 117 16.83 28.88 -15.37
N ILE G 118 16.51 28.89 -14.07
CA ILE G 118 17.29 28.08 -13.08
C ILE G 118 17.14 26.61 -13.44
N ILE G 119 15.93 26.18 -13.82
CA ILE G 119 15.69 24.73 -14.12
C ILE G 119 16.55 24.32 -15.30
N GLU G 120 16.67 25.19 -16.32
CA GLU G 120 17.42 24.81 -17.54
C GLU G 120 18.88 24.54 -17.21
N LYS G 121 19.48 25.31 -16.30
CA LYS G 121 20.88 25.06 -15.88
C LYS G 121 20.98 23.75 -15.10
N VAL G 122 20.01 23.47 -14.23
CA VAL G 122 20.05 22.25 -13.36
C VAL G 122 19.91 20.97 -14.18
N LYS G 123 19.08 20.94 -15.22
CA LYS G 123 18.79 19.67 -15.93
C LYS G 123 20.03 19.00 -16.53
N PRO G 124 20.98 19.68 -17.20
CA PRO G 124 22.12 18.98 -17.77
C PRO G 124 22.94 18.28 -16.68
N GLU G 125 23.12 18.91 -15.52
CA GLU G 125 23.98 18.31 -14.47
C GLU G 125 23.37 16.99 -13.99
N ILE G 126 22.05 16.93 -13.80
CA ILE G 126 21.38 15.68 -13.33
C ILE G 126 21.61 14.60 -14.39
N ARG G 127 21.48 14.96 -15.67
CA ARG G 127 21.66 13.98 -16.77
C ARG G 127 23.09 13.43 -16.74
N LEU G 128 24.08 14.30 -16.50
CA LEU G 128 25.49 13.83 -16.53
C LEU G 128 25.70 12.79 -15.43
N LEU G 129 25.15 13.01 -14.23
CA LEU G 129 25.42 12.04 -13.14
C LEU G 129 24.86 10.69 -13.58
N ILE G 130 23.67 10.67 -14.19
CA ILE G 130 23.04 9.36 -14.54
C ILE G 130 23.95 8.64 -15.53
N GLU G 131 24.41 9.34 -16.57
CA GLU G 131 25.23 8.66 -17.62
C GLU G 131 26.57 8.18 -17.05
N LYS G 132 27.25 9.04 -16.28
CA LYS G 132 28.59 8.69 -15.74
C LYS G 132 28.46 7.55 -14.73
N CYS G 133 27.43 7.57 -13.88
CA CYS G 133 27.30 6.55 -12.83
C CYS G 133 27.15 5.17 -13.48
N ASN G 134 26.41 5.08 -14.59
CA ASN G 134 26.16 3.75 -15.19
C ASN G 134 27.50 3.13 -15.59
N THR G 135 28.40 3.92 -16.18
CA THR G 135 29.68 3.36 -16.66
C THR G 135 30.49 2.85 -15.47
N VAL G 136 30.55 3.63 -14.39
CA VAL G 136 31.34 3.23 -13.19
C VAL G 136 30.76 1.95 -12.60
N LYS G 137 29.42 1.83 -12.56
CA LYS G 137 28.78 0.66 -11.91
C LYS G 137 29.22 -0.60 -12.66
N MET G 138 29.27 -0.54 -14.00
CA MET G 138 29.62 -1.75 -14.79
C MET G 138 31.06 -2.16 -14.49
N TRP G 139 31.95 -1.18 -14.31
CA TRP G 139 33.37 -1.49 -13.99
C TRP G 139 33.42 -2.26 -12.67
N VAL G 140 32.64 -1.84 -11.67
CA VAL G 140 32.68 -2.50 -10.34
C VAL G 140 32.19 -3.94 -10.51
N GLN G 141 31.13 -4.15 -11.28
CA GLN G 141 30.58 -5.52 -11.49
C GLN G 141 31.62 -6.38 -12.22
N LEU G 142 32.28 -5.82 -13.23
CA LEU G 142 33.26 -6.60 -14.04
C LEU G 142 34.45 -7.04 -13.16
N LEU G 143 34.87 -6.20 -12.20
CA LEU G 143 36.08 -6.52 -11.42
C LEU G 143 35.91 -7.88 -10.73
N ILE G 144 36.95 -8.71 -10.76
CA ILE G 144 36.87 -10.08 -10.18
C ILE G 144 37.58 -10.10 -8.82
N PRO G 145 36.94 -10.41 -7.66
CA PRO G 145 37.68 -10.47 -6.40
C PRO G 145 38.08 -11.92 -6.07
N PHE G 153 35.11 -12.03 2.01
CA PHE G 153 35.16 -10.62 2.47
C PHE G 153 35.17 -9.68 1.27
N GLY G 154 36.07 -9.90 0.32
CA GLY G 154 36.18 -9.00 -0.84
C GLY G 154 34.90 -8.97 -1.63
N VAL G 155 34.25 -10.13 -1.79
CA VAL G 155 32.99 -10.21 -2.59
C VAL G 155 31.92 -9.33 -1.93
N SER G 156 31.83 -9.37 -0.60
CA SER G 156 30.79 -8.59 0.11
C SER G 156 31.03 -7.09 -0.12
N ILE G 157 32.29 -6.66 -0.10
CA ILE G 157 32.60 -5.21 -0.26
C ILE G 157 32.13 -4.79 -1.65
N GLN G 158 32.37 -5.64 -2.65
CA GLN G 158 31.99 -5.27 -4.05
C GLN G 158 30.48 -5.10 -4.12
N GLU G 159 29.73 -5.98 -3.47
CA GLU G 159 28.24 -5.91 -3.56
C GLU G 159 27.76 -4.61 -2.94
N GLU G 160 28.38 -4.18 -1.83
CA GLU G 160 27.97 -2.92 -1.16
C GLU G 160 28.17 -1.76 -2.12
N THR G 161 29.30 -1.74 -2.84
CA THR G 161 29.60 -0.61 -3.75
C THR G 161 28.54 -0.54 -4.87
N VAL G 162 28.18 -1.68 -5.45
CA VAL G 162 27.19 -1.70 -6.57
C VAL G 162 25.85 -1.19 -6.05
N ALA G 163 25.47 -1.61 -4.84
CA ALA G 163 24.17 -1.18 -4.27
C ALA G 163 24.19 0.33 -4.06
N GLU G 164 25.30 0.85 -3.54
CA GLU G 164 25.41 2.31 -3.27
C GLU G 164 25.33 3.08 -4.59
N LEU G 165 26.03 2.61 -5.63
CA LEU G 165 26.01 3.28 -6.95
C LEU G 165 24.58 3.22 -7.50
N ARG G 166 23.90 2.08 -7.31
CA ARG G 166 22.53 1.90 -7.85
C ARG G 166 21.59 2.92 -7.21
N THR G 167 21.74 3.14 -5.89
CA THR G 167 20.84 4.08 -5.17
C THR G 167 21.03 5.49 -5.73
N VAL G 168 22.27 5.89 -6.00
CA VAL G 168 22.54 7.27 -6.50
C VAL G 168 21.84 7.42 -7.84
N GLU G 169 21.90 6.39 -8.68
CA GLU G 169 21.28 6.45 -10.03
C GLU G 169 19.76 6.64 -9.88
N SER G 170 19.12 5.87 -9.00
CA SER G 170 17.65 5.96 -8.82
C SER G 170 17.24 7.34 -8.29
N GLU G 171 18.01 7.88 -7.35
CA GLU G 171 17.67 9.20 -6.74
C GLU G 171 17.74 10.26 -7.84
N ALA G 172 18.71 10.15 -8.74
CA ALA G 172 18.89 11.16 -9.81
C ALA G 172 17.64 11.19 -10.68
N ALA G 173 17.09 10.02 -10.98
CA ALA G 173 15.85 9.94 -11.80
C ALA G 173 14.72 10.66 -11.06
N SER G 174 14.69 10.53 -9.73
CA SER G 174 13.62 11.19 -8.93
C SER G 174 13.72 12.71 -9.13
N TYR G 175 14.93 13.24 -9.19
CA TYR G 175 15.11 14.71 -9.34
C TYR G 175 14.50 15.15 -10.67
N LEU G 176 14.76 14.38 -11.73
CA LEU G 176 14.23 14.74 -13.08
C LEU G 176 12.71 14.67 -13.03
N ASP G 177 12.17 13.67 -12.33
CA ASP G 177 10.69 13.52 -12.22
C ASP G 177 10.08 14.73 -11.49
N GLN G 178 10.71 15.20 -10.40
CA GLN G 178 10.08 16.29 -9.60
C GLN G 178 9.97 17.58 -10.42
N ILE G 179 10.98 17.86 -11.25
CA ILE G 179 10.93 19.08 -12.12
C ILE G 179 9.72 18.93 -13.05
N SER G 180 9.49 17.72 -13.58
CA SER G 180 8.32 17.49 -14.46
C SER G 180 7.01 17.68 -13.69
N ARG G 181 6.94 17.17 -12.46
CA ARG G 181 5.67 17.26 -11.67
C ARG G 181 5.32 18.72 -11.42
N TYR G 182 6.32 19.57 -11.18
CA TYR G 182 6.03 20.99 -10.86
C TYR G 182 5.29 21.60 -12.05
N TYR G 183 5.73 21.29 -13.27
CA TYR G 183 5.08 21.94 -14.43
C TYR G 183 3.62 21.52 -14.51
N ILE G 184 3.32 20.23 -14.36
CA ILE G 184 1.91 19.77 -14.49
C ILE G 184 1.07 20.37 -13.36
N THR G 185 1.58 20.36 -12.12
CA THR G 185 0.80 20.87 -10.97
C THR G 185 0.54 22.37 -11.11
N ARG G 186 1.54 23.15 -11.52
CA ARG G 186 1.35 24.61 -11.65
C ARG G 186 0.30 24.83 -12.73
N ALA G 187 0.34 24.02 -13.78
CA ALA G 187 -0.60 24.21 -14.90
C ALA G 187 -2.03 24.00 -14.41
N LYS G 188 -2.26 22.97 -13.61
CA LYS G 188 -3.65 22.67 -13.17
C LYS G 188 -4.15 23.84 -12.33
N LEU G 189 -3.32 24.33 -11.42
CA LEU G 189 -3.73 25.45 -10.53
C LEU G 189 -3.96 26.71 -11.35
N VAL G 190 -3.09 27.00 -12.32
CA VAL G 190 -3.26 28.21 -13.18
C VAL G 190 -4.56 28.06 -13.97
N SER G 191 -4.87 26.85 -14.43
CA SER G 191 -6.15 26.61 -15.16
C SER G 191 -7.31 26.89 -14.21
N LYS G 192 -7.19 26.48 -12.95
CA LYS G 192 -8.27 26.66 -11.96
C LYS G 192 -8.53 28.15 -11.75
N ILE G 193 -7.49 28.97 -11.76
CA ILE G 193 -7.70 30.41 -11.44
C ILE G 193 -8.69 30.97 -12.47
N ALA G 194 -8.51 30.61 -13.74
CA ALA G 194 -9.40 31.21 -14.77
C ALA G 194 -10.86 30.78 -14.56
N LYS G 195 -11.09 29.50 -14.25
CA LYS G 195 -12.48 28.99 -14.11
C LYS G 195 -13.16 29.66 -12.91
N TYR G 196 -12.44 29.82 -11.80
CA TYR G 196 -13.02 30.44 -10.59
C TYR G 196 -12.17 31.66 -10.22
N PRO G 197 -12.40 32.84 -10.81
CA PRO G 197 -11.56 34.00 -10.55
C PRO G 197 -11.60 34.52 -9.12
N HIS G 198 -12.79 34.53 -8.50
CA HIS G 198 -12.96 35.15 -7.16
C HIS G 198 -12.15 34.48 -6.04
N VAL G 199 -12.02 33.16 -6.03
CA VAL G 199 -11.35 32.52 -4.86
C VAL G 199 -9.91 33.02 -4.80
N GLU G 200 -9.53 33.67 -3.70
CA GLU G 200 -8.16 34.20 -3.51
C GLU G 200 -7.18 33.05 -3.29
N ASP G 201 -7.62 31.99 -2.62
CA ASP G 201 -6.68 30.91 -2.25
C ASP G 201 -6.01 30.30 -3.49
N TYR G 202 -6.76 30.16 -4.59
CA TYR G 202 -6.18 29.58 -5.82
C TYR G 202 -5.03 30.48 -6.28
N ARG G 203 -5.19 31.80 -6.22
CA ARG G 203 -4.07 32.72 -6.57
C ARG G 203 -2.93 32.49 -5.58
N ARG G 204 -3.24 32.31 -4.30
CA ARG G 204 -2.18 32.12 -3.27
C ARG G 204 -1.43 30.80 -3.52
N THR G 205 -2.11 29.74 -3.93
CA THR G 205 -1.40 28.45 -4.08
C THR G 205 -0.33 28.55 -5.17
N VAL G 206 -0.62 29.23 -6.28
CA VAL G 206 0.37 29.31 -7.40
C VAL G 206 1.62 30.03 -6.91
N THR G 207 1.48 31.07 -6.09
CA THR G 207 2.69 31.75 -5.53
C THR G 207 3.46 30.77 -4.64
N GLU G 208 2.77 29.98 -3.84
CA GLU G 208 3.43 29.02 -2.92
C GLU G 208 4.22 27.97 -3.73
N ILE G 209 3.64 27.46 -4.82
CA ILE G 209 4.32 26.39 -5.62
C ILE G 209 5.62 26.96 -6.21
N ASP G 210 5.61 28.21 -6.66
CA ASP G 210 6.86 28.82 -7.17
C ASP G 210 7.91 28.88 -6.05
N GLU G 211 7.54 29.32 -4.85
CA GLU G 211 8.55 29.46 -3.76
C GLU G 211 9.09 28.08 -3.38
N LYS G 212 8.22 27.06 -3.30
CA LYS G 212 8.67 25.73 -2.87
C LYS G 212 9.69 25.19 -3.87
N GLU G 213 9.45 25.43 -5.15
CA GLU G 213 10.38 24.91 -6.19
C GLU G 213 11.76 25.55 -6.00
N TYR G 214 11.82 26.83 -5.66
CA TYR G 214 13.15 27.50 -5.56
C TYR G 214 13.98 26.83 -4.48
N ILE G 215 13.39 26.55 -3.32
CA ILE G 215 14.13 25.88 -2.21
C ILE G 215 14.52 24.48 -2.69
N SER G 216 13.62 23.80 -3.39
CA SER G 216 13.89 22.42 -3.87
C SER G 216 15.04 22.39 -4.88
N LEU G 217 15.09 23.32 -5.83
CA LEU G 217 16.13 23.26 -6.89
C LEU G 217 17.51 23.44 -6.24
N ARG G 218 17.62 24.36 -5.27
CA ARG G 218 18.92 24.59 -4.57
C ARG G 218 19.30 23.30 -3.83
N LEU G 219 18.33 22.62 -3.24
CA LEU G 219 18.60 21.34 -2.52
C LEU G 219 19.15 20.31 -3.52
N ILE G 220 18.61 20.26 -4.75
CA ILE G 220 19.12 19.29 -5.77
C ILE G 220 20.58 19.61 -6.08
N ILE G 221 20.92 20.88 -6.30
CA ILE G 221 22.32 21.20 -6.71
C ILE G 221 23.27 20.83 -5.56
N SER G 222 22.89 21.17 -4.34
CA SER G 222 23.73 20.84 -3.16
C SER G 222 23.86 19.32 -3.02
N GLU G 223 22.75 18.60 -3.21
CA GLU G 223 22.76 17.13 -3.06
C GLU G 223 23.65 16.48 -4.14
N LEU G 224 23.60 16.98 -5.38
CA LEU G 224 24.47 16.41 -6.45
C LEU G 224 25.94 16.64 -6.07
N ARG G 225 26.28 17.83 -5.54
CA ARG G 225 27.67 18.13 -5.12
C ARG G 225 28.04 17.15 -3.99
N ASN G 226 27.10 16.88 -3.09
CA ASN G 226 27.35 15.93 -1.98
C ASN G 226 27.64 14.54 -2.56
N GLN G 227 26.89 14.13 -3.58
CA GLN G 227 27.08 12.78 -4.14
C GLN G 227 28.49 12.67 -4.72
N TYR G 228 28.97 13.69 -5.42
CA TYR G 228 30.29 13.54 -6.10
C TYR G 228 31.38 13.30 -5.08
N VAL G 229 31.41 14.10 -4.01
CA VAL G 229 32.52 13.94 -3.00
C VAL G 229 32.37 12.58 -2.31
N THR G 230 31.14 12.20 -1.95
CA THR G 230 30.92 10.93 -1.22
C THR G 230 31.31 9.75 -2.12
N LEU G 231 30.89 9.78 -3.38
CA LEU G 231 31.19 8.65 -4.30
C LEU G 231 32.70 8.58 -4.53
N HIS G 232 33.33 9.72 -4.83
CA HIS G 232 34.79 9.73 -5.09
C HIS G 232 35.48 9.04 -3.92
N ASP G 233 35.23 9.50 -2.70
CA ASP G 233 35.95 8.94 -1.53
C ASP G 233 35.61 7.46 -1.36
N MET G 234 34.34 7.08 -1.48
CA MET G 234 33.95 5.68 -1.21
C MET G 234 34.60 4.74 -2.23
N ILE G 235 34.52 5.08 -3.52
CA ILE G 235 35.03 4.14 -4.56
C ILE G 235 36.54 3.98 -4.37
N LEU G 236 37.26 5.08 -4.08
CA LEU G 236 38.74 4.99 -3.96
C LEU G 236 39.12 4.07 -2.80
N LYS G 237 38.46 4.23 -1.65
CA LYS G 237 38.78 3.39 -0.47
C LYS G 237 38.39 1.94 -0.75
N ASN G 238 37.20 1.73 -1.31
CA ASN G 238 36.68 0.35 -1.54
C ASN G 238 37.49 -0.39 -2.62
N ILE G 239 37.93 0.30 -3.67
CA ILE G 239 38.55 -0.43 -4.82
C ILE G 239 39.78 -1.21 -4.34
N GLU G 240 40.57 -0.66 -3.42
CA GLU G 240 41.80 -1.40 -3.03
C GLU G 240 41.39 -2.75 -2.44
N LYS G 241 40.39 -2.75 -1.56
CA LYS G 241 39.90 -4.01 -0.94
C LYS G 241 39.28 -4.91 -2.01
N ILE G 242 38.48 -4.34 -2.91
CA ILE G 242 37.78 -5.17 -3.94
C ILE G 242 38.83 -5.84 -4.82
N LYS G 243 39.87 -5.10 -5.21
CA LYS G 243 40.88 -5.66 -6.14
C LYS G 243 41.56 -6.85 -5.47
N ARG G 244 41.87 -6.72 -4.18
CA ARG G 244 42.55 -7.82 -3.45
C ARG G 244 41.50 -8.70 -2.76
#